data_5V27
# 
_entry.id   5V27 
# 
_audit_conform.dict_name       mmcif_pdbx.dic 
_audit_conform.dict_version    5.379 
_audit_conform.dict_location   http://mmcif.pdb.org/dictionaries/ascii/mmcif_pdbx.dic 
# 
loop_
_database_2.database_id 
_database_2.database_code 
_database_2.pdbx_database_accession 
_database_2.pdbx_DOI 
PDB   5V27         pdb_00005v27 10.2210/pdb5v27/pdb 
WWPDB D_1000226761 ?            ?                   
# 
loop_
_pdbx_database_related.content_type 
_pdbx_database_related.db_id 
_pdbx_database_related.db_name 
_pdbx_database_related.details 
unspecified 5V28 PDB . 
unspecified 5V26 PDB . 
# 
_pdbx_database_status.status_code                     REL 
_pdbx_database_status.status_code_sf                  REL 
_pdbx_database_status.status_code_mr                  ? 
_pdbx_database_status.entry_id                        5V27 
_pdbx_database_status.recvd_initial_deposition_date   2017-03-02 
_pdbx_database_status.SG_entry                        N 
_pdbx_database_status.deposit_site                    RCSB 
_pdbx_database_status.process_site                    RCSB 
_pdbx_database_status.status_code_cs                  ? 
_pdbx_database_status.methods_development_category    ? 
_pdbx_database_status.pdb_format_compatible           Y 
_pdbx_database_status.status_code_nmr_data            ? 
# 
loop_
_audit_author.name 
_audit_author.pdbx_ordinal 
_audit_author.identifier_ORCID 
'Dornevil, K.' 1 ? 
'Liu, F.'      2 ? 
'Liu, A.'      3 ? 
# 
_citation.abstract                  ? 
_citation.abstract_id_CAS           ? 
_citation.book_id_ISBN              ? 
_citation.book_publisher            ? 
_citation.book_publisher_city       ? 
_citation.book_title                ? 
_citation.coordinate_linkage        ? 
_citation.country                   ? 
_citation.database_id_Medline       ? 
_citation.details                   ? 
_citation.id                        primary 
_citation.journal_abbrev            'To Be Published' 
_citation.journal_id_ASTM           ? 
_citation.journal_id_CSD            0353 
_citation.journal_id_ISSN           ? 
_citation.journal_full              ? 
_citation.journal_issue             ? 
_citation.journal_volume            ? 
_citation.language                  ? 
_citation.page_first                ? 
_citation.page_last                 ? 
_citation.title                     
'2.35 angstrom crystal structure of P97V 3-hydroxyanthranilate-3,4-dioxygenase from Cupriavidus metallidurans' 
_citation.year                      ? 
_citation.database_id_CSD           ? 
_citation.pdbx_database_id_DOI      ? 
_citation.pdbx_database_id_PubMed   ? 
_citation.unpublished_flag          ? 
# 
loop_
_citation_author.citation_id 
_citation_author.name 
_citation_author.ordinal 
_citation_author.identifier_ORCID 
primary 'Dornevil, K.' 1 ? 
primary 'Liu, F.'      2 ? 
primary 'Liu, A.'      3 ? 
# 
_cell.angle_alpha                  90.000 
_cell.angle_alpha_esd              ? 
_cell.angle_beta                   90.000 
_cell.angle_beta_esd               ? 
_cell.angle_gamma                  120.000 
_cell.angle_gamma_esd              ? 
_cell.entry_id                     5V27 
_cell.details                      ? 
_cell.formula_units_Z              ? 
_cell.length_a                     58.032 
_cell.length_a_esd                 ? 
_cell.length_b                     58.032 
_cell.length_b_esd                 ? 
_cell.length_c                     231.868 
_cell.length_c_esd                 ? 
_cell.volume                       ? 
_cell.volume_esd                   ? 
_cell.Z_PDB                        12 
_cell.reciprocal_angle_alpha       ? 
_cell.reciprocal_angle_beta        ? 
_cell.reciprocal_angle_gamma       ? 
_cell.reciprocal_angle_alpha_esd   ? 
_cell.reciprocal_angle_beta_esd    ? 
_cell.reciprocal_angle_gamma_esd   ? 
_cell.reciprocal_length_a          ? 
_cell.reciprocal_length_b          ? 
_cell.reciprocal_length_c          ? 
_cell.reciprocal_length_a_esd      ? 
_cell.reciprocal_length_b_esd      ? 
_cell.reciprocal_length_c_esd      ? 
_cell.pdbx_unique_axis             ? 
# 
_symmetry.entry_id                         5V27 
_symmetry.cell_setting                     ? 
_symmetry.Int_Tables_number                179 
_symmetry.space_group_name_Hall            ? 
_symmetry.space_group_name_H-M             'P 65 2 2' 
_symmetry.pdbx_full_space_group_name_H-M   ? 
# 
loop_
_entity.id 
_entity.type 
_entity.src_method 
_entity.pdbx_description 
_entity.formula_weight 
_entity.pdbx_number_of_molecules 
_entity.pdbx_ec 
_entity.pdbx_mutation 
_entity.pdbx_fragment 
_entity.details 
1 polymer     man '3-hydroxyanthranilate 3,4-dioxygenase'  23081.930 1  1.13.11.6 ? ? ? 
2 non-polymer syn 'FE (II) ION'                            55.845    2  ?         ? ? ? 
3 non-polymer syn 2-AMINO-2-HYDROXYMETHYL-PROPANE-1,3-DIOL 122.143   1  ?         ? ? ? 
4 water       nat water                                    18.015    15 ?         ? ? ? 
# 
_entity_name_com.entity_id   1 
_entity_name_com.name        '3-hydroxyanthranilate oxygenase,3-HAO,3-hydroxyanthranilic acid dioxygenase,HAD' 
# 
_entity_poly.entity_id                      1 
_entity_poly.type                           'polypeptide(L)' 
_entity_poly.nstd_linkage                   no 
_entity_poly.nstd_monomer                   no 
_entity_poly.pdbx_seq_one_letter_code       
;MGSSHHHHHHSSGLVPRGSENLYFQGHMLTYGAPFNFPRWIDEHAHLLKPPVGNRQVWQDSDFIVTVVGGPNHRTDYHDD
PLEEFFYQLRGNAYLNLWVDGRRERADLKEGDIFLLPPHVRHSVQRPEAGSACLVIERQRPAGMLDGFEWYCDACGHLVH
RVEVQLKSIVTDLPPLFESFYASEDKRRCPHCGQVHPGRAA
;
_entity_poly.pdbx_seq_one_letter_code_can   
;MGSSHHHHHHSSGLVPRGSENLYFQGHMLTYGAPFNFPRWIDEHAHLLKPPVGNRQVWQDSDFIVTVVGGPNHRTDYHDD
PLEEFFYQLRGNAYLNLWVDGRRERADLKEGDIFLLPPHVRHSVQRPEAGSACLVIERQRPAGMLDGFEWYCDACGHLVH
RVEVQLKSIVTDLPPLFESFYASEDKRRCPHCGQVHPGRAA
;
_entity_poly.pdbx_strand_id                 A 
_entity_poly.pdbx_target_identifier         ? 
# 
loop_
_entity_poly_seq.entity_id 
_entity_poly_seq.num 
_entity_poly_seq.mon_id 
_entity_poly_seq.hetero 
1 1   MET n 
1 2   GLY n 
1 3   SER n 
1 4   SER n 
1 5   HIS n 
1 6   HIS n 
1 7   HIS n 
1 8   HIS n 
1 9   HIS n 
1 10  HIS n 
1 11  SER n 
1 12  SER n 
1 13  GLY n 
1 14  LEU n 
1 15  VAL n 
1 16  PRO n 
1 17  ARG n 
1 18  GLY n 
1 19  SER n 
1 20  GLU n 
1 21  ASN n 
1 22  LEU n 
1 23  TYR n 
1 24  PHE n 
1 25  GLN n 
1 26  GLY n 
1 27  HIS n 
1 28  MET n 
1 29  LEU n 
1 30  THR n 
1 31  TYR n 
1 32  GLY n 
1 33  ALA n 
1 34  PRO n 
1 35  PHE n 
1 36  ASN n 
1 37  PHE n 
1 38  PRO n 
1 39  ARG n 
1 40  TRP n 
1 41  ILE n 
1 42  ASP n 
1 43  GLU n 
1 44  HIS n 
1 45  ALA n 
1 46  HIS n 
1 47  LEU n 
1 48  LEU n 
1 49  LYS n 
1 50  PRO n 
1 51  PRO n 
1 52  VAL n 
1 53  GLY n 
1 54  ASN n 
1 55  ARG n 
1 56  GLN n 
1 57  VAL n 
1 58  TRP n 
1 59  GLN n 
1 60  ASP n 
1 61  SER n 
1 62  ASP n 
1 63  PHE n 
1 64  ILE n 
1 65  VAL n 
1 66  THR n 
1 67  VAL n 
1 68  VAL n 
1 69  GLY n 
1 70  GLY n 
1 71  PRO n 
1 72  ASN n 
1 73  HIS n 
1 74  ARG n 
1 75  THR n 
1 76  ASP n 
1 77  TYR n 
1 78  HIS n 
1 79  ASP n 
1 80  ASP n 
1 81  PRO n 
1 82  LEU n 
1 83  GLU n 
1 84  GLU n 
1 85  PHE n 
1 86  PHE n 
1 87  TYR n 
1 88  GLN n 
1 89  LEU n 
1 90  ARG n 
1 91  GLY n 
1 92  ASN n 
1 93  ALA n 
1 94  TYR n 
1 95  LEU n 
1 96  ASN n 
1 97  LEU n 
1 98  TRP n 
1 99  VAL n 
1 100 ASP n 
1 101 GLY n 
1 102 ARG n 
1 103 ARG n 
1 104 GLU n 
1 105 ARG n 
1 106 ALA n 
1 107 ASP n 
1 108 LEU n 
1 109 LYS n 
1 110 GLU n 
1 111 GLY n 
1 112 ASP n 
1 113 ILE n 
1 114 PHE n 
1 115 LEU n 
1 116 LEU n 
1 117 PRO n 
1 118 PRO n 
1 119 HIS n 
1 120 VAL n 
1 121 ARG n 
1 122 HIS n 
1 123 SER n 
1 124 VAL n 
1 125 GLN n 
1 126 ARG n 
1 127 PRO n 
1 128 GLU n 
1 129 ALA n 
1 130 GLY n 
1 131 SER n 
1 132 ALA n 
1 133 CYS n 
1 134 LEU n 
1 135 VAL n 
1 136 ILE n 
1 137 GLU n 
1 138 ARG n 
1 139 GLN n 
1 140 ARG n 
1 141 PRO n 
1 142 ALA n 
1 143 GLY n 
1 144 MET n 
1 145 LEU n 
1 146 ASP n 
1 147 GLY n 
1 148 PHE n 
1 149 GLU n 
1 150 TRP n 
1 151 TYR n 
1 152 CYS n 
1 153 ASP n 
1 154 ALA n 
1 155 CYS n 
1 156 GLY n 
1 157 HIS n 
1 158 LEU n 
1 159 VAL n 
1 160 HIS n 
1 161 ARG n 
1 162 VAL n 
1 163 GLU n 
1 164 VAL n 
1 165 GLN n 
1 166 LEU n 
1 167 LYS n 
1 168 SER n 
1 169 ILE n 
1 170 VAL n 
1 171 THR n 
1 172 ASP n 
1 173 LEU n 
1 174 PRO n 
1 175 PRO n 
1 176 LEU n 
1 177 PHE n 
1 178 GLU n 
1 179 SER n 
1 180 PHE n 
1 181 TYR n 
1 182 ALA n 
1 183 SER n 
1 184 GLU n 
1 185 ASP n 
1 186 LYS n 
1 187 ARG n 
1 188 ARG n 
1 189 CYS n 
1 190 PRO n 
1 191 HIS n 
1 192 CYS n 
1 193 GLY n 
1 194 GLN n 
1 195 VAL n 
1 196 HIS n 
1 197 PRO n 
1 198 GLY n 
1 199 ARG n 
1 200 ALA n 
1 201 ALA n 
# 
_entity_src_gen.entity_id                          1 
_entity_src_gen.pdbx_src_id                        1 
_entity_src_gen.pdbx_alt_source_flag               sample 
_entity_src_gen.pdbx_seq_type                      'Biological sequence' 
_entity_src_gen.pdbx_beg_seq_num                   1 
_entity_src_gen.pdbx_end_seq_num                   201 
_entity_src_gen.gene_src_common_name               ? 
_entity_src_gen.gene_src_genus                     ? 
_entity_src_gen.pdbx_gene_src_gene                 'nbaC, Rmet_5193' 
_entity_src_gen.gene_src_species                   ? 
_entity_src_gen.gene_src_strain                    'ATCC 43123 / DSM 2839 / NBRC 102507 / CH34' 
_entity_src_gen.gene_src_tissue                    ? 
_entity_src_gen.gene_src_tissue_fraction           ? 
_entity_src_gen.gene_src_details                   ? 
_entity_src_gen.pdbx_gene_src_fragment             ? 
_entity_src_gen.pdbx_gene_src_scientific_name      'Cupriavidus metallidurans (strain ATCC 43123 / DSM 2839 / NBRC 102507 / CH34)' 
_entity_src_gen.pdbx_gene_src_ncbi_taxonomy_id     266264 
_entity_src_gen.pdbx_gene_src_variant              ? 
_entity_src_gen.pdbx_gene_src_cell_line            ? 
_entity_src_gen.pdbx_gene_src_atcc                 ? 
_entity_src_gen.pdbx_gene_src_organ                ? 
_entity_src_gen.pdbx_gene_src_organelle            ? 
_entity_src_gen.pdbx_gene_src_cell                 ? 
_entity_src_gen.pdbx_gene_src_cellular_location    ? 
_entity_src_gen.host_org_common_name               ? 
_entity_src_gen.pdbx_host_org_scientific_name      'Escherichia coli' 
_entity_src_gen.pdbx_host_org_ncbi_taxonomy_id     562 
_entity_src_gen.host_org_genus                     ? 
_entity_src_gen.pdbx_host_org_gene                 ? 
_entity_src_gen.pdbx_host_org_organ                ? 
_entity_src_gen.host_org_species                   ? 
_entity_src_gen.pdbx_host_org_tissue               ? 
_entity_src_gen.pdbx_host_org_tissue_fraction      ? 
_entity_src_gen.pdbx_host_org_strain               ? 
_entity_src_gen.pdbx_host_org_variant              ? 
_entity_src_gen.pdbx_host_org_cell_line            ? 
_entity_src_gen.pdbx_host_org_atcc                 ? 
_entity_src_gen.pdbx_host_org_culture_collection   ? 
_entity_src_gen.pdbx_host_org_cell                 ? 
_entity_src_gen.pdbx_host_org_organelle            ? 
_entity_src_gen.pdbx_host_org_cellular_location    ? 
_entity_src_gen.pdbx_host_org_vector_type          ? 
_entity_src_gen.pdbx_host_org_vector               ? 
_entity_src_gen.host_org_details                   ? 
_entity_src_gen.expression_system_id               ? 
_entity_src_gen.plasmid_name                       ? 
_entity_src_gen.plasmid_details                    ? 
_entity_src_gen.pdbx_description                   ? 
# 
_struct_ref.id                         1 
_struct_ref.db_name                    UNP 
_struct_ref.db_code                    3HAO_CUPMC 
_struct_ref.pdbx_db_accession          Q1LCS4 
_struct_ref.pdbx_db_isoform            ? 
_struct_ref.entity_id                  1 
_struct_ref.pdbx_seq_one_letter_code   
;MLTYGAPFNFPRWIDEHAHLLKPPVGNRQVWQDSDFIVTVVGGPNHRTDYHDDPLEEFFYQLRGNAYLNLWVDGRRERAD
LKEGDIFLLPPHVRHSPQRPEAGSACLVIERQRPAGMLDGFEWYCDACGHLVHRVEVQLKSIVTDLPPLFESFYASEDKR
RCPHCGQVHPGRAA
;
_struct_ref.pdbx_align_begin           1 
# 
_struct_ref_seq.align_id                      1 
_struct_ref_seq.ref_id                        1 
_struct_ref_seq.pdbx_PDB_id_code              5V27 
_struct_ref_seq.pdbx_strand_id                A 
_struct_ref_seq.seq_align_beg                 28 
_struct_ref_seq.pdbx_seq_align_beg_ins_code   ? 
_struct_ref_seq.seq_align_end                 201 
_struct_ref_seq.pdbx_seq_align_end_ins_code   ? 
_struct_ref_seq.pdbx_db_accession             Q1LCS4 
_struct_ref_seq.db_align_beg                  1 
_struct_ref_seq.pdbx_db_align_beg_ins_code    ? 
_struct_ref_seq.db_align_end                  174 
_struct_ref_seq.pdbx_db_align_end_ins_code    ? 
_struct_ref_seq.pdbx_auth_seq_align_beg       1 
_struct_ref_seq.pdbx_auth_seq_align_end       174 
# 
loop_
_struct_ref_seq_dif.align_id 
_struct_ref_seq_dif.pdbx_pdb_id_code 
_struct_ref_seq_dif.mon_id 
_struct_ref_seq_dif.pdbx_pdb_strand_id 
_struct_ref_seq_dif.seq_num 
_struct_ref_seq_dif.pdbx_pdb_ins_code 
_struct_ref_seq_dif.pdbx_seq_db_name 
_struct_ref_seq_dif.pdbx_seq_db_accession_code 
_struct_ref_seq_dif.db_mon_id 
_struct_ref_seq_dif.pdbx_seq_db_seq_num 
_struct_ref_seq_dif.details 
_struct_ref_seq_dif.pdbx_auth_seq_num 
_struct_ref_seq_dif.pdbx_ordinal 
1 5V27 MET A 1   ? UNP Q1LCS4 ?   ?  'initiating methionine' -26 1  
1 5V27 GLY A 2   ? UNP Q1LCS4 ?   ?  'expression tag'        -25 2  
1 5V27 SER A 3   ? UNP Q1LCS4 ?   ?  'expression tag'        -24 3  
1 5V27 SER A 4   ? UNP Q1LCS4 ?   ?  'expression tag'        -23 4  
1 5V27 HIS A 5   ? UNP Q1LCS4 ?   ?  'expression tag'        -22 5  
1 5V27 HIS A 6   ? UNP Q1LCS4 ?   ?  'expression tag'        -21 6  
1 5V27 HIS A 7   ? UNP Q1LCS4 ?   ?  'expression tag'        -20 7  
1 5V27 HIS A 8   ? UNP Q1LCS4 ?   ?  'expression tag'        -19 8  
1 5V27 HIS A 9   ? UNP Q1LCS4 ?   ?  'expression tag'        -18 9  
1 5V27 HIS A 10  ? UNP Q1LCS4 ?   ?  'expression tag'        -17 10 
1 5V27 SER A 11  ? UNP Q1LCS4 ?   ?  'expression tag'        -16 11 
1 5V27 SER A 12  ? UNP Q1LCS4 ?   ?  'expression tag'        -15 12 
1 5V27 GLY A 13  ? UNP Q1LCS4 ?   ?  'expression tag'        -14 13 
1 5V27 LEU A 14  ? UNP Q1LCS4 ?   ?  'expression tag'        -13 14 
1 5V27 VAL A 15  ? UNP Q1LCS4 ?   ?  'expression tag'        -12 15 
1 5V27 PRO A 16  ? UNP Q1LCS4 ?   ?  'expression tag'        -11 16 
1 5V27 ARG A 17  ? UNP Q1LCS4 ?   ?  'expression tag'        -10 17 
1 5V27 GLY A 18  ? UNP Q1LCS4 ?   ?  'expression tag'        -9  18 
1 5V27 SER A 19  ? UNP Q1LCS4 ?   ?  'expression tag'        -8  19 
1 5V27 GLU A 20  ? UNP Q1LCS4 ?   ?  'expression tag'        -7  20 
1 5V27 ASN A 21  ? UNP Q1LCS4 ?   ?  'expression tag'        -6  21 
1 5V27 LEU A 22  ? UNP Q1LCS4 ?   ?  'expression tag'        -5  22 
1 5V27 TYR A 23  ? UNP Q1LCS4 ?   ?  'expression tag'        -4  23 
1 5V27 PHE A 24  ? UNP Q1LCS4 ?   ?  'expression tag'        -3  24 
1 5V27 GLN A 25  ? UNP Q1LCS4 ?   ?  'expression tag'        -2  25 
1 5V27 GLY A 26  ? UNP Q1LCS4 ?   ?  'expression tag'        -1  26 
1 5V27 HIS A 27  ? UNP Q1LCS4 ?   ?  'expression tag'        0   27 
1 5V27 VAL A 124 ? UNP Q1LCS4 PRO 97 'engineered mutation'   97  28 
# 
loop_
_chem_comp.id 
_chem_comp.type 
_chem_comp.mon_nstd_flag 
_chem_comp.name 
_chem_comp.pdbx_synonyms 
_chem_comp.formula 
_chem_comp.formula_weight 
ALA 'L-peptide linking' y ALANINE                                  ?             'C3 H7 N O2'     89.093  
ARG 'L-peptide linking' y ARGININE                                 ?             'C6 H15 N4 O2 1' 175.209 
ASN 'L-peptide linking' y ASPARAGINE                               ?             'C4 H8 N2 O3'    132.118 
ASP 'L-peptide linking' y 'ASPARTIC ACID'                          ?             'C4 H7 N O4'     133.103 
CYS 'L-peptide linking' y CYSTEINE                                 ?             'C3 H7 N O2 S'   121.158 
FE2 non-polymer         . 'FE (II) ION'                            ?             'Fe 2'           55.845  
GLN 'L-peptide linking' y GLUTAMINE                                ?             'C5 H10 N2 O3'   146.144 
GLU 'L-peptide linking' y 'GLUTAMIC ACID'                          ?             'C5 H9 N O4'     147.129 
GLY 'peptide linking'   y GLYCINE                                  ?             'C2 H5 N O2'     75.067  
HIS 'L-peptide linking' y HISTIDINE                                ?             'C6 H10 N3 O2 1' 156.162 
HOH non-polymer         . WATER                                    ?             'H2 O'           18.015  
ILE 'L-peptide linking' y ISOLEUCINE                               ?             'C6 H13 N O2'    131.173 
LEU 'L-peptide linking' y LEUCINE                                  ?             'C6 H13 N O2'    131.173 
LYS 'L-peptide linking' y LYSINE                                   ?             'C6 H15 N2 O2 1' 147.195 
MET 'L-peptide linking' y METHIONINE                               ?             'C5 H11 N O2 S'  149.211 
PHE 'L-peptide linking' y PHENYLALANINE                            ?             'C9 H11 N O2'    165.189 
PRO 'L-peptide linking' y PROLINE                                  ?             'C5 H9 N O2'     115.130 
SER 'L-peptide linking' y SERINE                                   ?             'C3 H7 N O3'     105.093 
THR 'L-peptide linking' y THREONINE                                ?             'C4 H9 N O3'     119.119 
TRP 'L-peptide linking' y TRYPTOPHAN                               ?             'C11 H12 N2 O2'  204.225 
TRS non-polymer         . 2-AMINO-2-HYDROXYMETHYL-PROPANE-1,3-DIOL 'TRIS BUFFER' 'C4 H12 N O3 1'  122.143 
TYR 'L-peptide linking' y TYROSINE                                 ?             'C9 H11 N O3'    181.189 
VAL 'L-peptide linking' y VALINE                                   ?             'C5 H11 N O2'    117.146 
# 
_exptl.absorpt_coefficient_mu     ? 
_exptl.absorpt_correction_T_max   ? 
_exptl.absorpt_correction_T_min   ? 
_exptl.absorpt_correction_type    ? 
_exptl.absorpt_process_details    ? 
_exptl.entry_id                   5V27 
_exptl.crystals_number            1 
_exptl.details                    ? 
_exptl.method                     'X-RAY DIFFRACTION' 
_exptl.method_details             ? 
# 
_exptl_crystal.colour                      ? 
_exptl_crystal.density_diffrn              ? 
_exptl_crystal.density_Matthews            2.44 
_exptl_crystal.density_method              ? 
_exptl_crystal.density_percent_sol         49.62 
_exptl_crystal.description                 ? 
_exptl_crystal.F_000                       ? 
_exptl_crystal.id                          1 
_exptl_crystal.preparation                 ? 
_exptl_crystal.size_max                    ? 
_exptl_crystal.size_mid                    ? 
_exptl_crystal.size_min                    ? 
_exptl_crystal.size_rad                    ? 
_exptl_crystal.colour_lustre               ? 
_exptl_crystal.colour_modifier             ? 
_exptl_crystal.colour_primary              ? 
_exptl_crystal.density_meas                ? 
_exptl_crystal.density_meas_esd            ? 
_exptl_crystal.density_meas_gt             ? 
_exptl_crystal.density_meas_lt             ? 
_exptl_crystal.density_meas_temp           ? 
_exptl_crystal.density_meas_temp_esd       ? 
_exptl_crystal.density_meas_temp_gt        ? 
_exptl_crystal.density_meas_temp_lt        ? 
_exptl_crystal.pdbx_crystal_image_url      ? 
_exptl_crystal.pdbx_crystal_image_format   ? 
_exptl_crystal.pdbx_mosaicity              ? 
_exptl_crystal.pdbx_mosaicity_esd          ? 
# 
_exptl_crystal_grow.apparatus       ? 
_exptl_crystal_grow.atmosphere      ? 
_exptl_crystal_grow.crystal_id      1 
_exptl_crystal_grow.details         ? 
_exptl_crystal_grow.method          'VAPOR DIFFUSION, HANGING DROP' 
_exptl_crystal_grow.method_ref      ? 
_exptl_crystal_grow.pH              8.0 
_exptl_crystal_grow.pressure        ? 
_exptl_crystal_grow.pressure_esd    ? 
_exptl_crystal_grow.seeding         ? 
_exptl_crystal_grow.seeding_ref     ? 
_exptl_crystal_grow.temp            289 
_exptl_crystal_grow.temp_details    ? 
_exptl_crystal_grow.temp_esd        ? 
_exptl_crystal_grow.time            ? 
_exptl_crystal_grow.pdbx_details    '100 mM Tris-HCl, 200 mM MgCl2, 20% PEG 8000, and 1 mM DTT, pH 8.0' 
_exptl_crystal_grow.pdbx_pH_range   ? 
# 
_diffrn.ambient_environment    ? 
_diffrn.ambient_temp           100 
_diffrn.ambient_temp_details   ? 
_diffrn.ambient_temp_esd       ? 
_diffrn.crystal_id             1 
_diffrn.crystal_support        ? 
_diffrn.crystal_treatment      ? 
_diffrn.details                ? 
_diffrn.id                     1 
_diffrn.ambient_pressure       ? 
_diffrn.ambient_pressure_esd   ? 
_diffrn.ambient_pressure_gt    ? 
_diffrn.ambient_pressure_lt    ? 
_diffrn.ambient_temp_gt        ? 
_diffrn.ambient_temp_lt        ? 
# 
_diffrn_detector.details                      ? 
_diffrn_detector.detector                     'IMAGE PLATE' 
_diffrn_detector.diffrn_id                    1 
_diffrn_detector.type                         'MAR scanner 300 mm plate' 
_diffrn_detector.area_resol_mean              ? 
_diffrn_detector.dtime                        ? 
_diffrn_detector.pdbx_frames_total            ? 
_diffrn_detector.pdbx_collection_time_total   ? 
_diffrn_detector.pdbx_collection_date         2013-07-12 
# 
_diffrn_radiation.collimation                      ? 
_diffrn_radiation.diffrn_id                        1 
_diffrn_radiation.filter_edge                      ? 
_diffrn_radiation.inhomogeneity                    ? 
_diffrn_radiation.monochromator                    ? 
_diffrn_radiation.polarisn_norm                    ? 
_diffrn_radiation.polarisn_ratio                   ? 
_diffrn_radiation.probe                            ? 
_diffrn_radiation.type                             ? 
_diffrn_radiation.xray_symbol                      ? 
_diffrn_radiation.wavelength_id                    1 
_diffrn_radiation.pdbx_monochromatic_or_laue_m_l   M 
_diffrn_radiation.pdbx_wavelength_list             ? 
_diffrn_radiation.pdbx_wavelength                  ? 
_diffrn_radiation.pdbx_diffrn_protocol             'SINGLE WAVELENGTH' 
_diffrn_radiation.pdbx_analyzer                    ? 
_diffrn_radiation.pdbx_scattering_type             x-ray 
# 
_diffrn_radiation_wavelength.id           1 
_diffrn_radiation_wavelength.wavelength   1 
_diffrn_radiation_wavelength.wt           1.0 
# 
_diffrn_source.current                     ? 
_diffrn_source.details                     ? 
_diffrn_source.diffrn_id                   1 
_diffrn_source.power                       ? 
_diffrn_source.size                        ? 
_diffrn_source.source                      SYNCHROTRON 
_diffrn_source.target                      ? 
_diffrn_source.type                        'APS BEAMLINE 22-ID' 
_diffrn_source.voltage                     ? 
_diffrn_source.take-off_angle              ? 
_diffrn_source.pdbx_wavelength_list        1 
_diffrn_source.pdbx_wavelength             ? 
_diffrn_source.pdbx_synchrotron_beamline   22-ID 
_diffrn_source.pdbx_synchrotron_site       APS 
# 
_reflns.B_iso_Wilson_estimate            46.630 
_reflns.entry_id                         5V27 
_reflns.data_reduction_details           ? 
_reflns.data_reduction_method            ? 
_reflns.d_resolution_high                2.350 
_reflns.d_resolution_low                 50.000 
_reflns.details                          ? 
_reflns.limit_h_max                      ? 
_reflns.limit_h_min                      ? 
_reflns.limit_k_max                      ? 
_reflns.limit_k_min                      ? 
_reflns.limit_l_max                      ? 
_reflns.limit_l_min                      ? 
_reflns.number_all                       ? 
_reflns.number_obs                       10362 
_reflns.observed_criterion               ? 
_reflns.observed_criterion_F_max         ? 
_reflns.observed_criterion_F_min         ? 
_reflns.observed_criterion_I_max         ? 
_reflns.observed_criterion_I_min         ? 
_reflns.observed_criterion_sigma_F       ? 
_reflns.observed_criterion_sigma_I       ? 
_reflns.percent_possible_obs             98.700 
_reflns.R_free_details                   ? 
_reflns.Rmerge_F_all                     ? 
_reflns.Rmerge_F_obs                     ? 
_reflns.Friedel_coverage                 ? 
_reflns.number_gt                        ? 
_reflns.threshold_expression             ? 
_reflns.pdbx_redundancy                  27.600 
_reflns.pdbx_Rmerge_I_obs                0.126 
_reflns.pdbx_Rmerge_I_all                ? 
_reflns.pdbx_Rsym_value                  ? 
_reflns.pdbx_netI_over_av_sigmaI         ? 
_reflns.pdbx_netI_over_sigmaI            5.600 
_reflns.pdbx_res_netI_over_av_sigmaI_2   ? 
_reflns.pdbx_res_netI_over_sigmaI_2      ? 
_reflns.pdbx_chi_squared                 1.102 
_reflns.pdbx_scaling_rejects             ? 
_reflns.pdbx_d_res_high_opt              ? 
_reflns.pdbx_d_res_low_opt               ? 
_reflns.pdbx_d_res_opt_method            ? 
_reflns.phase_calculation_details        ? 
_reflns.pdbx_Rrim_I_all                  0.129 
_reflns.pdbx_Rpim_I_all                  0.026 
_reflns.pdbx_d_opt                       ? 
_reflns.pdbx_number_measured_all         ? 
_reflns.pdbx_diffrn_id                   1 
_reflns.pdbx_ordinal                     1 
_reflns.pdbx_CC_half                     ? 
_reflns.pdbx_R_split                     ? 
# 
loop_
_reflns_shell.d_res_high 
_reflns_shell.d_res_low 
_reflns_shell.meanI_over_sigI_all 
_reflns_shell.meanI_over_sigI_obs 
_reflns_shell.number_measured_all 
_reflns_shell.number_measured_obs 
_reflns_shell.number_possible 
_reflns_shell.number_unique_all 
_reflns_shell.number_unique_obs 
_reflns_shell.percent_possible_all 
_reflns_shell.percent_possible_obs 
_reflns_shell.Rmerge_F_all 
_reflns_shell.Rmerge_F_obs 
_reflns_shell.Rmerge_I_all 
_reflns_shell.Rmerge_I_obs 
_reflns_shell.meanI_over_sigI_gt 
_reflns_shell.meanI_over_uI_all 
_reflns_shell.meanI_over_uI_gt 
_reflns_shell.number_measured_gt 
_reflns_shell.number_unique_gt 
_reflns_shell.percent_possible_gt 
_reflns_shell.Rmerge_F_gt 
_reflns_shell.Rmerge_I_gt 
_reflns_shell.pdbx_redundancy 
_reflns_shell.pdbx_Rsym_value 
_reflns_shell.pdbx_chi_squared 
_reflns_shell.pdbx_netI_over_sigmaI_all 
_reflns_shell.pdbx_netI_over_sigmaI_obs 
_reflns_shell.pdbx_Rrim_I_all 
_reflns_shell.pdbx_Rpim_I_all 
_reflns_shell.pdbx_rejects 
_reflns_shell.pdbx_ordinal 
_reflns_shell.pdbx_diffrn_id 
_reflns_shell.pdbx_CC_half 
_reflns_shell.pdbx_R_split 
2.350 2.430  ? ? ? ? ? ? ? 100.000 ? ? ? ? 0.546 ? ? ? ? ? ? ? ? 24.800 ? 0.741 ? ? 0.556 0.106 ? 1  1 0.990 ? 
2.430 2.530  ? ? ? ? ? ? ? 100.000 ? ? ? ? 0.561 ? ? ? ? ? ? ? ? 30.100 ? 0.758 ? ? 0.571 0.103 ? 2  1 0.996 ? 
2.530 2.650  ? ? ? ? ? ? ? 100.000 ? ? ? ? 0.496 ? ? ? ? ? ? ? ? 33.500 ? 0.799 ? ? 0.504 0.087 ? 3  1 0.996 ? 
2.650 2.790  ? ? ? ? ? ? ? 99.900  ? ? ? ? 0.384 ? ? ? ? ? ? ? ? 33.400 ? 0.881 ? ? 0.390 0.068 ? 4  1 0.996 ? 
2.790 2.960  ? ? ? ? ? ? ? 99.900  ? ? ? ? 0.308 ? ? ? ? ? ? ? ? 32.500 ? 1.011 ? ? 0.313 0.055 ? 5  1 0.996 ? 
2.960 3.190  ? ? ? ? ? ? ? 99.300  ? ? ? ? 0.206 ? ? ? ? ? ? ? ? 30.600 ? 1.173 ? ? 0.210 0.039 ? 6  1 0.997 ? 
3.190 3.510  ? ? ? ? ? ? ? 98.800  ? ? ? ? 0.134 ? ? ? ? ? ? ? ? 27.300 ? 1.306 ? ? 0.137 0.027 ? 7  1 0.998 ? 
3.510 4.020  ? ? ? ? ? ? ? 96.600  ? ? ? ? 0.099 ? ? ? ? ? ? ? ? 24.500 ? 1.452 ? ? 0.102 0.022 ? 8  1 0.998 ? 
4.020 5.060  ? ? ? ? ? ? ? 95.200  ? ? ? ? 0.081 ? ? ? ? ? ? ? ? 19.200 ? 1.738 ? ? 0.084 0.020 ? 9  1 0.997 ? 
5.060 50.000 ? ? ? ? ? ? ? 98.000  ? ? ? ? 0.062 ? ? ? ? ? ? ? ? 21.300 ? 1.551 ? ? 0.064 0.014 ? 10 1 0.998 ? 
# 
_refine.aniso_B[1][1]                            ? 
_refine.aniso_B[1][2]                            ? 
_refine.aniso_B[1][3]                            ? 
_refine.aniso_B[2][2]                            ? 
_refine.aniso_B[2][3]                            ? 
_refine.aniso_B[3][3]                            ? 
_refine.B_iso_max                                91.460 
_refine.B_iso_mean                               56.5695 
_refine.B_iso_min                                34.670 
_refine.correlation_coeff_Fo_to_Fc               ? 
_refine.correlation_coeff_Fo_to_Fc_free          ? 
_refine.details                                  ? 
_refine.diff_density_max                         ? 
_refine.diff_density_max_esd                     ? 
_refine.diff_density_min                         ? 
_refine.diff_density_min_esd                     ? 
_refine.diff_density_rms                         ? 
_refine.diff_density_rms_esd                     ? 
_refine.entry_id                                 5V27 
_refine.pdbx_refine_id                           'X-RAY DIFFRACTION' 
_refine.ls_abs_structure_details                 ? 
_refine.ls_abs_structure_Flack                   ? 
_refine.ls_abs_structure_Flack_esd               ? 
_refine.ls_abs_structure_Rogers                  ? 
_refine.ls_abs_structure_Rogers_esd              ? 
_refine.ls_d_res_high                            2.3520 
_refine.ls_d_res_low                             37.9730 
_refine.ls_extinction_coef                       ? 
_refine.ls_extinction_coef_esd                   ? 
_refine.ls_extinction_expression                 ? 
_refine.ls_extinction_method                     ? 
_refine.ls_goodness_of_fit_all                   ? 
_refine.ls_goodness_of_fit_all_esd               ? 
_refine.ls_goodness_of_fit_obs                   ? 
_refine.ls_goodness_of_fit_obs_esd               ? 
_refine.ls_hydrogen_treatment                    ? 
_refine.ls_matrix_type                           ? 
_refine.ls_number_constraints                    ? 
_refine.ls_number_parameters                     ? 
_refine.ls_number_reflns_all                     ? 
_refine.ls_number_reflns_obs                     10246 
_refine.ls_number_reflns_R_free                  522 
_refine.ls_number_reflns_R_work                  9724 
_refine.ls_number_restraints                     ? 
_refine.ls_percent_reflns_obs                    98.3800 
_refine.ls_percent_reflns_R_free                 5.0900 
_refine.ls_R_factor_all                          ? 
_refine.ls_R_factor_obs                          0.2125 
_refine.ls_R_factor_R_free                       0.2744 
_refine.ls_R_factor_R_free_error                 ? 
_refine.ls_R_factor_R_free_error_details         ? 
_refine.ls_R_factor_R_work                       0.2093 
_refine.ls_R_Fsqd_factor_obs                     ? 
_refine.ls_R_I_factor_obs                        ? 
_refine.ls_redundancy_reflns_all                 ? 
_refine.ls_redundancy_reflns_obs                 ? 
_refine.ls_restrained_S_all                      ? 
_refine.ls_restrained_S_obs                      ? 
_refine.ls_shift_over_esd_max                    ? 
_refine.ls_shift_over_esd_mean                   ? 
_refine.ls_structure_factor_coef                 ? 
_refine.ls_weighting_details                     ? 
_refine.ls_weighting_scheme                      ? 
_refine.ls_wR_factor_all                         ? 
_refine.ls_wR_factor_obs                         ? 
_refine.ls_wR_factor_R_free                      ? 
_refine.ls_wR_factor_R_work                      ? 
_refine.occupancy_max                            ? 
_refine.occupancy_min                            ? 
_refine.solvent_model_details                    'FLAT BULK SOLVENT MODEL' 
_refine.solvent_model_param_bsol                 ? 
_refine.solvent_model_param_ksol                 ? 
_refine.ls_R_factor_gt                           ? 
_refine.ls_goodness_of_fit_gt                    ? 
_refine.ls_goodness_of_fit_ref                   ? 
_refine.ls_shift_over_su_max                     ? 
_refine.ls_shift_over_su_max_lt                  ? 
_refine.ls_shift_over_su_mean                    ? 
_refine.ls_shift_over_su_mean_lt                 ? 
_refine.pdbx_ls_sigma_I                          ? 
_refine.pdbx_ls_sigma_F                          1.340 
_refine.pdbx_ls_sigma_Fsqd                       ? 
_refine.pdbx_data_cutoff_high_absF               ? 
_refine.pdbx_data_cutoff_high_rms_absF           ? 
_refine.pdbx_data_cutoff_low_absF                ? 
_refine.pdbx_isotropic_thermal_model             ? 
_refine.pdbx_ls_cross_valid_method               'FREE R-VALUE' 
_refine.pdbx_method_to_determine_struct          'MOLECULAR REPLACEMENT' 
_refine.pdbx_starting_model                      1YFU 
_refine.pdbx_stereochemistry_target_values       ML 
_refine.pdbx_R_Free_selection_details            ? 
_refine.pdbx_stereochem_target_val_spec_case     ? 
_refine.pdbx_overall_ESU_R                       ? 
_refine.pdbx_overall_ESU_R_Free                  ? 
_refine.pdbx_solvent_vdw_probe_radii             1.1100 
_refine.pdbx_solvent_ion_probe_radii             ? 
_refine.pdbx_solvent_shrinkage_radii             0.9000 
_refine.pdbx_real_space_R                        ? 
_refine.pdbx_density_correlation                 ? 
_refine.pdbx_pd_number_of_powder_patterns        ? 
_refine.pdbx_pd_number_of_points                 ? 
_refine.pdbx_pd_meas_number_of_points            ? 
_refine.pdbx_pd_proc_ls_prof_R_factor            ? 
_refine.pdbx_pd_proc_ls_prof_wR_factor           ? 
_refine.pdbx_pd_Marquardt_correlation_coeff      ? 
_refine.pdbx_pd_Fsqrd_R_factor                   ? 
_refine.pdbx_pd_ls_matrix_band_width             ? 
_refine.pdbx_overall_phase_error                 30.8400 
_refine.pdbx_overall_SU_R_free_Cruickshank_DPI   ? 
_refine.pdbx_overall_SU_R_free_Blow_DPI          ? 
_refine.pdbx_overall_SU_R_Blow_DPI               ? 
_refine.pdbx_TLS_residual_ADP_flag               ? 
_refine.pdbx_diffrn_id                           1 
_refine.overall_SU_B                             ? 
_refine.overall_SU_ML                            0.2700 
_refine.overall_SU_R_Cruickshank_DPI             ? 
_refine.overall_SU_R_free                        ? 
_refine.overall_FOM_free_R_set                   ? 
_refine.overall_FOM_work_R_set                   ? 
_refine.pdbx_average_fsc_overall                 ? 
_refine.pdbx_average_fsc_work                    ? 
_refine.pdbx_average_fsc_free                    ? 
# 
_refine_hist.cycle_id                         final 
_refine_hist.pdbx_refine_id                   'X-RAY DIFFRACTION' 
_refine_hist.d_res_high                       2.3520 
_refine_hist.d_res_low                        37.9730 
_refine_hist.pdbx_number_atoms_ligand         22 
_refine_hist.number_atoms_solvent             15 
_refine_hist.number_atoms_total               1446 
_refine_hist.pdbx_number_residues_total       174 
_refine_hist.pdbx_B_iso_mean_ligand           71.73 
_refine_hist.pdbx_B_iso_mean_solvent          51.67 
_refine_hist.pdbx_number_atoms_protein        1409 
_refine_hist.pdbx_number_atoms_nucleic_acid   0 
# 
loop_
_refine_ls_restr.pdbx_refine_id 
_refine_ls_restr.criterion 
_refine_ls_restr.dev_ideal 
_refine_ls_restr.dev_ideal_target 
_refine_ls_restr.number 
_refine_ls_restr.rejects 
_refine_ls_restr.type 
_refine_ls_restr.weight 
_refine_ls_restr.pdbx_restraint_function 
'X-RAY DIFFRACTION' ? 0.007  ? 1462 ? f_bond_d           ? ? 
'X-RAY DIFFRACTION' ? 0.820  ? 1990 ? f_angle_d          ? ? 
'X-RAY DIFFRACTION' ? 0.050  ? 200  ? f_chiral_restr     ? ? 
'X-RAY DIFFRACTION' ? 0.006  ? 266  ? f_plane_restr      ? ? 
'X-RAY DIFFRACTION' ? 15.497 ? 858  ? f_dihedral_angle_d ? ? 
# 
loop_
_refine_ls_shell.pdbx_refine_id 
_refine_ls_shell.d_res_high 
_refine_ls_shell.d_res_low 
_refine_ls_shell.number_reflns_all 
_refine_ls_shell.number_reflns_obs 
_refine_ls_shell.number_reflns_R_free 
_refine_ls_shell.number_reflns_R_work 
_refine_ls_shell.percent_reflns_obs 
_refine_ls_shell.percent_reflns_R_free 
_refine_ls_shell.R_factor_all 
_refine_ls_shell.R_factor_obs 
_refine_ls_shell.R_factor_R_free 
_refine_ls_shell.R_factor_R_free_error 
_refine_ls_shell.R_factor_R_work 
_refine_ls_shell.redundancy_reflns_all 
_refine_ls_shell.redundancy_reflns_obs 
_refine_ls_shell.wR_factor_all 
_refine_ls_shell.wR_factor_obs 
_refine_ls_shell.wR_factor_R_free 
_refine_ls_shell.wR_factor_R_work 
_refine_ls_shell.pdbx_total_number_of_bins_used 
_refine_ls_shell.pdbx_phase_error 
_refine_ls_shell.pdbx_fsc_work 
_refine_ls_shell.pdbx_fsc_free 
'X-RAY DIFFRACTION' 2.3521 2.5888  2476 . 112 2364 99.0000  . . . 0.3026 0.0000 0.2474 . . . . . . 4 . . . 
'X-RAY DIFFRACTION' 2.5888 2.9632  2537 . 130 2407 100.0000 . . . 0.3499 0.0000 0.2700 . . . . . . 4 . . . 
'X-RAY DIFFRACTION' 2.9632 3.7329  2524 . 141 2383 98.0000  . . . 0.2992 0.0000 0.2416 . . . . . . 4 . . . 
'X-RAY DIFFRACTION' 3.7329 37.9775 2709 . 139 2570 97.0000  . . . 0.2368 0.0000 0.1754 . . . . . . 4 . . . 
# 
_struct.entry_id                     5V27 
_struct.title                        
'2.35 angstrom crystal structure of P97V 3-hydroxyanthranilate-3,4-dioxygenase from Cupriavidus metallidurans' 
_struct.pdbx_model_details           ? 
_struct.pdbx_formula_weight          ? 
_struct.pdbx_formula_weight_method   ? 
_struct.pdbx_model_type_details      ? 
_struct.pdbx_CASP_flag               N 
# 
_struct_keywords.entry_id        5V27 
_struct_keywords.text            'HAO Kynurenine Cupin Dioxygenase, OXIDOREDUCTASE' 
_struct_keywords.pdbx_keywords   OXIDOREDUCTASE 
# 
loop_
_struct_asym.id 
_struct_asym.pdbx_blank_PDB_chainid_flag 
_struct_asym.pdbx_modified 
_struct_asym.entity_id 
_struct_asym.details 
A N N 1 ? 
B N N 2 ? 
C N N 2 ? 
D N N 3 ? 
E N N 4 ? 
# 
loop_
_struct_conf.conf_type_id 
_struct_conf.id 
_struct_conf.pdbx_PDB_helix_id 
_struct_conf.beg_label_comp_id 
_struct_conf.beg_label_asym_id 
_struct_conf.beg_label_seq_id 
_struct_conf.pdbx_beg_PDB_ins_code 
_struct_conf.end_label_comp_id 
_struct_conf.end_label_asym_id 
_struct_conf.end_label_seq_id 
_struct_conf.pdbx_end_PDB_ins_code 
_struct_conf.beg_auth_comp_id 
_struct_conf.beg_auth_asym_id 
_struct_conf.beg_auth_seq_id 
_struct_conf.end_auth_comp_id 
_struct_conf.end_auth_asym_id 
_struct_conf.end_auth_seq_id 
_struct_conf.pdbx_PDB_helix_class 
_struct_conf.details 
_struct_conf.pdbx_PDB_helix_length 
HELX_P HELX_P1 AA1 ASN A 36  ? HIS A 44  ? ASN A 9   HIS A 17  1 ? 9  
HELX_P HELX_P2 AA2 ALA A 45  ? LEU A 48  ? ALA A 18  LEU A 21  5 ? 4  
HELX_P HELX_P3 AA3 SER A 168 ? LEU A 173 ? SER A 141 LEU A 146 1 ? 6  
HELX_P HELX_P4 AA4 LEU A 173 ? ALA A 182 ? LEU A 146 ALA A 155 1 ? 10 
HELX_P HELX_P5 AA5 SER A 183 ? ARG A 188 ? SER A 156 ARG A 161 1 ? 6  
# 
_struct_conf_type.id          HELX_P 
_struct_conf_type.criteria    ? 
_struct_conf_type.reference   ? 
# 
loop_
_struct_conn.id 
_struct_conn.conn_type_id 
_struct_conn.pdbx_leaving_atom_flag 
_struct_conn.pdbx_PDB_id 
_struct_conn.ptnr1_label_asym_id 
_struct_conn.ptnr1_label_comp_id 
_struct_conn.ptnr1_label_seq_id 
_struct_conn.ptnr1_label_atom_id 
_struct_conn.pdbx_ptnr1_label_alt_id 
_struct_conn.pdbx_ptnr1_PDB_ins_code 
_struct_conn.pdbx_ptnr1_standard_comp_id 
_struct_conn.ptnr1_symmetry 
_struct_conn.ptnr2_label_asym_id 
_struct_conn.ptnr2_label_comp_id 
_struct_conn.ptnr2_label_seq_id 
_struct_conn.ptnr2_label_atom_id 
_struct_conn.pdbx_ptnr2_label_alt_id 
_struct_conn.pdbx_ptnr2_PDB_ins_code 
_struct_conn.ptnr1_auth_asym_id 
_struct_conn.ptnr1_auth_comp_id 
_struct_conn.ptnr1_auth_seq_id 
_struct_conn.ptnr2_auth_asym_id 
_struct_conn.ptnr2_auth_comp_id 
_struct_conn.ptnr2_auth_seq_id 
_struct_conn.ptnr2_symmetry 
_struct_conn.pdbx_ptnr3_label_atom_id 
_struct_conn.pdbx_ptnr3_label_seq_id 
_struct_conn.pdbx_ptnr3_label_comp_id 
_struct_conn.pdbx_ptnr3_label_asym_id 
_struct_conn.pdbx_ptnr3_label_alt_id 
_struct_conn.pdbx_ptnr3_PDB_ins_code 
_struct_conn.details 
_struct_conn.pdbx_dist_value 
_struct_conn.pdbx_value_order 
_struct_conn.pdbx_role 
metalc1  metalc ? ? A HIS 78  ND1 ? ? ? 1_555 B FE2 . FE ? ? A HIS 51  A FE2 201 1_555 ? ? ? ? ? ? ? 2.110 ? ? 
metalc2  metalc ? ? A GLU 84  OE1 ? ? ? 1_555 B FE2 . FE ? ? A GLU 57  A FE2 201 1_555 ? ? ? ? ? ? ? 2.534 ? ? 
metalc3  metalc ? ? A GLU 84  OE2 ? ? ? 1_555 B FE2 . FE ? ? A GLU 57  A FE2 201 1_555 ? ? ? ? ? ? ? 2.191 ? ? 
metalc4  metalc ? ? A HIS 122 NE2 ? ? ? 1_555 B FE2 . FE ? ? A HIS 95  A FE2 201 1_555 ? ? ? ? ? ? ? 2.174 ? ? 
metalc5  metalc ? ? A CYS 152 SG  ? ? ? 1_555 C FE2 . FE ? ? A CYS 125 A FE2 202 1_555 ? ? ? ? ? ? ? 2.282 ? ? 
metalc6  metalc ? ? A CYS 155 SG  ? ? ? 1_555 C FE2 . FE ? ? A CYS 128 A FE2 202 1_555 ? ? ? ? ? ? ? 2.133 ? ? 
metalc7  metalc ? ? A CYS 189 SG  ? ? ? 1_555 C FE2 . FE ? ? A CYS 162 A FE2 202 1_555 ? ? ? ? ? ? ? 2.381 ? ? 
metalc8  metalc ? ? A CYS 192 SG  ? ? ? 1_555 C FE2 . FE ? ? A CYS 165 A FE2 202 1_555 ? ? ? ? ? ? ? 2.491 ? ? 
metalc9  metalc ? ? B FE2 .   FE  ? ? ? 1_555 E HOH . O  ? ? A FE2 201 A HOH 310 1_555 ? ? ? ? ? ? ? 2.348 ? ? 
metalc10 metalc ? ? B FE2 .   FE  ? ? ? 1_555 E HOH . O  ? ? A FE2 201 A HOH 315 1_555 ? ? ? ? ? ? ? 2.110 ? ? 
# 
_struct_conn_type.id          metalc 
_struct_conn_type.criteria    ? 
_struct_conn_type.reference   ? 
# 
loop_
_struct_mon_prot_cis.pdbx_id 
_struct_mon_prot_cis.label_comp_id 
_struct_mon_prot_cis.label_seq_id 
_struct_mon_prot_cis.label_asym_id 
_struct_mon_prot_cis.label_alt_id 
_struct_mon_prot_cis.pdbx_PDB_ins_code 
_struct_mon_prot_cis.auth_comp_id 
_struct_mon_prot_cis.auth_seq_id 
_struct_mon_prot_cis.auth_asym_id 
_struct_mon_prot_cis.pdbx_label_comp_id_2 
_struct_mon_prot_cis.pdbx_label_seq_id_2 
_struct_mon_prot_cis.pdbx_label_asym_id_2 
_struct_mon_prot_cis.pdbx_PDB_ins_code_2 
_struct_mon_prot_cis.pdbx_auth_comp_id_2 
_struct_mon_prot_cis.pdbx_auth_seq_id_2 
_struct_mon_prot_cis.pdbx_auth_asym_id_2 
_struct_mon_prot_cis.pdbx_PDB_model_num 
_struct_mon_prot_cis.pdbx_omega_angle 
1 PRO 50 A . ? PRO 23 A PRO 51 A ? PRO 24 A 1 4.10  
2 GLY 70 A . ? GLY 43 A PRO 71 A ? PRO 44 A 1 -1.77 
# 
loop_
_struct_sheet.id 
_struct_sheet.type 
_struct_sheet.number_strands 
_struct_sheet.details 
AA1 ? 5 ? 
AA2 ? 3 ? 
AA3 ? 3 ? 
# 
loop_
_struct_sheet_order.sheet_id 
_struct_sheet_order.range_id_1 
_struct_sheet_order.range_id_2 
_struct_sheet_order.offset 
_struct_sheet_order.sense 
AA1 1 2 ? anti-parallel 
AA1 2 3 ? anti-parallel 
AA1 3 4 ? anti-parallel 
AA1 4 5 ? anti-parallel 
AA2 1 2 ? anti-parallel 
AA2 2 3 ? anti-parallel 
AA3 1 2 ? anti-parallel 
AA3 2 3 ? anti-parallel 
# 
loop_
_struct_sheet_range.sheet_id 
_struct_sheet_range.id 
_struct_sheet_range.beg_label_comp_id 
_struct_sheet_range.beg_label_asym_id 
_struct_sheet_range.beg_label_seq_id 
_struct_sheet_range.pdbx_beg_PDB_ins_code 
_struct_sheet_range.end_label_comp_id 
_struct_sheet_range.end_label_asym_id 
_struct_sheet_range.end_label_seq_id 
_struct_sheet_range.pdbx_end_PDB_ins_code 
_struct_sheet_range.beg_auth_comp_id 
_struct_sheet_range.beg_auth_asym_id 
_struct_sheet_range.beg_auth_seq_id 
_struct_sheet_range.end_auth_comp_id 
_struct_sheet_range.end_auth_asym_id 
_struct_sheet_range.end_auth_seq_id 
AA1 1 ASN A 54  ? GLN A 56  ? ASN A 27  GLN A 29  
AA1 2 PHE A 63  ? VAL A 68  ? PHE A 36  VAL A 41  
AA1 3 ALA A 132 ? ARG A 138 ? ALA A 105 ARG A 111 
AA1 4 GLU A 84  ? ARG A 90  ? GLU A 57  ARG A 63  
AA1 5 ILE A 113 ? LEU A 116 ? ILE A 86  LEU A 89  
AA2 1 TYR A 77  ? ASP A 79  ? TYR A 50  ASP A 52  
AA2 2 ASP A 146 ? TYR A 151 ? ASP A 119 TYR A 124 
AA2 3 LEU A 158 ? VAL A 164 ? LEU A 131 VAL A 137 
AA3 1 ARG A 102 ? LEU A 108 ? ARG A 75  LEU A 81  
AA3 2 ALA A 93  ? VAL A 99  ? ALA A 66  VAL A 72  
AA3 3 HIS A 122 ? GLN A 125 ? HIS A 95  GLN A 98  
# 
loop_
_pdbx_struct_sheet_hbond.sheet_id 
_pdbx_struct_sheet_hbond.range_id_1 
_pdbx_struct_sheet_hbond.range_id_2 
_pdbx_struct_sheet_hbond.range_1_label_atom_id 
_pdbx_struct_sheet_hbond.range_1_label_comp_id 
_pdbx_struct_sheet_hbond.range_1_label_asym_id 
_pdbx_struct_sheet_hbond.range_1_label_seq_id 
_pdbx_struct_sheet_hbond.range_1_PDB_ins_code 
_pdbx_struct_sheet_hbond.range_1_auth_atom_id 
_pdbx_struct_sheet_hbond.range_1_auth_comp_id 
_pdbx_struct_sheet_hbond.range_1_auth_asym_id 
_pdbx_struct_sheet_hbond.range_1_auth_seq_id 
_pdbx_struct_sheet_hbond.range_2_label_atom_id 
_pdbx_struct_sheet_hbond.range_2_label_comp_id 
_pdbx_struct_sheet_hbond.range_2_label_asym_id 
_pdbx_struct_sheet_hbond.range_2_label_seq_id 
_pdbx_struct_sheet_hbond.range_2_PDB_ins_code 
_pdbx_struct_sheet_hbond.range_2_auth_atom_id 
_pdbx_struct_sheet_hbond.range_2_auth_comp_id 
_pdbx_struct_sheet_hbond.range_2_auth_asym_id 
_pdbx_struct_sheet_hbond.range_2_auth_seq_id 
AA1 1 2 N ARG A 55  ? N ARG A 28  O VAL A 67  ? O VAL A 40  
AA1 2 3 N ILE A 64  ? N ILE A 37  O GLU A 137 ? O GLU A 110 
AA1 3 4 O LEU A 134 ? O LEU A 107 N TYR A 87  ? N TYR A 60  
AA1 4 5 N PHE A 86  ? N PHE A 59  O PHE A 114 ? O PHE A 87  
AA2 1 2 N TYR A 77  ? N TYR A 50  O GLU A 149 ? O GLU A 122 
AA2 2 3 N ASP A 146 ? N ASP A 119 O VAL A 164 ? O VAL A 137 
AA3 1 2 O GLU A 104 ? O GLU A 77  N LEU A 97  ? N LEU A 70  
AA3 2 3 N TYR A 94  ? N TYR A 67  O GLN A 125 ? O GLN A 98  
# 
loop_
_struct_site.id 
_struct_site.pdbx_evidence_code 
_struct_site.pdbx_auth_asym_id 
_struct_site.pdbx_auth_comp_id 
_struct_site.pdbx_auth_seq_id 
_struct_site.pdbx_auth_ins_code 
_struct_site.pdbx_num_residues 
_struct_site.details 
AC1 Software A FE2 201 ? 5 'binding site for residue FE2 A 201' 
AC2 Software A FE2 202 ? 4 'binding site for residue FE2 A 202' 
AC3 Software A TRS 203 ? 6 'binding site for residue TRS A 203' 
# 
loop_
_struct_site_gen.id 
_struct_site_gen.site_id 
_struct_site_gen.pdbx_num_res 
_struct_site_gen.label_comp_id 
_struct_site_gen.label_asym_id 
_struct_site_gen.label_seq_id 
_struct_site_gen.pdbx_auth_ins_code 
_struct_site_gen.auth_comp_id 
_struct_site_gen.auth_asym_id 
_struct_site_gen.auth_seq_id 
_struct_site_gen.label_atom_id 
_struct_site_gen.label_alt_id 
_struct_site_gen.symmetry 
_struct_site_gen.details 
1  AC1 5 HIS A 78  ? HIS A 51  . ? 1_555 ? 
2  AC1 5 GLU A 84  ? GLU A 57  . ? 1_555 ? 
3  AC1 5 HIS A 122 ? HIS A 95  . ? 1_555 ? 
4  AC1 5 HOH E .   ? HOH A 310 . ? 1_555 ? 
5  AC1 5 HOH E .   ? HOH A 315 . ? 1_555 ? 
6  AC2 4 CYS A 152 ? CYS A 125 . ? 1_555 ? 
7  AC2 4 CYS A 155 ? CYS A 128 . ? 1_555 ? 
8  AC2 4 CYS A 189 ? CYS A 162 . ? 1_555 ? 
9  AC2 4 CYS A 192 ? CYS A 165 . ? 1_555 ? 
10 AC3 6 VAL A 159 ? VAL A 132 . ? 1_555 ? 
11 AC3 6 HIS A 160 ? HIS A 133 . ? 1_555 ? 
12 AC3 6 ASP A 185 ? ASP A 158 . ? 1_555 ? 
13 AC3 6 LYS A 186 ? LYS A 159 . ? 1_555 ? 
14 AC3 6 ARG A 187 ? ARG A 160 . ? 1_555 ? 
15 AC3 6 ARG A 188 ? ARG A 161 . ? 1_555 ? 
# 
_atom_sites.entry_id                    5V27 
_atom_sites.fract_transf_matrix[1][1]   -0.01220696 
_atom_sites.fract_transf_matrix[1][2]   0.00547080 
_atom_sites.fract_transf_matrix[1][3]   0.01473041 
_atom_sites.fract_transf_matrix[2][1]   -0.01836009 
_atom_sites.fract_transf_matrix[2][2]   0.00643980 
_atom_sites.fract_transf_matrix[2][3]   -0.00416733 
_atom_sites.fract_transf_matrix[3][1]   -0.00148000 
_atom_sites.fract_transf_matrix[3][2]   -0.00404180 
_atom_sites.fract_transf_matrix[3][3]   0.00027464 
_atom_sites.fract_transf_vector[1]      0.387569 
_atom_sites.fract_transf_vector[2]      0.469658 
_atom_sites.fract_transf_vector[3]      0.017760 
# 
loop_
_atom_type.symbol 
C  
FE 
H  
N  
O  
S  
# 
loop_
_atom_site.group_PDB 
_atom_site.id 
_atom_site.type_symbol 
_atom_site.label_atom_id 
_atom_site.label_alt_id 
_atom_site.label_comp_id 
_atom_site.label_asym_id 
_atom_site.label_entity_id 
_atom_site.label_seq_id 
_atom_site.pdbx_PDB_ins_code 
_atom_site.Cartn_x 
_atom_site.Cartn_y 
_atom_site.Cartn_z 
_atom_site.occupancy 
_atom_site.B_iso_or_equiv 
_atom_site.pdbx_formal_charge 
_atom_site.auth_seq_id 
_atom_site.auth_comp_id 
_atom_site.auth_asym_id 
_atom_site.auth_atom_id 
_atom_site.pdbx_PDB_model_num 
ATOM   1    N  N   . MET A 1 28  ? -27.914 -11.152 12.873  1.00 66.04 ? 1   MET A N   1 
ATOM   2    C  CA  . MET A 1 28  ? -26.487 -11.222 13.175  1.00 68.23 ? 1   MET A CA  1 
ATOM   3    C  C   . MET A 1 28  ? -25.655 -11.525 11.930  1.00 62.83 ? 1   MET A C   1 
ATOM   4    O  O   . MET A 1 28  ? -24.547 -12.048 12.039  1.00 60.53 ? 1   MET A O   1 
ATOM   5    C  CB  . MET A 1 28  ? -26.185 -12.262 14.273  1.00 71.15 ? 1   MET A CB  1 
ATOM   6    C  CG  . MET A 1 28  ? -27.292 -13.266 14.595  1.00 72.34 ? 1   MET A CG  1 
ATOM   7    S  SD  . MET A 1 28  ? -26.910 -14.206 16.100  1.00 86.66 ? 1   MET A SD  1 
ATOM   8    C  CE  . MET A 1 28  ? -26.792 -12.917 17.354  1.00 69.01 ? 1   MET A CE  1 
ATOM   9    N  N   . LEU A 1 29  ? -26.193 -11.194 10.751  1.00 63.13 ? 2   LEU A N   1 
ATOM   10   C  CA  . LEU A 1 29  ? -25.363 -10.949 9.566   1.00 60.06 ? 2   LEU A CA  1 
ATOM   11   C  C   . LEU A 1 29  ? -24.769 -9.544  9.674   1.00 57.48 ? 2   LEU A C   1 
ATOM   12   O  O   . LEU A 1 29  ? -25.177 -8.595  9.001   1.00 58.44 ? 2   LEU A O   1 
ATOM   13   C  CB  . LEU A 1 29  ? -26.170 -11.128 8.288   1.00 58.37 ? 2   LEU A CB  1 
ATOM   14   C  CG  . LEU A 1 29  ? -26.488 -12.605 8.087   1.00 54.23 ? 2   LEU A CG  1 
ATOM   15   C  CD1 . LEU A 1 29  ? -27.020 -12.888 6.687   1.00 53.84 ? 2   LEU A CD1 1 
ATOM   16   C  CD2 . LEU A 1 29  ? -25.226 -13.398 8.364   1.00 51.95 ? 2   LEU A CD2 1 
ATOM   17   N  N   . THR A 1 30  ? -23.769 -9.430  10.553  1.00 58.85 ? 3   THR A N   1 
ATOM   18   C  CA  . THR A 1 30  ? -23.185 -8.130  10.893  1.00 54.28 ? 3   THR A CA  1 
ATOM   19   C  C   . THR A 1 30  ? -22.703 -7.352  9.670   1.00 55.12 ? 3   THR A C   1 
ATOM   20   O  O   . THR A 1 30  ? -22.649 -6.116  9.701   1.00 54.78 ? 3   THR A O   1 
ATOM   21   C  CB  . THR A 1 30  ? -22.013 -8.330  11.855  1.00 55.51 ? 3   THR A CB  1 
ATOM   22   O  OG1 . THR A 1 30  ? -22.465 -8.995  13.037  1.00 59.17 ? 3   THR A OG1 1 
ATOM   23   C  CG2 . THR A 1 30  ? -21.391 -7.006  12.236  1.00 51.67 ? 3   THR A CG2 1 
ATOM   24   N  N   . TYR A 1 31  ? -22.313 -8.039  8.600   1.00 56.52 ? 4   TYR A N   1 
ATOM   25   C  CA  . TYR A 1 31  ? -21.708 -7.367  7.455   1.00 54.99 ? 4   TYR A CA  1 
ATOM   26   C  C   . TYR A 1 31  ? -22.648 -7.312  6.257   1.00 55.72 ? 4   TYR A C   1 
ATOM   27   O  O   . TYR A 1 31  ? -22.192 -7.100  5.129   1.00 50.82 ? 4   TYR A O   1 
ATOM   28   C  CB  . TYR A 1 31  ? -20.397 -8.056  7.074   1.00 51.16 ? 4   TYR A CB  1 
ATOM   29   C  CG  . TYR A 1 31  ? -19.444 -8.198  8.236   1.00 52.01 ? 4   TYR A CG  1 
ATOM   30   C  CD1 . TYR A 1 31  ? -19.005 -7.080  8.925   1.00 48.85 ? 4   TYR A CD1 1 
ATOM   31   C  CD2 . TYR A 1 31  ? -18.989 -9.452  8.655   1.00 49.88 ? 4   TYR A CD2 1 
ATOM   32   C  CE1 . TYR A 1 31  ? -18.136 -7.184  9.993   1.00 48.48 ? 4   TYR A CE1 1 
ATOM   33   C  CE2 . TYR A 1 31  ? -18.110 -9.569  9.734   1.00 49.08 ? 4   TYR A CE2 1 
ATOM   34   C  CZ  . TYR A 1 31  ? -17.688 -8.421  10.395  1.00 52.60 ? 4   TYR A CZ  1 
ATOM   35   O  OH  . TYR A 1 31  ? -16.814 -8.491  11.463  1.00 52.58 ? 4   TYR A OH  1 
ATOM   36   N  N   . GLY A 1 32  ? -23.953 -7.513  6.481   1.00 53.62 ? 5   GLY A N   1 
ATOM   37   C  CA  . GLY A 1 32  ? -24.920 -7.485  5.409   1.00 51.95 ? 5   GLY A CA  1 
ATOM   38   C  C   . GLY A 1 32  ? -24.897 -8.772  4.616   1.00 48.12 ? 5   GLY A C   1 
ATOM   39   O  O   . GLY A 1 32  ? -24.141 -9.695  4.895   1.00 53.23 ? 5   GLY A O   1 
ATOM   40   N  N   . ALA A 1 33  ? -25.738 -8.816  3.590   1.00 47.58 ? 6   ALA A N   1 
ATOM   41   C  CA  . ALA A 1 33  ? -25.914 -9.985  2.736   1.00 48.03 ? 6   ALA A CA  1 
ATOM   42   C  C   . ALA A 1 33  ? -24.943 -9.957  1.565   1.00 49.21 ? 6   ALA A C   1 
ATOM   43   O  O   . ALA A 1 33  ? -24.282 -8.956  1.294   1.00 55.15 ? 6   ALA A O   1 
ATOM   44   C  CB  . ALA A 1 33  ? -27.350 -10.033 2.223   1.00 45.32 ? 6   ALA A CB  1 
ATOM   45   N  N   . PRO A 1 34  ? -24.842 -11.051 0.823   1.00 50.66 ? 7   PRO A N   1 
ATOM   46   C  CA  . PRO A 1 34  ? -24.013 -11.040 -0.386  1.00 46.96 ? 7   PRO A CA  1 
ATOM   47   C  C   . PRO A 1 34  ? -24.517 -9.999  -1.373  1.00 50.14 ? 7   PRO A C   1 
ATOM   48   O  O   . PRO A 1 34  ? -25.723 -9.794  -1.512  1.00 53.60 ? 7   PRO A O   1 
ATOM   49   C  CB  . PRO A 1 34  ? -24.176 -12.463 -0.939  1.00 51.56 ? 7   PRO A CB  1 
ATOM   50   C  CG  . PRO A 1 34  ? -24.643 -13.298 0.235   1.00 46.73 ? 7   PRO A CG  1 
ATOM   51   C  CD  . PRO A 1 34  ? -25.475 -12.361 1.061   1.00 48.10 ? 7   PRO A CD  1 
ATOM   52   N  N   . PHE A 1 35  ? -23.584 -9.355  -2.081  1.00 50.07 ? 8   PHE A N   1 
ATOM   53   C  CA  . PHE A 1 35  ? -23.927 -8.389  -3.122  1.00 51.71 ? 8   PHE A CA  1 
ATOM   54   C  C   . PHE A 1 35  ? -22.996 -8.576  -4.310  1.00 51.07 ? 8   PHE A C   1 
ATOM   55   O  O   . PHE A 1 35  ? -21.895 -9.122  -4.182  1.00 51.58 ? 8   PHE A O   1 
ATOM   56   C  CB  . PHE A 1 35  ? -23.862 -6.936  -2.617  1.00 48.20 ? 8   PHE A CB  1 
ATOM   57   C  CG  . PHE A 1 35  ? -22.543 -6.573  -1.986  1.00 51.14 ? 8   PHE A CG  1 
ATOM   58   C  CD1 . PHE A 1 35  ? -21.517 -6.052  -2.749  1.00 48.68 ? 8   PHE A CD1 1 
ATOM   59   C  CD2 . PHE A 1 35  ? -22.329 -6.774  -0.636  1.00 50.21 ? 8   PHE A CD2 1 
ATOM   60   C  CE1 . PHE A 1 35  ? -20.309 -5.739  -2.178  1.00 50.76 ? 8   PHE A CE1 1 
ATOM   61   C  CE2 . PHE A 1 35  ? -21.115 -6.462  -0.063  1.00 49.64 ? 8   PHE A CE2 1 
ATOM   62   C  CZ  . PHE A 1 35  ? -20.108 -5.944  -0.836  1.00 49.18 ? 8   PHE A CZ  1 
ATOM   63   N  N   . ASN A 1 36  ? -23.452 -8.124  -5.481  1.00 49.11 ? 9   ASN A N   1 
ATOM   64   C  CA  . ASN A 1 36  ? -22.667 -8.297  -6.699  1.00 50.09 ? 9   ASN A CA  1 
ATOM   65   C  C   . ASN A 1 36  ? -21.436 -7.400  -6.654  1.00 52.71 ? 9   ASN A C   1 
ATOM   66   O  O   . ASN A 1 36  ? -21.554 -6.183  -6.478  1.00 50.74 ? 9   ASN A O   1 
ATOM   67   C  CB  . ASN A 1 36  ? -23.502 -7.985  -7.937  1.00 47.22 ? 9   ASN A CB  1 
ATOM   68   C  CG  . ASN A 1 36  ? -22.715 -8.175  -9.230  1.00 53.47 ? 9   ASN A CG  1 
ATOM   69   O  OD1 . ASN A 1 36  ? -21.995 -7.277  -9.678  1.00 56.96 ? 9   ASN A OD1 1 
ATOM   70   N  ND2 . ASN A 1 36  ? -22.849 -9.354  -9.835  1.00 54.64 ? 9   ASN A ND2 1 
ATOM   71   N  N   . PHE A 1 37  ? -20.257 -8.001  -6.822  1.00 50.68 ? 10  PHE A N   1 
ATOM   72   C  CA  . PHE A 1 37  ? -18.982 -7.311  -6.673  1.00 49.44 ? 10  PHE A CA  1 
ATOM   73   C  C   . PHE A 1 37  ? -18.684 -6.432  -7.885  1.00 50.82 ? 10  PHE A C   1 
ATOM   74   O  O   . PHE A 1 37  ? -18.282 -5.275  -7.724  1.00 52.37 ? 10  PHE A O   1 
ATOM   75   C  CB  . PHE A 1 37  ? -17.861 -8.328  -6.464  1.00 45.85 ? 10  PHE A CB  1 
ATOM   76   C  CG  . PHE A 1 37  ? -16.606 -7.738  -5.893  1.00 49.44 ? 10  PHE A CG  1 
ATOM   77   C  CD1 . PHE A 1 37  ? -16.617 -6.481  -5.301  1.00 45.53 ? 10  PHE A CD1 1 
ATOM   78   C  CD2 . PHE A 1 37  ? -15.406 -8.425  -5.973  1.00 48.11 ? 10  PHE A CD2 1 
ATOM   79   C  CE1 . PHE A 1 37  ? -15.473 -5.942  -4.767  1.00 45.09 ? 10  PHE A CE1 1 
ATOM   80   C  CE2 . PHE A 1 37  ? -14.245 -7.877  -5.454  1.00 47.38 ? 10  PHE A CE2 1 
ATOM   81   C  CZ  . PHE A 1 37  ? -14.278 -6.635  -4.852  1.00 43.78 ? 10  PHE A CZ  1 
ATOM   82   N  N   . PRO A 1 38  ? -18.838 -6.949  -9.106  1.00 53.15 ? 11  PRO A N   1 
ATOM   83   C  CA  . PRO A 1 38  ? -18.610 -6.106  -10.291 1.00 52.05 ? 11  PRO A CA  1 
ATOM   84   C  C   . PRO A 1 38  ? -19.398 -4.804  -10.299 1.00 53.29 ? 11  PRO A C   1 
ATOM   85   O  O   . PRO A 1 38  ? -18.871 -3.780  -10.753 1.00 50.68 ? 11  PRO A O   1 
ATOM   86   C  CB  . PRO A 1 38  ? -19.021 -7.042  -11.439 1.00 49.56 ? 11  PRO A CB  1 
ATOM   87   C  CG  . PRO A 1 38  ? -18.585 -8.352  -10.961 1.00 45.49 ? 11  PRO A CG  1 
ATOM   88   C  CD  . PRO A 1 38  ? -18.925 -8.372  -9.476  1.00 47.21 ? 11  PRO A CD  1 
ATOM   89   N  N   . ARG A 1 39  ? -20.642 -4.810  -9.819  1.00 55.72 ? 12  ARG A N   1 
ATOM   90   C  CA  . ARG A 1 39  ? -21.425 -3.577  -9.815  1.00 55.61 ? 12  ARG A CA  1 
ATOM   91   C  C   . ARG A 1 39  ? -21.030 -2.669  -8.661  1.00 54.69 ? 12  ARG A C   1 
ATOM   92   O  O   . ARG A 1 39  ? -21.057 -1.444  -8.806  1.00 54.03 ? 12  ARG A O   1 
ATOM   93   C  CB  . ARG A 1 39  ? -22.924 -3.888  -9.759  1.00 56.38 ? 12  ARG A CB  1 
ATOM   94   C  CG  . ARG A 1 39  ? -23.483 -4.497  -11.041 1.00 61.24 ? 12  ARG A CG  1 
ATOM   95   C  CD  . ARG A 1 39  ? -25.021 -4.566  -11.016 1.00 69.41 ? 12  ARG A CD  1 
ATOM   96   N  NE  . ARG A 1 39  ? -25.536 -5.937  -11.142 1.00 68.56 ? 12  ARG A NE  1 
ATOM   97   C  CZ  . ARG A 1 39  ? -25.900 -6.694  -10.111 1.00 68.87 ? 12  ARG A CZ  1 
ATOM   98   N  NH1 . ARG A 1 39  ? -25.805 -6.210  -8.877  1.00 74.51 ? 12  ARG A NH1 1 
ATOM   99   N  NH2 . ARG A 1 39  ? -26.364 -7.926  -10.307 1.00 69.53 ? 12  ARG A NH2 1 
ATOM   100  N  N   . TRP A 1 40  ? -20.681 -3.243  -7.505  1.00 51.20 ? 13  TRP A N   1 
ATOM   101  C  CA  . TRP A 1 40  ? -20.166 -2.426  -6.411  1.00 50.50 ? 13  TRP A CA  1 
ATOM   102  C  C   . TRP A 1 40  ? -18.933 -1.645  -6.853  1.00 51.75 ? 13  TRP A C   1 
ATOM   103  O  O   . TRP A 1 40  ? -18.777 -0.470  -6.510  1.00 55.10 ? 13  TRP A O   1 
ATOM   104  C  CB  . TRP A 1 40  ? -19.844 -3.313  -5.214  1.00 50.30 ? 13  TRP A CB  1 
ATOM   105  C  CG  . TRP A 1 40  ? -19.374 -2.606  -3.972  1.00 47.15 ? 13  TRP A CG  1 
ATOM   106  C  CD1 . TRP A 1 40  ? -20.127 -2.294  -2.878  1.00 48.13 ? 13  TRP A CD1 1 
ATOM   107  C  CD2 . TRP A 1 40  ? -18.034 -2.182  -3.671  1.00 46.40 ? 13  TRP A CD2 1 
ATOM   108  N  NE1 . TRP A 1 40  ? -19.348 -1.676  -1.922  1.00 47.78 ? 13  TRP A NE1 1 
ATOM   109  C  CE2 . TRP A 1 40  ? -18.060 -1.596  -2.384  1.00 46.88 ? 13  TRP A CE2 1 
ATOM   110  C  CE3 . TRP A 1 40  ? -16.824 -2.216  -4.371  1.00 49.52 ? 13  TRP A CE3 1 
ATOM   111  C  CZ2 . TRP A 1 40  ? -16.922 -1.052  -1.783  1.00 51.95 ? 13  TRP A CZ2 1 
ATOM   112  C  CZ3 . TRP A 1 40  ? -15.687 -1.664  -3.775  1.00 50.91 ? 13  TRP A CZ3 1 
ATOM   113  C  CH2 . TRP A 1 40  ? -15.747 -1.094  -2.492  1.00 53.36 ? 13  TRP A CH2 1 
ATOM   114  N  N   . ILE A 1 41  ? -18.050 -2.281  -7.620  1.00 51.38 ? 14  ILE A N   1 
ATOM   115  C  CA  . ILE A 1 41  ? -16.879 -1.585  -8.138  1.00 50.20 ? 14  ILE A CA  1 
ATOM   116  C  C   . ILE A 1 41  ? -17.310 -0.437  -9.046  1.00 54.88 ? 14  ILE A C   1 
ATOM   117  O  O   . ILE A 1 41  ? -16.872 0.710   -8.881  1.00 56.10 ? 14  ILE A O   1 
ATOM   118  C  CB  . ILE A 1 41  ? -15.952 -2.576  -8.867  1.00 48.99 ? 14  ILE A CB  1 
ATOM   119  C  CG1 . ILE A 1 41  ? -15.478 -3.657  -7.904  1.00 50.09 ? 14  ILE A CG1 1 
ATOM   120  C  CG2 . ILE A 1 41  ? -14.744 -1.873  -9.425  1.00 53.44 ? 14  ILE A CG2 1 
ATOM   121  C  CD1 . ILE A 1 41  ? -14.342 -4.497  -8.454  1.00 48.19 ? 14  ILE A CD1 1 
ATOM   122  N  N   . ASP A 1 42  ? -18.193 -0.724  -10.002 1.00 53.22 ? 15  ASP A N   1 
ATOM   123  C  CA  . ASP A 1 42  ? -18.690 0.320   -10.892 1.00 52.71 ? 15  ASP A CA  1 
ATOM   124  C  C   . ASP A 1 42  ? -19.264 1.489   -10.102 1.00 54.70 ? 15  ASP A C   1 
ATOM   125  O  O   . ASP A 1 42  ? -18.890 2.643   -10.324 1.00 56.35 ? 15  ASP A O   1 
ATOM   126  C  CB  . ASP A 1 42  ? -19.728 -0.261  -11.850 1.00 53.76 ? 15  ASP A CB  1 
ATOM   127  C  CG  . ASP A 1 42  ? -19.114 -1.211  -12.858 1.00 56.36 ? 15  ASP A CG  1 
ATOM   128  O  OD1 . ASP A 1 42  ? -17.875 -1.168  -13.023 1.00 56.21 ? 15  ASP A OD1 1 
ATOM   129  O  OD2 . ASP A 1 42  ? -19.859 -1.999  -13.489 1.00 58.53 ? 15  ASP A OD2 1 
ATOM   130  N  N   . GLU A 1 43  ? -20.149 1.210   -9.149  1.00 53.59 ? 16  GLU A N   1 
ATOM   131  C  CA  . GLU A 1 43  ? -20.772 2.289   -8.393  1.00 55.42 ? 16  GLU A CA  1 
ATOM   132  C  C   . GLU A 1 43  ? -19.783 3.069   -7.547  1.00 55.57 ? 16  GLU A C   1 
ATOM   133  O  O   . GLU A 1 43  ? -20.132 4.142   -7.047  1.00 53.50 ? 16  GLU A O   1 
ATOM   134  C  CB  . GLU A 1 43  ? -21.873 1.740   -7.490  1.00 50.87 ? 16  GLU A CB  1 
ATOM   135  C  CG  . GLU A 1 43  ? -23.063 1.211   -8.263  1.00 59.92 ? 16  GLU A CG  1 
ATOM   136  C  CD  . GLU A 1 43  ? -23.973 0.359   -7.401  1.00 68.98 ? 16  GLU A CD  1 
ATOM   137  O  OE1 . GLU A 1 43  ? -23.824 0.431   -6.159  1.00 70.22 ? 16  GLU A OE1 1 
ATOM   138  O  OE2 . GLU A 1 43  ? -24.816 -0.387  -7.962  1.00 73.18 ? 16  GLU A OE2 1 
ATOM   139  N  N   . HIS A 1 44  ? -18.575 2.552   -7.339  1.00 56.30 ? 17  HIS A N   1 
ATOM   140  C  CA  . HIS A 1 44  ? -17.573 3.264   -6.560  1.00 55.46 ? 17  HIS A CA  1 
ATOM   141  C  C   . HIS A 1 44  ? -16.386 3.675   -7.420  1.00 54.29 ? 17  HIS A C   1 
ATOM   142  O  O   . HIS A 1 44  ? -15.296 3.908   -6.897  1.00 54.27 ? 17  HIS A O   1 
ATOM   143  C  CB  . HIS A 1 44  ? -17.117 2.416   -5.371  1.00 55.83 ? 17  HIS A CB  1 
ATOM   144  C  CG  . HIS A 1 44  ? -18.207 2.126   -4.383  1.00 56.28 ? 17  HIS A CG  1 
ATOM   145  N  ND1 . HIS A 1 44  ? -19.152 1.142   -4.583  1.00 54.41 ? 17  HIS A ND1 1 
ATOM   146  C  CD2 . HIS A 1 44  ? -18.502 2.692   -3.188  1.00 53.81 ? 17  HIS A CD2 1 
ATOM   147  C  CE1 . HIS A 1 44  ? -19.983 1.118   -3.557  1.00 54.19 ? 17  HIS A CE1 1 
ATOM   148  N  NE2 . HIS A 1 44  ? -19.608 2.045   -2.694  1.00 52.02 ? 17  HIS A NE2 1 
ATOM   149  N  N   . ALA A 1 45  ? -16.585 3.754   -8.737  1.00 56.06 ? 18  ALA A N   1 
ATOM   150  C  CA  . ALA A 1 45  ? -15.532 4.222   -9.631  1.00 57.41 ? 18  ALA A CA  1 
ATOM   151  C  C   . ALA A 1 45  ? -14.997 5.578   -9.194  1.00 58.06 ? 18  ALA A C   1 
ATOM   152  O  O   . ALA A 1 45  ? -13.778 5.787   -9.138  1.00 58.96 ? 18  ALA A O   1 
ATOM   153  C  CB  . ALA A 1 45  ? -16.062 4.294   -11.062 1.00 51.37 ? 18  ALA A CB  1 
ATOM   154  N  N   . HIS A 1 46  ? -15.895 6.510   -8.863  1.00 59.34 ? 19  HIS A N   1 
ATOM   155  C  CA  . HIS A 1 46  ? -15.477 7.868   -8.537  1.00 57.39 ? 19  HIS A CA  1 
ATOM   156  C  C   . HIS A 1 46  ? -14.560 7.917   -7.319  1.00 59.75 ? 19  HIS A C   1 
ATOM   157  O  O   . HIS A 1 46  ? -13.821 8.891   -7.154  1.00 62.06 ? 19  HIS A O   1 
ATOM   158  C  CB  . HIS A 1 46  ? -16.708 8.753   -8.326  1.00 58.46 ? 19  HIS A CB  1 
ATOM   159  C  CG  . HIS A 1 46  ? -17.605 8.301   -7.214  1.00 62.27 ? 19  HIS A CG  1 
ATOM   160  N  ND1 . HIS A 1 46  ? -18.346 7.139   -7.277  1.00 66.51 ? 19  HIS A ND1 1 
ATOM   161  C  CD2 . HIS A 1 46  ? -17.884 8.860   -6.012  1.00 62.65 ? 19  HIS A CD2 1 
ATOM   162  C  CE1 . HIS A 1 46  ? -19.036 6.998   -6.159  1.00 64.42 ? 19  HIS A CE1 1 
ATOM   163  N  NE2 . HIS A 1 46  ? -18.774 8.029   -5.375  1.00 66.15 ? 19  HIS A NE2 1 
ATOM   164  N  N   . LEU A 1 47  ? -14.572 6.884   -6.471  1.00 62.05 ? 20  LEU A N   1 
ATOM   165  C  CA  . LEU A 1 47  ? -13.680 6.822   -5.321  1.00 59.09 ? 20  LEU A CA  1 
ATOM   166  C  C   . LEU A 1 47  ? -12.393 6.061   -5.609  1.00 60.26 ? 20  LEU A C   1 
ATOM   167  O  O   . LEU A 1 47  ? -11.456 6.133   -4.805  1.00 60.77 ? 20  LEU A O   1 
ATOM   168  C  CB  . LEU A 1 47  ? -14.388 6.169   -4.130  1.00 56.74 ? 20  LEU A CB  1 
ATOM   169  C  CG  . LEU A 1 47  ? -15.778 6.697   -3.774  1.00 58.07 ? 20  LEU A CG  1 
ATOM   170  C  CD1 . LEU A 1 47  ? -16.242 6.100   -2.460  1.00 61.26 ? 20  LEU A CD1 1 
ATOM   171  C  CD2 . LEU A 1 47  ? -15.788 8.212   -3.706  1.00 62.75 ? 20  LEU A CD2 1 
ATOM   172  N  N   . LEU A 1 48  ? -12.333 5.336   -6.727  1.00 58.62 ? 21  LEU A N   1 
ATOM   173  C  CA  . LEU A 1 48  ? -11.174 4.537   -7.125  1.00 59.44 ? 21  LEU A CA  1 
ATOM   174  C  C   . LEU A 1 48  ? -10.288 5.274   -8.122  1.00 59.39 ? 21  LEU A C   1 
ATOM   175  O  O   . LEU A 1 48  ? -9.747  4.675   -9.059  1.00 59.06 ? 21  LEU A O   1 
ATOM   176  C  CB  . LEU A 1 48  ? -11.632 3.204   -7.700  1.00 55.36 ? 21  LEU A CB  1 
ATOM   177  C  CG  . LEU A 1 48  ? -12.557 2.422   -6.770  1.00 57.59 ? 21  LEU A CG  1 
ATOM   178  C  CD1 . LEU A 1 48  ? -12.992 1.109   -7.411  1.00 54.70 ? 21  LEU A CD1 1 
ATOM   179  C  CD2 . LEU A 1 48  ? -11.868 2.161   -5.435  1.00 57.25 ? 21  LEU A CD2 1 
ATOM   180  N  N   . LYS A 1 49  ? -10.159 6.579   -7.936  1.00 60.07 ? 22  LYS A N   1 
ATOM   181  C  CA  . LYS A 1 49  ? -9.224  7.451   -8.627  1.00 60.88 ? 22  LYS A CA  1 
ATOM   182  C  C   . LYS A 1 49  ? -8.750  8.481   -7.620  1.00 60.18 ? 22  LYS A C   1 
ATOM   183  O  O   . LYS A 1 49  ? -9.358  8.639   -6.551  1.00 58.70 ? 22  LYS A O   1 
ATOM   184  C  CB  . LYS A 1 49  ? -9.864  8.152   -9.837  1.00 59.06 ? 22  LYS A CB  1 
ATOM   185  C  CG  . LYS A 1 49  ? -11.067 9.020   -9.488  1.00 62.16 ? 22  LYS A CG  1 
ATOM   186  C  CD  . LYS A 1 49  ? -11.400 10.014  -10.601 1.00 64.02 ? 22  LYS A CD  1 
ATOM   187  C  CE  . LYS A 1 49  ? -11.642 9.317   -11.937 1.00 69.09 ? 22  LYS A CE  1 
ATOM   188  N  NZ  . LYS A 1 49  ? -12.892 8.508   -11.941 1.00 67.88 ? 22  LYS A NZ  1 
ATOM   189  N  N   . PRO A 1 50  ? -7.653  9.181   -7.904  1.00 59.76 ? 23  PRO A N   1 
ATOM   190  C  CA  . PRO A 1 50  ? -7.237  10.291  -7.038  1.00 59.34 ? 23  PRO A CA  1 
ATOM   191  C  C   . PRO A 1 50  ? -8.404  11.220  -6.763  1.00 55.63 ? 23  PRO A C   1 
ATOM   192  O  O   . PRO A 1 50  ? -9.301  11.388  -7.607  1.00 54.71 ? 23  PRO A O   1 
ATOM   193  C  CB  . PRO A 1 50  ? -6.140  10.984  -7.856  1.00 54.18 ? 23  PRO A CB  1 
ATOM   194  C  CG  . PRO A 1 50  ? -5.534  9.876   -8.652  1.00 57.96 ? 23  PRO A CG  1 
ATOM   195  C  CD  . PRO A 1 50  ? -6.682  8.935   -8.991  1.00 56.42 ? 23  PRO A CD  1 
ATOM   196  N  N   . PRO A 1 51  ? -8.439  11.844  -5.584  1.00 58.78 ? 24  PRO A N   1 
ATOM   197  C  CA  . PRO A 1 51  ? -7.391  11.769  -4.558  1.00 58.80 ? 24  PRO A CA  1 
ATOM   198  C  C   . PRO A 1 51  ? -7.479  10.515  -3.710  1.00 66.28 ? 24  PRO A C   1 
ATOM   199  O  O   . PRO A 1 51  ? -6.540  10.114  -3.026  1.00 70.96 ? 24  PRO A O   1 
ATOM   200  C  CB  . PRO A 1 51  ? -7.666  13.005  -3.701  1.00 62.50 ? 24  PRO A CB  1 
ATOM   201  C  CG  . PRO A 1 51  ? -9.161  13.181  -3.806  1.00 59.85 ? 24  PRO A CG  1 
ATOM   202  C  CD  . PRO A 1 51  ? -9.517  12.780  -5.215  1.00 59.99 ? 24  PRO A CD  1 
ATOM   203  N  N   . VAL A 1 52  ? -8.639  9.881   -3.785  1.00 62.81 ? 25  VAL A N   1 
ATOM   204  C  CA  . VAL A 1 52  ? -9.023  8.903   -2.782  1.00 61.99 ? 25  VAL A CA  1 
ATOM   205  C  C   . VAL A 1 52  ? -8.404  7.539   -3.088  1.00 64.96 ? 25  VAL A C   1 
ATOM   206  O  O   . VAL A 1 52  ? -7.594  7.028   -2.304  1.00 61.56 ? 25  VAL A O   1 
ATOM   207  C  CB  . VAL A 1 52  ? -10.557 8.872   -2.677  1.00 64.82 ? 25  VAL A CB  1 
ATOM   208  C  CG1 . VAL A 1 52  ? -11.003 9.879   -1.632  1.00 58.39 ? 25  VAL A CG1 1 
ATOM   209  C  CG2 . VAL A 1 52  ? -11.167 9.296   -4.016  1.00 62.69 ? 25  VAL A CG2 1 
ATOM   210  N  N   . GLY A 1 53  ? -8.740  6.948   -4.235  1.00 62.47 ? 26  GLY A N   1 
ATOM   211  C  CA  . GLY A 1 53  ? -8.002  5.808   -4.787  1.00 55.84 ? 26  GLY A CA  1 
ATOM   212  C  C   . GLY A 1 53  ? -8.394  4.404   -4.342  1.00 61.08 ? 26  GLY A C   1 
ATOM   213  O  O   . GLY A 1 53  ? -8.300  3.449   -5.121  1.00 54.42 ? 26  GLY A O   1 
ATOM   214  N  N   . ASN A 1 54  ? -8.817  4.256   -3.093  1.00 57.43 ? 27  ASN A N   1 
ATOM   215  C  CA  . ASN A 1 54  ? -9.235  2.956   -2.610  1.00 59.77 ? 27  ASN A CA  1 
ATOM   216  C  C   . ASN A 1 54  ? -10.571 3.102   -1.892  1.00 59.50 ? 27  ASN A C   1 
ATOM   217  O  O   . ASN A 1 54  ? -11.166 4.181   -1.841  1.00 59.70 ? 27  ASN A O   1 
ATOM   218  C  CB  . ASN A 1 54  ? -8.148  2.324   -1.727  1.00 56.94 ? 27  ASN A CB  1 
ATOM   219  C  CG  . ASN A 1 54  ? -8.028  2.979   -0.371  1.00 63.69 ? 27  ASN A CG  1 
ATOM   220  O  OD1 . ASN A 1 54  ? -9.009  3.471   0.186   1.00 63.71 ? 27  ASN A OD1 1 
ATOM   221  N  ND2 . ASN A 1 54  ? -6.820  2.971   0.180   1.00 62.87 ? 27  ASN A ND2 1 
ATOM   222  N  N   . ARG A 1 55  ? -11.047 1.988   -1.346  1.00 59.49 ? 28  ARG A N   1 
ATOM   223  C  CA  . ARG A 1 55  ? -12.320 1.948   -0.644  1.00 56.79 ? 28  ARG A CA  1 
ATOM   224  C  C   . ARG A 1 55  ? -12.432 0.608   0.067   1.00 53.87 ? 28  ARG A C   1 
ATOM   225  O  O   . ARG A 1 55  ? -12.267 -0.441  -0.553  1.00 50.93 ? 28  ARG A O   1 
ATOM   226  C  CB  . ARG A 1 55  ? -13.483 2.171   -1.616  1.00 57.98 ? 28  ARG A CB  1 
ATOM   227  C  CG  . ARG A 1 55  ? -14.873 1.987   -1.012  1.00 58.89 ? 28  ARG A CG  1 
ATOM   228  C  CD  . ARG A 1 55  ? -14.969 2.562   0.391   1.00 59.15 ? 28  ARG A CD  1 
ATOM   229  N  NE  . ARG A 1 55  ? -15.717 3.816   0.459   1.00 69.19 ? 28  ARG A NE  1 
ATOM   230  C  CZ  . ARG A 1 55  ? -17.042 3.910   0.379   1.00 69.18 ? 28  ARG A CZ  1 
ATOM   231  N  NH1 . ARG A 1 55  ? -17.775 2.824   0.198   1.00 63.43 ? 28  ARG A NH1 1 
ATOM   232  N  NH2 . ARG A 1 55  ? -17.635 5.096   0.466   1.00 71.30 ? 28  ARG A NH2 1 
ATOM   233  N  N   . GLN A 1 56  ? -12.682 0.650   1.370   1.00 52.57 ? 29  GLN A N   1 
ATOM   234  C  CA  . GLN A 1 56  ? -12.774 -0.531  2.204   1.00 52.53 ? 29  GLN A CA  1 
ATOM   235  C  C   . GLN A 1 56  ? -14.213 -1.036  2.210   1.00 54.57 ? 29  GLN A C   1 
ATOM   236  O  O   . GLN A 1 56  ? -15.154 -0.262  2.404   1.00 55.89 ? 29  GLN A O   1 
ATOM   237  C  CB  . GLN A 1 56  ? -12.282 -0.194  3.610   1.00 49.78 ? 29  GLN A CB  1 
ATOM   238  C  CG  . GLN A 1 56  ? -12.616 -1.203  4.674   1.00 52.70 ? 29  GLN A CG  1 
ATOM   239  C  CD  . GLN A 1 56  ? -11.787 -0.979  5.920   1.00 56.34 ? 29  GLN A CD  1 
ATOM   240  O  OE1 . GLN A 1 56  ? -10.746 -0.320  5.866   1.00 54.26 ? 29  GLN A OE1 1 
ATOM   241  N  NE2 . GLN A 1 56  ? -12.244 -1.508  7.053   1.00 56.69 ? 29  GLN A NE2 1 
ATOM   242  N  N   . VAL A 1 57  ? -14.385 -2.334  1.962   1.00 51.96 ? 30  VAL A N   1 
ATOM   243  C  CA  . VAL A 1 57  ? -15.714 -2.862  1.668   1.00 51.82 ? 30  VAL A CA  1 
ATOM   244  C  C   . VAL A 1 57  ? -16.571 -2.939  2.928   1.00 51.79 ? 30  VAL A C   1 
ATOM   245  O  O   . VAL A 1 57  ? -17.721 -2.489  2.939   1.00 50.50 ? 30  VAL A O   1 
ATOM   246  C  CB  . VAL A 1 57  ? -15.595 -4.224  0.970   1.00 49.46 ? 30  VAL A CB  1 
ATOM   247  C  CG1 . VAL A 1 57  ? -16.963 -4.814  0.757   1.00 50.58 ? 30  VAL A CG1 1 
ATOM   248  C  CG2 . VAL A 1 57  ? -14.877 -4.049  -0.372  1.00 48.84 ? 30  VAL A CG2 1 
ATOM   249  N  N   . TRP A 1 58  ? -16.034 -3.498  4.010   1.00 49.69 ? 31  TRP A N   1 
ATOM   250  C  CA  . TRP A 1 58  ? -16.773 -3.636  5.257   1.00 51.02 ? 31  TRP A CA  1 
ATOM   251  C  C   . TRP A 1 58  ? -15.984 -2.984  6.380   1.00 50.55 ? 31  TRP A C   1 
ATOM   252  O  O   . TRP A 1 58  ? -14.753 -3.050  6.408   1.00 48.39 ? 31  TRP A O   1 
ATOM   253  C  CB  . TRP A 1 58  ? -17.032 -5.119  5.620   1.00 45.40 ? 31  TRP A CB  1 
ATOM   254  C  CG  . TRP A 1 58  ? -17.828 -5.902  4.620   1.00 47.13 ? 31  TRP A CG  1 
ATOM   255  C  CD1 . TRP A 1 58  ? -19.185 -5.891  4.461   1.00 45.73 ? 31  TRP A CD1 1 
ATOM   256  C  CD2 . TRP A 1 58  ? -17.324 -6.859  3.674   1.00 47.00 ? 31  TRP A CD2 1 
ATOM   257  N  NE1 . TRP A 1 58  ? -19.555 -6.759  3.462   1.00 43.40 ? 31  TRP A NE1 1 
ATOM   258  C  CE2 . TRP A 1 58  ? -18.431 -7.366  2.963   1.00 45.78 ? 31  TRP A CE2 1 
ATOM   259  C  CE3 . TRP A 1 58  ? -16.046 -7.329  3.357   1.00 44.13 ? 31  TRP A CE3 1 
ATOM   260  C  CZ2 . TRP A 1 58  ? -18.296 -8.315  1.944   1.00 44.55 ? 31  TRP A CZ2 1 
ATOM   261  C  CZ3 . TRP A 1 58  ? -15.915 -8.266  2.352   1.00 43.94 ? 31  TRP A CZ3 1 
ATOM   262  C  CH2 . TRP A 1 58  ? -17.033 -8.750  1.652   1.00 44.92 ? 31  TRP A CH2 1 
ATOM   263  N  N   . GLN A 1 59  ? -16.701 -2.385  7.327   1.00 54.14 ? 32  GLN A N   1 
ATOM   264  C  CA  . GLN A 1 59  ? -16.085 -1.706  8.458   1.00 61.56 ? 32  GLN A CA  1 
ATOM   265  C  C   . GLN A 1 59  ? -16.133 -2.578  9.710   1.00 58.80 ? 32  GLN A C   1 
ATOM   266  O  O   . GLN A 1 59  ? -17.046 -3.386  9.895   1.00 62.23 ? 32  GLN A O   1 
ATOM   267  C  CB  . GLN A 1 59  ? -16.783 -0.368  8.736   1.00 63.36 ? 32  GLN A CB  1 
ATOM   268  C  CG  . GLN A 1 59  ? -16.882 0.562   7.530   1.00 59.13 ? 32  GLN A CG  1 
ATOM   269  C  CD  . GLN A 1 59  ? -15.544 1.190   7.149   1.00 70.01 ? 32  GLN A CD  1 
ATOM   270  O  OE1 . GLN A 1 59  ? -14.827 1.740   7.994   1.00 62.94 ? 32  GLN A OE1 1 
ATOM   271  N  NE2 . GLN A 1 59  ? -15.201 1.107   5.864   1.00 70.61 ? 32  GLN A NE2 1 
ATOM   272  N  N   . ASP A 1 60  ? -15.133 -2.397  10.577  1.00 60.51 ? 33  ASP A N   1 
ATOM   273  C  CA  . ASP A 1 60  ? -15.103 -3.017  11.903  1.00 61.39 ? 33  ASP A CA  1 
ATOM   274  C  C   . ASP A 1 60  ? -15.105 -4.547  11.821  1.00 63.62 ? 33  ASP A C   1 
ATOM   275  O  O   . ASP A 1 60  ? -15.650 -5.227  12.695  1.00 60.22 ? 33  ASP A O   1 
ATOM   276  C  CB  . ASP A 1 60  ? -16.268 -2.524  12.775  1.00 68.89 ? 33  ASP A CB  1 
ATOM   277  C  CG  . ASP A 1 60  ? -16.129 -1.051  13.201  1.00 74.73 ? 33  ASP A CG  1 
ATOM   278  O  OD1 . ASP A 1 60  ? -15.032 -0.626  13.635  1.00 76.97 ? 33  ASP A OD1 1 
ATOM   279  O  OD2 . ASP A 1 60  ? -17.140 -0.316  13.116  1.00 78.44 ? 33  ASP A OD2 1 
ATOM   280  N  N   . SER A 1 61  ? -14.501 -5.096  10.771  1.00 58.99 ? 34  SER A N   1 
ATOM   281  C  CA  . SER A 1 61  ? -14.305 -6.524  10.613  1.00 53.48 ? 34  SER A CA  1 
ATOM   282  C  C   . SER A 1 61  ? -12.840 -6.863  10.844  1.00 56.22 ? 34  SER A C   1 
ATOM   283  O  O   . SER A 1 61  ? -11.961 -5.997  10.766  1.00 55.67 ? 34  SER A O   1 
ATOM   284  C  CB  . SER A 1 61  ? -14.736 -6.987  9.218   1.00 52.69 ? 34  SER A CB  1 
ATOM   285  O  OG  . SER A 1 61  ? -13.859 -6.475  8.230   1.00 55.33 ? 34  SER A OG  1 
ATOM   286  N  N   . ASP A 1 62  ? -12.581 -8.139  11.145  1.00 48.29 ? 35  ASP A N   1 
ATOM   287  C  CA  . ASP A 1 62  ? -11.201 -8.576  11.337  1.00 50.73 ? 35  ASP A CA  1 
ATOM   288  C  C   . ASP A 1 62  ? -10.467 -8.687  10.007  1.00 50.77 ? 35  ASP A C   1 
ATOM   289  O  O   . ASP A 1 62  ? -9.283  -8.329  9.921   1.00 50.82 ? 35  ASP A O   1 
ATOM   290  C  CB  . ASP A 1 62  ? -11.157 -9.910  12.090  1.00 50.99 ? 35  ASP A CB  1 
ATOM   291  C  CG  . ASP A 1 62  ? -9.734  -10.436 12.272  1.00 53.02 ? 35  ASP A CG  1 
ATOM   292  O  OD1 . ASP A 1 62  ? -8.867  -9.686  12.783  1.00 57.15 ? 35  ASP A OD1 1 
ATOM   293  O  OD2 . ASP A 1 62  ? -9.482  -11.602 11.904  1.00 49.37 ? 35  ASP A OD2 1 
ATOM   294  N  N   . PHE A 1 63  ? -11.142 -9.186  8.967   1.00 48.23 ? 36  PHE A N   1 
ATOM   295  C  CA  . PHE A 1 63  ? -10.602 -9.154  7.614   1.00 49.03 ? 36  PHE A CA  1 
ATOM   296  C  C   . PHE A 1 63  ? -10.807 -7.755  7.039   1.00 49.43 ? 36  PHE A C   1 
ATOM   297  O  O   . PHE A 1 63  ? -11.948 -7.292  6.912   1.00 49.26 ? 36  PHE A O   1 
ATOM   298  C  CB  . PHE A 1 63  ? -11.280 -10.178 6.706   1.00 45.75 ? 36  PHE A CB  1 
ATOM   299  C  CG  . PHE A 1 63  ? -10.959 -11.611 7.026   1.00 54.29 ? 36  PHE A CG  1 
ATOM   300  C  CD1 . PHE A 1 63  ? -10.099 -11.941 8.054   1.00 56.40 ? 36  PHE A CD1 1 
ATOM   301  C  CD2 . PHE A 1 63  ? -11.530 -12.635 6.285   1.00 46.75 ? 36  PHE A CD2 1 
ATOM   302  C  CE1 . PHE A 1 63  ? -9.819  -13.262 8.338   1.00 54.69 ? 36  PHE A CE1 1 
ATOM   303  C  CE2 . PHE A 1 63  ? -11.248 -13.957 6.557   1.00 47.42 ? 36  PHE A CE2 1 
ATOM   304  C  CZ  . PHE A 1 63  ? -10.396 -14.279 7.584   1.00 51.10 ? 36  PHE A CZ  1 
ATOM   305  N  N   . ILE A 1 64  ? -9.717  -7.089  6.678   1.00 45.09 ? 37  ILE A N   1 
ATOM   306  C  CA  . ILE A 1 64  ? -9.790  -5.788  6.013   1.00 48.21 ? 37  ILE A CA  1 
ATOM   307  C  C   . ILE A 1 64  ? -9.788  -6.041  4.509   1.00 44.31 ? 37  ILE A C   1 
ATOM   308  O  O   . ILE A 1 64  ? -8.774  -6.455  3.943   1.00 45.60 ? 37  ILE A O   1 
ATOM   309  C  CB  . ILE A 1 64  ? -8.637  -4.873  6.440   1.00 45.36 ? 37  ILE A CB  1 
ATOM   310  C  CG1 . ILE A 1 64  ? -8.663  -4.714  7.964   1.00 46.07 ? 37  ILE A CG1 1 
ATOM   311  C  CG2 . ILE A 1 64  ? -8.748  -3.504  5.730   1.00 47.46 ? 37  ILE A CG2 1 
ATOM   312  C  CD1 . ILE A 1 64  ? -7.399  -4.147  8.549   1.00 48.88 ? 37  ILE A CD1 1 
ATOM   313  N  N   . VAL A 1 65  ? -10.943 -5.857  3.875   1.00 44.60 ? 38  VAL A N   1 
ATOM   314  C  CA  . VAL A 1 65  ? -11.122 -6.129  2.454   1.00 45.48 ? 38  VAL A CA  1 
ATOM   315  C  C   . VAL A 1 65  ? -11.229 -4.795  1.724   1.00 48.53 ? 38  VAL A C   1 
ATOM   316  O  O   . VAL A 1 65  ? -12.133 -3.993  2.005   1.00 48.05 ? 38  VAL A O   1 
ATOM   317  C  CB  . VAL A 1 65  ? -12.356 -6.997  2.182   1.00 42.82 ? 38  VAL A CB  1 
ATOM   318  C  CG1 . VAL A 1 65  ? -12.455 -7.272  0.697   1.00 40.41 ? 38  VAL A CG1 1 
ATOM   319  C  CG2 . VAL A 1 65  ? -12.297 -8.315  2.974   1.00 48.79 ? 38  VAL A CG2 1 
ATOM   320  N  N   . THR A 1 66  ? -10.320 -4.570  0.768   1.00 49.69 ? 39  THR A N   1 
ATOM   321  C  CA  . THR A 1 66  ? -10.179 -3.290  0.083   1.00 45.41 ? 39  THR A CA  1 
ATOM   322  C  C   . THR A 1 66  ? -10.099 -3.482  -1.423  1.00 47.12 ? 39  THR A C   1 
ATOM   323  O  O   . THR A 1 66  ? -9.444  -4.410  -1.910  1.00 50.43 ? 39  THR A O   1 
ATOM   324  C  CB  . THR A 1 66  ? -8.933  -2.575  0.550   1.00 46.96 ? 39  THR A CB  1 
ATOM   325  O  OG1 . THR A 1 66  ? -9.027  -2.367  1.959   1.00 49.84 ? 39  THR A OG1 1 
ATOM   326  C  CG2 . THR A 1 66  ? -8.804  -1.237  -0.153  1.00 52.30 ? 39  THR A CG2 1 
ATOM   327  N  N   . VAL A 1 67  ? -10.776 -2.608  -2.157  1.00 46.58 ? 40  VAL A N   1 
ATOM   328  C  CA  . VAL A 1 67  ? -10.566 -2.456  -3.594  1.00 50.10 ? 40  VAL A CA  1 
ATOM   329  C  C   . VAL A 1 67  ? -9.748  -1.188  -3.830  1.00 53.38 ? 40  VAL A C   1 
ATOM   330  O  O   . VAL A 1 67  ? -10.077 -0.116  -3.303  1.00 51.91 ? 40  VAL A O   1 
ATOM   331  C  CB  . VAL A 1 67  ? -11.903 -2.411  -4.349  1.00 51.53 ? 40  VAL A CB  1 
ATOM   332  C  CG1 . VAL A 1 67  ? -11.663 -2.357  -5.840  1.00 46.29 ? 40  VAL A CG1 1 
ATOM   333  C  CG2 . VAL A 1 67  ? -12.738 -3.640  -3.989  1.00 48.66 ? 40  VAL A CG2 1 
ATOM   334  N  N   . VAL A 1 68  ? -8.668  -1.317  -4.601  1.00 53.59 ? 41  VAL A N   1 
ATOM   335  C  CA  . VAL A 1 68  ? -7.722  -0.239  -4.862  1.00 46.32 ? 41  VAL A CA  1 
ATOM   336  C  C   . VAL A 1 68  ? -7.704  0.015   -6.361  1.00 49.21 ? 41  VAL A C   1 
ATOM   337  O  O   . VAL A 1 68  ? -7.431  -0.905  -7.146  1.00 47.32 ? 41  VAL A O   1 
ATOM   338  C  CB  . VAL A 1 68  ? -6.308  -0.582  -4.367  1.00 46.59 ? 41  VAL A CB  1 
ATOM   339  C  CG1 . VAL A 1 68  ? -5.407  0.675   -4.406  1.00 45.05 ? 41  VAL A CG1 1 
ATOM   340  C  CG2 . VAL A 1 68  ? -6.351  -1.172  -2.984  1.00 44.03 ? 41  VAL A CG2 1 
ATOM   341  N  N   . GLY A 1 69  ? -7.967  1.258   -6.754  1.00 51.00 ? 42  GLY A N   1 
ATOM   342  C  CA  . GLY A 1 69  ? -7.940  1.695   -8.143  1.00 50.21 ? 42  GLY A CA  1 
ATOM   343  C  C   . GLY A 1 69  ? -6.629  2.361   -8.513  1.00 50.71 ? 42  GLY A C   1 
ATOM   344  O  O   . GLY A 1 69  ? -5.549  1.933   -8.091  1.00 50.78 ? 42  GLY A O   1 
ATOM   345  N  N   . GLY A 1 70  ? -6.722  3.421   -9.310  1.00 52.88 ? 43  GLY A N   1 
ATOM   346  C  CA  . GLY A 1 70  ? -5.559  4.122   -9.810  1.00 51.74 ? 43  GLY A CA  1 
ATOM   347  C  C   . GLY A 1 70  ? -5.955  5.356   -10.596 1.00 48.72 ? 43  GLY A C   1 
ATOM   348  O  O   . GLY A 1 70  ? -7.135  5.698   -10.707 1.00 53.08 ? 43  GLY A O   1 
ATOM   349  N  N   . PRO A 1 71  ? -4.970  6.072   -11.142 1.00 53.76 ? 44  PRO A N   1 
ATOM   350  C  CA  . PRO A 1 71  ? -3.548  5.782   -11.012 1.00 52.65 ? 44  PRO A CA  1 
ATOM   351  C  C   . PRO A 1 71  ? -3.043  6.202   -9.654  1.00 50.15 ? 44  PRO A C   1 
ATOM   352  O  O   . PRO A 1 71  ? -3.620  7.090   -9.039  1.00 48.63 ? 44  PRO A O   1 
ATOM   353  C  CB  . PRO A 1 71  ? -2.908  6.641   -12.111 1.00 49.56 ? 44  PRO A CB  1 
ATOM   354  C  CG  . PRO A 1 71  ? -4.058  7.301   -12.836 1.00 53.84 ? 44  PRO A CG  1 
ATOM   355  C  CD  . PRO A 1 71  ? -5.186  7.323   -11.877 1.00 49.18 ? 44  PRO A CD  1 
ATOM   356  N  N   . ASN A 1 72  ? -1.983  5.559   -9.188  1.00 46.84 ? 45  ASN A N   1 
ATOM   357  C  CA  . ASN A 1 72  ? -1.294  6.035   -7.999  1.00 52.97 ? 45  ASN A CA  1 
ATOM   358  C  C   . ASN A 1 72  ? 0.106   5.446   -8.013  1.00 57.77 ? 45  ASN A C   1 
ATOM   359  O  O   . ASN A 1 72  ? 0.259   4.225   -8.118  1.00 54.15 ? 45  ASN A O   1 
ATOM   360  C  CB  . ASN A 1 72  ? -2.043  5.651   -6.721  1.00 54.12 ? 45  ASN A CB  1 
ATOM   361  C  CG  . ASN A 1 72  ? -1.596  6.480   -5.519  1.00 61.89 ? 45  ASN A CG  1 
ATOM   362  O  OD1 . ASN A 1 72  ? -1.161  7.630   -5.673  1.00 67.92 ? 45  ASN A OD1 1 
ATOM   363  N  ND2 . ASN A 1 72  ? -1.692  5.906   -4.325  1.00 59.32 ? 45  ASN A ND2 1 
ATOM   364  N  N   . HIS A 1 73  ? 1.120   6.307   -7.940  1.00 59.66 ? 46  HIS A N   1 
ATOM   365  C  CA  . HIS A 1 73  ? 2.494   5.891   -7.705  1.00 55.68 ? 46  HIS A CA  1 
ATOM   366  C  C   . HIS A 1 73  ? 2.930   6.384   -6.332  1.00 59.04 ? 46  HIS A C   1 
ATOM   367  O  O   . HIS A 1 73  ? 2.356   7.322   -5.763  1.00 57.55 ? 46  HIS A O   1 
ATOM   368  C  CB  . HIS A 1 73  ? 3.457   6.434   -8.769  1.00 57.78 ? 46  HIS A CB  1 
ATOM   369  C  CG  . HIS A 1 73  ? 3.257   5.867   -10.143 1.00 58.90 ? 46  HIS A CG  1 
ATOM   370  N  ND1 . HIS A 1 73  ? 2.502   6.504   -11.107 1.00 55.47 ? 46  HIS A ND1 1 
ATOM   371  C  CD2 . HIS A 1 73  ? 3.743   4.744   -10.726 1.00 57.88 ? 46  HIS A CD2 1 
ATOM   372  C  CE1 . HIS A 1 73  ? 2.524   5.793   -12.221 1.00 54.08 ? 46  HIS A CE1 1 
ATOM   373  N  NE2 . HIS A 1 73  ? 3.261   4.714   -12.013 1.00 59.44 ? 46  HIS A NE2 1 
ATOM   374  N  N   . ARG A 1 74  ? 3.973   5.751   -5.810  1.00 54.66 ? 47  ARG A N   1 
ATOM   375  C  CA  . ARG A 1 74  ? 4.415   6.044   -4.459  1.00 55.67 ? 47  ARG A CA  1 
ATOM   376  C  C   . ARG A 1 74  ? 5.850   5.576   -4.308  1.00 56.94 ? 47  ARG A C   1 
ATOM   377  O  O   . ARG A 1 74  ? 6.324   4.721   -5.061  1.00 58.28 ? 47  ARG A O   1 
ATOM   378  C  CB  . ARG A 1 74  ? 3.527   5.361   -3.423  1.00 54.04 ? 47  ARG A CB  1 
ATOM   379  C  CG  . ARG A 1 74  ? 3.683   3.858   -3.427  1.00 54.50 ? 47  ARG A CG  1 
ATOM   380  C  CD  . ARG A 1 74  ? 2.470   3.184   -2.832  1.00 54.94 ? 47  ARG A CD  1 
ATOM   381  N  NE  . ARG A 1 74  ? 2.060   3.818   -1.591  1.00 53.46 ? 47  ARG A NE  1 
ATOM   382  C  CZ  . ARG A 1 74  ? 0.946   3.514   -0.943  1.00 60.98 ? 47  ARG A CZ  1 
ATOM   383  N  NH1 . ARG A 1 74  ? 0.136   2.575   -1.428  1.00 58.54 ? 47  ARG A NH1 1 
ATOM   384  N  NH2 . ARG A 1 74  ? 0.649   4.140   0.188   1.00 60.09 ? 47  ARG A NH2 1 
ATOM   385  N  N   . THR A 1 75  ? 6.533   6.150   -3.314  1.00 54.21 ? 48  THR A N   1 
ATOM   386  C  CA  . THR A 1 75  ? 7.923   5.837   -3.029  1.00 55.14 ? 48  THR A CA  1 
ATOM   387  C  C   . THR A 1 75  ? 8.107   5.055   -1.740  1.00 55.85 ? 48  THR A C   1 
ATOM   388  O  O   . THR A 1 75  ? 9.108   4.344   -1.600  1.00 58.83 ? 48  THR A O   1 
ATOM   389  C  CB  . THR A 1 75  ? 8.750   7.128   -2.943  1.00 55.29 ? 48  THR A CB  1 
ATOM   390  O  OG1 . THR A 1 75  ? 8.168   7.989   -1.955  1.00 53.72 ? 48  THR A OG1 1 
ATOM   391  C  CG2 . THR A 1 75  ? 8.758   7.835   -4.297  1.00 55.93 ? 48  THR A CG2 1 
ATOM   392  N  N   . ASP A 1 76  ? 7.166   5.157   -0.812  1.00 51.05 ? 49  ASP A N   1 
ATOM   393  C  CA  . ASP A 1 76  ? 7.285   4.463   0.459   1.00 55.05 ? 49  ASP A CA  1 
ATOM   394  C  C   . ASP A 1 76  ? 7.143   2.958   0.275   1.00 54.41 ? 49  ASP A C   1 
ATOM   395  O  O   . ASP A 1 76  ? 6.344   2.484   -0.536  1.00 54.02 ? 49  ASP A O   1 
ATOM   396  C  CB  . ASP A 1 76  ? 6.207   4.954   1.413   1.00 56.58 ? 49  ASP A CB  1 
ATOM   397  C  CG  . ASP A 1 76  ? 4.814   4.689   0.886   1.00 56.17 ? 49  ASP A CG  1 
ATOM   398  O  OD1 . ASP A 1 76  ? 4.207   3.671   1.281   1.00 56.54 ? 49  ASP A OD1 1 
ATOM   399  O  OD2 . ASP A 1 76  ? 4.334   5.501   0.069   1.00 59.13 ? 49  ASP A OD2 1 
ATOM   400  N  N   . TYR A 1 77  ? 7.923   2.212   1.043   1.00 53.87 ? 50  TYR A N   1 
ATOM   401  C  CA  . TYR A 1 77  ? 7.785   0.770   1.145   1.00 48.34 ? 50  TYR A CA  1 
ATOM   402  C  C   . TYR A 1 77  ? 7.074   0.426   2.448   1.00 51.29 ? 50  TYR A C   1 
ATOM   403  O  O   . TYR A 1 77  ? 7.238   1.107   3.465   1.00 49.95 ? 50  TYR A O   1 
ATOM   404  C  CB  . TYR A 1 77  ? 9.145   0.071   1.098   1.00 49.46 ? 50  TYR A CB  1 
ATOM   405  C  CG  . TYR A 1 77  ? 9.818   0.109   -0.255  1.00 53.09 ? 50  TYR A CG  1 
ATOM   406  C  CD1 . TYR A 1 77  ? 9.930   -1.042  -1.020  1.00 48.65 ? 50  TYR A CD1 1 
ATOM   407  C  CD2 . TYR A 1 77  ? 10.351  1.300   -0.763  1.00 55.48 ? 50  TYR A CD2 1 
ATOM   408  C  CE1 . TYR A 1 77  ? 10.543  -1.024  -2.253  1.00 51.90 ? 50  TYR A CE1 1 
ATOM   409  C  CE2 . TYR A 1 77  ? 10.966  1.332   -2.001  1.00 53.27 ? 50  TYR A CE2 1 
ATOM   410  C  CZ  . TYR A 1 77  ? 11.061  0.158   -2.740  1.00 53.71 ? 50  TYR A CZ  1 
ATOM   411  O  OH  . TYR A 1 77  ? 11.665  0.175   -3.974  1.00 51.42 ? 50  TYR A OH  1 
ATOM   412  N  N   . HIS A 1 78  ? 6.282   -0.642  2.399   1.00 50.01 ? 51  HIS A N   1 
ATOM   413  C  CA  . HIS A 1 78  ? 5.465   -1.109  3.509   1.00 47.72 ? 51  HIS A CA  1 
ATOM   414  C  C   . HIS A 1 78  ? 6.077   -2.381  4.079   1.00 49.01 ? 51  HIS A C   1 
ATOM   415  O  O   . HIS A 1 78  ? 6.521   -3.261  3.332   1.00 46.46 ? 51  HIS A O   1 
ATOM   416  C  CB  . HIS A 1 78  ? 4.021   -1.353  3.038   1.00 46.76 ? 51  HIS A CB  1 
ATOM   417  C  CG  . HIS A 1 78  ? 3.067   -1.752  4.122   1.00 49.10 ? 51  HIS A CG  1 
ATOM   418  N  ND1 . HIS A 1 78  ? 1.866   -2.382  3.855   1.00 51.59 ? 51  HIS A ND1 1 
ATOM   419  C  CD2 . HIS A 1 78  ? 3.129   -1.616  5.468   1.00 49.01 ? 51  HIS A CD2 1 
ATOM   420  C  CE1 . HIS A 1 78  ? 1.232   -2.614  4.989   1.00 50.52 ? 51  HIS A CE1 1 
ATOM   421  N  NE2 . HIS A 1 78  ? 1.974   -2.153  5.982   1.00 52.95 ? 51  HIS A NE2 1 
ATOM   422  N  N   . ASP A 1 79  ? 6.134   -2.449  5.405   1.00 51.18 ? 52  ASP A N   1 
ATOM   423  C  CA  . ASP A 1 79  ? 6.591   -3.616  6.151   1.00 48.22 ? 52  ASP A CA  1 
ATOM   424  C  C   . ASP A 1 79  ? 5.378   -4.081  6.955   1.00 51.51 ? 52  ASP A C   1 
ATOM   425  O  O   . ASP A 1 79  ? 5.099   -3.582  8.050   1.00 51.75 ? 52  ASP A O   1 
ATOM   426  C  CB  . ASP A 1 79  ? 7.793   -3.265  7.025   1.00 47.95 ? 52  ASP A CB  1 
ATOM   427  C  CG  . ASP A 1 79  ? 8.153   -4.357  8.012   1.00 51.95 ? 52  ASP A CG  1 
ATOM   428  O  OD1 . ASP A 1 79  ? 7.522   -5.457  8.006   1.00 52.36 ? 52  ASP A OD1 1 
ATOM   429  O  OD2 . ASP A 1 79  ? 9.068   -4.096  8.817   1.00 47.77 ? 52  ASP A OD2 1 
ATOM   430  N  N   . ASP A 1 80  ? 4.636   -5.006  6.381   1.00 50.15 ? 53  ASP A N   1 
ATOM   431  C  CA  . ASP A 1 80  ? 3.399   -5.496  6.969   1.00 48.19 ? 53  ASP A CA  1 
ATOM   432  C  C   . ASP A 1 80  ? 3.715   -6.657  7.903   1.00 47.91 ? 53  ASP A C   1 
ATOM   433  O  O   . ASP A 1 80  ? 4.400   -7.601  7.496   1.00 44.76 ? 53  ASP A O   1 
ATOM   434  C  CB  . ASP A 1 80  ? 2.434   -5.941  5.879   1.00 47.23 ? 53  ASP A CB  1 
ATOM   435  C  CG  . ASP A 1 80  ? 1.008   -6.115  6.387   1.00 50.62 ? 53  ASP A CG  1 
ATOM   436  O  OD1 . ASP A 1 80  ? 0.826   -6.508  7.565   1.00 48.58 ? 53  ASP A OD1 1 
ATOM   437  O  OD2 . ASP A 1 80  ? 0.070   -5.851  5.601   1.00 47.99 ? 53  ASP A OD2 1 
ATOM   438  N  N   . PRO A 1 81  ? 3.293   -6.599  9.170   1.00 43.55 ? 54  PRO A N   1 
ATOM   439  C  CA  . PRO A 1 81  ? 3.603   -7.683  10.096  1.00 49.99 ? 54  PRO A CA  1 
ATOM   440  C  C   . PRO A 1 81  ? 2.765   -8.927  9.855   1.00 47.75 ? 54  PRO A C   1 
ATOM   441  O  O   . PRO A 1 81  ? 2.986   -9.927  10.538  1.00 48.11 ? 54  PRO A O   1 
ATOM   442  C  CB  . PRO A 1 81  ? 3.286   -7.053  11.459  1.00 48.71 ? 54  PRO A CB  1 
ATOM   443  C  CG  . PRO A 1 81  ? 2.156   -6.171  11.166  1.00 47.00 ? 54  PRO A CG  1 
ATOM   444  C  CD  . PRO A 1 81  ? 2.421   -5.593  9.798   1.00 47.60 ? 54  PRO A CD  1 
ATOM   445  N  N   . LEU A 1 82  ? 1.824   -8.877  8.905   1.00 48.55 ? 55  LEU A N   1 
ATOM   446  C  CA  . LEU A 1 82  ? 0.977   -10.004 8.506   1.00 48.11 ? 55  LEU A CA  1 
ATOM   447  C  C   . LEU A 1 82  ? 0.951   -10.101 6.983   1.00 44.97 ? 55  LEU A C   1 
ATOM   448  O  O   . LEU A 1 82  ? 1.503   -9.257  6.270   1.00 50.19 ? 55  LEU A O   1 
ATOM   449  C  CB  . LEU A 1 82  ? -0.450  -9.839  9.050   1.00 46.69 ? 55  LEU A CB  1 
ATOM   450  C  CG  . LEU A 1 82  ? -0.544  -9.684  10.568  1.00 46.75 ? 55  LEU A CG  1 
ATOM   451  C  CD1 . LEU A 1 82  ? -1.897  -9.135  10.991  1.00 43.16 ? 55  LEU A CD1 1 
ATOM   452  C  CD2 . LEU A 1 82  ? -0.262  -11.030 11.222  1.00 51.69 ? 55  LEU A CD2 1 
ATOM   453  N  N   . GLU A 1 83  ? 0.253   -11.110 6.484   1.00 48.69 ? 56  GLU A N   1 
ATOM   454  C  CA  . GLU A 1 83  ? 0.197   -11.375 5.056   1.00 45.97 ? 56  GLU A CA  1 
ATOM   455  C  C   . GLU A 1 83  ? -0.748  -10.407 4.358   1.00 48.09 ? 56  GLU A C   1 
ATOM   456  O  O   . GLU A 1 83  ? -1.694  -9.888  4.958   1.00 47.22 ? 56  GLU A O   1 
ATOM   457  C  CB  . GLU A 1 83  ? -0.269  -12.814 4.815   1.00 46.05 ? 56  GLU A CB  1 
ATOM   458  C  CG  . GLU A 1 83  ? 0.637   -13.840 5.468   1.00 45.15 ? 56  GLU A CG  1 
ATOM   459  C  CD  . GLU A 1 83  ? 0.102   -15.245 5.369   1.00 52.30 ? 56  GLU A CD  1 
ATOM   460  O  OE1 . GLU A 1 83  ? -1.048  -15.413 4.908   1.00 49.40 ? 56  GLU A OE1 1 
ATOM   461  O  OE2 . GLU A 1 83  ? 0.838   -16.177 5.759   1.00 55.03 ? 56  GLU A OE2 1 
ATOM   462  N  N   . GLU A 1 84  ? -0.496  -10.182 3.070   1.00 44.50 ? 57  GLU A N   1 
ATOM   463  C  CA  . GLU A 1 84  ? -1.383  -9.397  2.223   1.00 46.05 ? 57  GLU A CA  1 
ATOM   464  C  C   . GLU A 1 84  ? -1.756  -10.236 1.012   1.00 45.79 ? 57  GLU A C   1 
ATOM   465  O  O   . GLU A 1 84  ? -0.873  -10.750 0.322   1.00 48.07 ? 57  GLU A O   1 
ATOM   466  C  CB  . GLU A 1 84  ? -0.726  -8.075  1.782   1.00 50.55 ? 57  GLU A CB  1 
ATOM   467  C  CG  . GLU A 1 84  ? -0.328  -7.176  2.932   1.00 50.28 ? 57  GLU A CG  1 
ATOM   468  C  CD  . GLU A 1 84  ? 0.158   -5.807  2.490   1.00 51.72 ? 57  GLU A CD  1 
ATOM   469  O  OE1 . GLU A 1 84  ? -0.132  -5.399  1.345   1.00 51.80 ? 57  GLU A OE1 1 
ATOM   470  O  OE2 . GLU A 1 84  ? 0.847   -5.141  3.294   1.00 51.72 ? 57  GLU A OE2 1 
ATOM   471  N  N   . PHE A 1 85  ? -3.061  -10.395 0.773   1.00 47.65 ? 58  PHE A N   1 
ATOM   472  C  CA  . PHE A 1 85  ? -3.576  -11.120 -0.381  1.00 42.25 ? 58  PHE A CA  1 
ATOM   473  C  C   . PHE A 1 85  ? -4.026  -10.132 -1.446  1.00 44.50 ? 58  PHE A C   1 
ATOM   474  O  O   . PHE A 1 85  ? -4.687  -9.132  -1.139  1.00 45.73 ? 58  PHE A O   1 
ATOM   475  C  CB  . PHE A 1 85  ? -4.744  -12.031 0.018   1.00 46.00 ? 58  PHE A CB  1 
ATOM   476  C  CG  . PHE A 1 85  ? -5.490  -12.606 -1.148  1.00 43.73 ? 58  PHE A CG  1 
ATOM   477  C  CD1 . PHE A 1 85  ? -5.009  -13.719 -1.814  1.00 44.44 ? 58  PHE A CD1 1 
ATOM   478  C  CD2 . PHE A 1 85  ? -6.666  -12.026 -1.594  1.00 46.39 ? 58  PHE A CD2 1 
ATOM   479  C  CE1 . PHE A 1 85  ? -5.692  -14.256 -2.891  1.00 44.31 ? 58  PHE A CE1 1 
ATOM   480  C  CE2 . PHE A 1 85  ? -7.349  -12.554 -2.681  1.00 43.82 ? 58  PHE A CE2 1 
ATOM   481  C  CZ  . PHE A 1 85  ? -6.860  -13.673 -3.322  1.00 44.49 ? 58  PHE A CZ  1 
ATOM   482  N  N   . PHE A 1 86  ? -3.647  -10.408 -2.695  1.00 42.83 ? 59  PHE A N   1 
ATOM   483  C  CA  . PHE A 1 86  ? -3.975  -9.563  -3.837  1.00 43.54 ? 59  PHE A CA  1 
ATOM   484  C  C   . PHE A 1 86  ? -4.720  -10.367 -4.888  1.00 43.06 ? 59  PHE A C   1 
ATOM   485  O  O   . PHE A 1 86  ? -4.347  -11.503 -5.194  1.00 43.22 ? 59  PHE A O   1 
ATOM   486  C  CB  . PHE A 1 86  ? -2.721  -8.969  -4.506  1.00 41.88 ? 59  PHE A CB  1 
ATOM   487  C  CG  . PHE A 1 86  ? -1.915  -8.079  -3.624  1.00 44.47 ? 59  PHE A CG  1 
ATOM   488  C  CD1 . PHE A 1 86  ? -1.941  -6.698  -3.804  1.00 46.55 ? 59  PHE A CD1 1 
ATOM   489  C  CD2 . PHE A 1 86  ? -1.118  -8.610  -2.627  1.00 43.16 ? 59  PHE A CD2 1 
ATOM   490  C  CE1 . PHE A 1 86  ? -1.202  -5.879  -3.015  1.00 41.75 ? 59  PHE A CE1 1 
ATOM   491  C  CE2 . PHE A 1 86  ? -0.371  -7.781  -1.819  1.00 46.85 ? 59  PHE A CE2 1 
ATOM   492  C  CZ  . PHE A 1 86  ? -0.414  -6.415  -2.015  1.00 48.88 ? 59  PHE A CZ  1 
ATOM   493  N  N   . TYR A 1 87  ? -5.743  -9.757  -5.478  1.00 44.86 ? 60  TYR A N   1 
ATOM   494  C  CA  . TYR A 1 87  ? -6.405  -10.319 -6.653  1.00 45.60 ? 60  TYR A CA  1 
ATOM   495  C  C   . TYR A 1 87  ? -6.705  -9.156  -7.594  1.00 44.11 ? 60  TYR A C   1 
ATOM   496  O  O   . TYR A 1 87  ? -7.554  -8.313  -7.293  1.00 44.47 ? 60  TYR A O   1 
ATOM   497  C  CB  . TYR A 1 87  ? -7.671  -11.085 -6.259  1.00 44.32 ? 60  TYR A CB  1 
ATOM   498  C  CG  . TYR A 1 87  ? -8.413  -11.709 -7.421  1.00 47.10 ? 60  TYR A CG  1 
ATOM   499  C  CD1 . TYR A 1 87  ? -7.861  -11.717 -8.695  1.00 47.04 ? 60  TYR A CD1 1 
ATOM   500  C  CD2 . TYR A 1 87  ? -9.671  -12.279 -7.245  1.00 44.98 ? 60  TYR A CD2 1 
ATOM   501  C  CE1 . TYR A 1 87  ? -8.531  -12.265 -9.759  1.00 48.87 ? 60  TYR A CE1 1 
ATOM   502  C  CE2 . TYR A 1 87  ? -10.354 -12.829 -8.310  1.00 44.41 ? 60  TYR A CE2 1 
ATOM   503  C  CZ  . TYR A 1 87  ? -9.771  -12.826 -9.563  1.00 47.69 ? 60  TYR A CZ  1 
ATOM   504  O  OH  . TYR A 1 87  ? -10.425 -13.364 -10.642 1.00 49.98 ? 60  TYR A OH  1 
ATOM   505  N  N   . GLN A 1 88  ? -5.990  -9.095  -8.716  1.00 46.32 ? 61  GLN A N   1 
ATOM   506  C  CA  . GLN A 1 88  ? -6.058  -7.951  -9.628  1.00 47.50 ? 61  GLN A CA  1 
ATOM   507  C  C   . GLN A 1 88  ? -7.185  -8.214  -10.617 1.00 46.48 ? 61  GLN A C   1 
ATOM   508  O  O   . GLN A 1 88  ? -6.989  -8.803  -11.681 1.00 43.30 ? 61  GLN A O   1 
ATOM   509  C  CB  . GLN A 1 88  ? -4.720  -7.724  -10.330 1.00 45.51 ? 61  GLN A CB  1 
ATOM   510  C  CG  . GLN A 1 88  ? -4.656  -6.453  -11.211 1.00 45.19 ? 61  GLN A CG  1 
ATOM   511  C  CD  . GLN A 1 88  ? -4.517  -5.163  -10.393 1.00 46.83 ? 61  GLN A CD  1 
ATOM   512  O  OE1 . GLN A 1 88  ? -3.694  -5.082  -9.480  1.00 42.67 ? 61  GLN A OE1 1 
ATOM   513  N  NE2 . GLN A 1 88  ? -5.339  -4.160  -10.708 1.00 42.84 ? 61  GLN A NE2 1 
ATOM   514  N  N   . LEU A 1 89  ? -8.382  -7.745  -10.262 1.00 46.04 ? 62  LEU A N   1 
ATOM   515  C  CA  . LEU A 1 89  ? -9.550  -7.942  -11.112 1.00 42.61 ? 62  LEU A CA  1 
ATOM   516  C  C   . LEU A 1 89  ? -9.435  -7.178  -12.422 1.00 47.62 ? 62  LEU A C   1 
ATOM   517  O  O   . LEU A 1 89  ? -9.774  -7.712  -13.480 1.00 46.37 ? 62  LEU A O   1 
ATOM   518  C  CB  . LEU A 1 89  ? -10.808 -7.513  -10.366 1.00 45.64 ? 62  LEU A CB  1 
ATOM   519  C  CG  . LEU A 1 89  ? -10.870 -7.931  -8.899  1.00 48.69 ? 62  LEU A CG  1 
ATOM   520  C  CD1 . LEU A 1 89  ? -11.997 -7.204  -8.180  1.00 52.07 ? 62  LEU A CD1 1 
ATOM   521  C  CD2 . LEU A 1 89  ? -11.032 -9.433  -8.769  1.00 48.31 ? 62  LEU A CD2 1 
ATOM   522  N  N   . ARG A 1 90  ? -8.976  -5.924  -12.382 1.00 48.09 ? 63  ARG A N   1 
ATOM   523  C  CA  . ARG A 1 90  ? -9.011  -5.069  -13.563 1.00 44.84 ? 63  ARG A CA  1 
ATOM   524  C  C   . ARG A 1 90  ? -7.684  -4.359  -13.740 1.00 49.59 ? 63  ARG A C   1 
ATOM   525  O  O   . ARG A 1 90  ? -7.100  -3.860  -12.772 1.00 49.71 ? 63  ARG A O   1 
ATOM   526  C  CB  . ARG A 1 90  ? -10.131 -4.026  -13.472 1.00 44.84 ? 63  ARG A CB  1 
ATOM   527  C  CG  . ARG A 1 90  ? -11.537 -4.611  -13.363 1.00 50.06 ? 63  ARG A CG  1 
ATOM   528  C  CD  . ARG A 1 90  ? -12.572 -3.506  -13.218 1.00 51.15 ? 63  ARG A CD  1 
ATOM   529  N  NE  . ARG A 1 90  ? -13.887 -4.049  -12.920 1.00 45.33 ? 63  ARG A NE  1 
ATOM   530  C  CZ  . ARG A 1 90  ? -15.008 -3.340  -12.796 1.00 51.75 ? 63  ARG A CZ  1 
ATOM   531  N  NH1 . ARG A 1 90  ? -14.996 -2.026  -12.948 1.00 54.87 ? 63  ARG A NH1 1 
ATOM   532  N  NH2 . ARG A 1 90  ? -16.153 -3.956  -12.516 1.00 55.39 ? 63  ARG A NH2 1 
ATOM   533  N  N   . GLY A 1 91  ? -7.225  -4.300  -14.983 1.00 49.77 ? 64  GLY A N   1 
ATOM   534  C  CA  . GLY A 1 91  ? -5.994  -3.605  -15.258 1.00 49.29 ? 64  GLY A CA  1 
ATOM   535  C  C   . GLY A 1 91  ? -4.802  -4.266  -14.583 1.00 51.74 ? 64  GLY A C   1 
ATOM   536  O  O   . GLY A 1 91  ? -4.881  -5.344  -13.992 1.00 47.80 ? 64  GLY A O   1 
ATOM   537  N  N   . ASN A 1 92  ? -3.674  -3.561  -14.674 1.00 51.01 ? 65  ASN A N   1 
ATOM   538  C  CA  . ASN A 1 92  ? -2.386  -4.070  -14.235 1.00 52.28 ? 65  ASN A CA  1 
ATOM   539  C  C   . ASN A 1 92  ? -1.786  -3.190  -13.154 1.00 48.76 ? 65  ASN A C   1 
ATOM   540  O  O   . ASN A 1 92  ? -2.109  -2.009  -13.020 1.00 53.71 ? 65  ASN A O   1 
ATOM   541  C  CB  . ASN A 1 92  ? -1.410  -4.173  -15.406 1.00 53.69 ? 65  ASN A CB  1 
ATOM   542  C  CG  . ASN A 1 92  ? -1.976  -4.975  -16.538 1.00 54.01 ? 65  ASN A CG  1 
ATOM   543  O  OD1 . ASN A 1 92  ? -2.081  -6.195  -16.451 1.00 55.66 ? 65  ASN A OD1 1 
ATOM   544  N  ND2 . ASN A 1 92  ? -2.374  -4.297  -17.600 1.00 57.20 ? 65  ASN A ND2 1 
ATOM   545  N  N   . ALA A 1 93  ? -0.891  -3.792  -12.385 1.00 48.45 ? 66  ALA A N   1 
ATOM   546  C  CA  . ALA A 1 93  ? -0.156  -3.096  -11.348 1.00 47.55 ? 66  ALA A CA  1 
ATOM   547  C  C   . ALA A 1 93  ? 1.135   -3.862  -11.136 1.00 48.57 ? 66  ALA A C   1 
ATOM   548  O  O   . ALA A 1 93  ? 1.366   -4.902  -11.756 1.00 54.88 ? 66  ALA A O   1 
ATOM   549  C  CB  . ALA A 1 93  ? -0.981  -2.988  -10.064 1.00 46.50 ? 66  ALA A CB  1 
ATOM   550  N  N   . TYR A 1 94  ? 1.983   -3.350  -10.256 1.00 50.00 ? 67  TYR A N   1 
ATOM   551  C  CA  . TYR A 1 94  ? 3.168   -4.109  -9.887  1.00 51.43 ? 67  TYR A CA  1 
ATOM   552  C  C   . TYR A 1 94  ? 3.632   -3.669  -8.511  1.00 48.99 ? 67  TYR A C   1 
ATOM   553  O  O   . TYR A 1 94  ? 3.186   -2.656  -7.973  1.00 48.55 ? 67  TYR A O   1 
ATOM   554  C  CB  . TYR A 1 94  ? 4.296   -3.956  -10.919 1.00 56.74 ? 67  TYR A CB  1 
ATOM   555  C  CG  . TYR A 1 94  ? 4.745   -2.535  -11.184 1.00 53.74 ? 67  TYR A CG  1 
ATOM   556  C  CD1 . TYR A 1 94  ? 4.058   -1.729  -12.078 1.00 55.12 ? 67  TYR A CD1 1 
ATOM   557  C  CD2 . TYR A 1 94  ? 5.861   -2.011  -10.551 1.00 56.72 ? 67  TYR A CD2 1 
ATOM   558  C  CE1 . TYR A 1 94  ? 4.458   -0.435  -12.327 1.00 57.11 ? 67  TYR A CE1 1 
ATOM   559  C  CE2 . TYR A 1 94  ? 6.281   -0.714  -10.794 1.00 55.50 ? 67  TYR A CE2 1 
ATOM   560  C  CZ  . TYR A 1 94  ? 5.573   0.071   -11.685 1.00 60.13 ? 67  TYR A CZ  1 
ATOM   561  O  OH  . TYR A 1 94  ? 5.974   1.362   -11.937 1.00 56.03 ? 67  TYR A OH  1 
ATOM   562  N  N   . LEU A 1 95  ? 4.520   -4.469  -7.942  1.00 52.02 ? 68  LEU A N   1 
ATOM   563  C  CA  . LEU A 1 95  ? 5.098   -4.205  -6.639  1.00 50.90 ? 68  LEU A CA  1 
ATOM   564  C  C   . LEU A 1 95  ? 6.603   -4.123  -6.796  1.00 54.84 ? 68  LEU A C   1 
ATOM   565  O  O   . LEU A 1 95  ? 7.225   -5.057  -7.314  1.00 54.10 ? 68  LEU A O   1 
ATOM   566  C  CB  . LEU A 1 95  ? 4.753   -5.297  -5.636  1.00 49.81 ? 68  LEU A CB  1 
ATOM   567  C  CG  . LEU A 1 95  ? 3.308   -5.421  -5.193  1.00 53.29 ? 68  LEU A CG  1 
ATOM   568  C  CD1 . LEU A 1 95  ? 2.565   -6.339  -6.150  1.00 55.64 ? 68  LEU A CD1 1 
ATOM   569  C  CD2 . LEU A 1 95  ? 3.291   -5.971  -3.776  1.00 49.59 ? 68  LEU A CD2 1 
ATOM   570  N  N   . ASN A 1 96  ? 7.179   -3.017  -6.349  1.00 47.75 ? 69  ASN A N   1 
ATOM   571  C  CA  . ASN A 1 96  ? 8.610   -2.975  -6.118  1.00 53.16 ? 69  ASN A CA  1 
ATOM   572  C  C   . ASN A 1 96  ? 8.888   -3.639  -4.776  1.00 51.33 ? 69  ASN A C   1 
ATOM   573  O  O   . ASN A 1 96  ? 8.171   -3.405  -3.799  1.00 52.61 ? 69  ASN A O   1 
ATOM   574  C  CB  . ASN A 1 96  ? 9.114   -1.529  -6.166  1.00 50.37 ? 69  ASN A CB  1 
ATOM   575  C  CG  . ASN A 1 96  ? 9.042   -0.950  -7.563  1.00 52.92 ? 69  ASN A CG  1 
ATOM   576  O  OD1 . ASN A 1 96  ? 9.245   -1.666  -8.544  1.00 57.99 ? 69  ASN A OD1 1 
ATOM   577  N  ND2 . ASN A 1 96  ? 8.727   0.334   -7.668  1.00 52.38 ? 69  ASN A ND2 1 
ATOM   578  N  N   . LEU A 1 97  ? 9.892   -4.503  -4.741  1.00 51.23 ? 70  LEU A N   1 
ATOM   579  C  CA  . LEU A 1 97  ? 10.140  -5.329  -3.575  1.00 52.35 ? 70  LEU A CA  1 
ATOM   580  C  C   . LEU A 1 97  ? 11.615  -5.282  -3.223  1.00 60.03 ? 70  LEU A C   1 
ATOM   581  O  O   . LEU A 1 97  ? 12.465  -4.948  -4.052  1.00 66.14 ? 70  LEU A O   1 
ATOM   582  C  CB  . LEU A 1 97  ? 9.720   -6.790  -3.819  1.00 59.20 ? 70  LEU A CB  1 
ATOM   583  C  CG  . LEU A 1 97  ? 8.351   -7.042  -4.448  1.00 56.73 ? 70  LEU A CG  1 
ATOM   584  C  CD1 . LEU A 1 97  ? 8.183   -8.508  -4.804  1.00 51.73 ? 70  LEU A CD1 1 
ATOM   585  C  CD2 . LEU A 1 97  ? 7.241   -6.592  -3.509  1.00 55.58 ? 70  LEU A CD2 1 
ATOM   586  N  N   . TRP A 1 98  ? 11.906  -5.599  -1.965  1.00 62.86 ? 71  TRP A N   1 
ATOM   587  C  CA  . TRP A 1 98  ? 13.231  -6.040  -1.542  1.00 66.45 ? 71  TRP A CA  1 
ATOM   588  C  C   . TRP A 1 98  ? 13.089  -7.526  -1.223  1.00 69.01 ? 71  TRP A C   1 
ATOM   589  O  O   . TRP A 1 98  ? 12.351  -7.898  -0.303  1.00 65.88 ? 71  TRP A O   1 
ATOM   590  C  CB  . TRP A 1 98  ? 13.744  -5.247  -0.338  1.00 62.16 ? 71  TRP A CB  1 
ATOM   591  C  CG  . TRP A 1 98  ? 14.136  -3.793  -0.623  1.00 66.01 ? 71  TRP A CG  1 
ATOM   592  C  CD1 . TRP A 1 98  ? 13.359  -2.681  -0.426  1.00 65.50 ? 71  TRP A CD1 1 
ATOM   593  C  CD2 . TRP A 1 98  ? 15.401  -3.308  -1.123  1.00 68.13 ? 71  TRP A CD2 1 
ATOM   594  N  NE1 . TRP A 1 98  ? 14.057  -1.540  -0.784  1.00 63.70 ? 71  TRP A NE1 1 
ATOM   595  C  CE2 . TRP A 1 98  ? 15.306  -1.899  -1.218  1.00 65.49 ? 71  TRP A CE2 1 
ATOM   596  C  CE3 . TRP A 1 98  ? 16.595  -3.927  -1.512  1.00 71.93 ? 71  TRP A CE3 1 
ATOM   597  C  CZ2 . TRP A 1 98  ? 16.362  -1.104  -1.675  1.00 68.89 ? 71  TRP A CZ2 1 
ATOM   598  C  CZ3 . TRP A 1 98  ? 17.639  -3.138  -1.968  1.00 67.32 ? 71  TRP A CZ3 1 
ATOM   599  C  CH2 . TRP A 1 98  ? 17.516  -1.740  -2.042  1.00 73.54 ? 71  TRP A CH2 1 
ATOM   600  N  N   . VAL A 1 99  ? 13.746  -8.374  -2.014  1.00 72.35 ? 72  VAL A N   1 
ATOM   601  C  CA  . VAL A 1 99  ? 13.789  -9.817  -1.777  1.00 74.89 ? 72  VAL A CA  1 
ATOM   602  C  C   . VAL A 1 99  ? 15.247  -10.254 -1.764  1.00 75.57 ? 72  VAL A C   1 
ATOM   603  O  O   . VAL A 1 99  ? 16.003  -9.937  -2.691  1.00 78.29 ? 72  VAL A O   1 
ATOM   604  C  CB  . VAL A 1 99  ? 13.004  -10.622 -2.838  1.00 77.23 ? 72  VAL A CB  1 
ATOM   605  C  CG1 . VAL A 1 99  ? 13.177  -12.133 -2.605  1.00 68.18 ? 72  VAL A CG1 1 
ATOM   606  C  CG2 . VAL A 1 99  ? 11.518  -10.256 -2.841  1.00 70.71 ? 72  VAL A CG2 1 
ATOM   607  N  N   . ASP A 1 100 ? 15.640  -10.981 -0.717  1.00 78.69 ? 73  ASP A N   1 
ATOM   608  C  CA  . ASP A 1 100 ? 16.979  -11.551 -0.587  1.00 81.45 ? 73  ASP A CA  1 
ATOM   609  C  C   . ASP A 1 100 ? 18.081  -10.495 -0.654  1.00 81.52 ? 73  ASP A C   1 
ATOM   610  O  O   . ASP A 1 100 ? 19.258  -10.842 -0.814  1.00 80.80 ? 73  ASP A O   1 
ATOM   611  C  CB  . ASP A 1 100 ? 17.213  -12.631 -1.650  1.00 80.91 ? 73  ASP A CB  1 
ATOM   612  C  CG  . ASP A 1 100 ? 18.139  -13.734 -1.173  1.00 85.62 ? 73  ASP A CG  1 
ATOM   613  O  OD1 . ASP A 1 100 ? 17.903  -14.261 -0.062  1.00 88.66 ? 73  ASP A OD1 1 
ATOM   614  O  OD2 . ASP A 1 100 ? 19.087  -14.082 -1.918  1.00 87.79 ? 73  ASP A OD2 1 
ATOM   615  N  N   . GLY A 1 101 ? 17.729  -9.214  -0.530  1.00 79.05 ? 74  GLY A N   1 
ATOM   616  C  CA  . GLY A 1 101 ? 18.692  -8.136  -0.521  1.00 76.00 ? 74  GLY A CA  1 
ATOM   617  C  C   . GLY A 1 101 ? 18.784  -7.335  -1.800  1.00 76.65 ? 74  GLY A C   1 
ATOM   618  O  O   . GLY A 1 101 ? 19.541  -6.359  -1.841  1.00 72.27 ? 74  GLY A O   1 
ATOM   619  N  N   . ARG A 1 102 ? 18.052  -7.712  -2.844  1.00 75.64 ? 75  ARG A N   1 
ATOM   620  C  CA  . ARG A 1 102 ? 18.088  -6.992  -4.108  1.00 75.79 ? 75  ARG A CA  1 
ATOM   621  C  C   . ARG A 1 102 ? 16.722  -6.382  -4.399  1.00 74.22 ? 75  ARG A C   1 
ATOM   622  O  O   . ARG A 1 102 ? 15.693  -6.847  -3.904  1.00 75.49 ? 75  ARG A O   1 
ATOM   623  C  CB  . ARG A 1 102 ? 18.512  -7.914  -5.262  1.00 68.03 ? 75  ARG A CB  1 
ATOM   624  N  N   . ARG A 1 103 ? 16.718  -5.308  -5.189  1.00 74.63 ? 76  ARG A N   1 
ATOM   625  C  CA  . ARG A 1 103 ? 15.464  -4.779  -5.706  1.00 72.77 ? 76  ARG A CA  1 
ATOM   626  C  C   . ARG A 1 103 ? 14.829  -5.770  -6.679  1.00 73.78 ? 76  ARG A C   1 
ATOM   627  O  O   . ARG A 1 103 ? 15.520  -6.494  -7.405  1.00 77.81 ? 76  ARG A O   1 
ATOM   628  C  CB  . ARG A 1 103 ? 15.684  -3.449  -6.411  1.00 62.75 ? 76  ARG A CB  1 
ATOM   629  C  CG  . ARG A 1 103 ? 16.133  -2.320  -5.524  1.00 74.73 ? 76  ARG A CG  1 
ATOM   630  C  CD  . ARG A 1 103 ? 15.922  -1.012  -6.270  1.00 70.33 ? 76  ARG A CD  1 
ATOM   631  N  NE  . ARG A 1 103 ? 16.751  0.080   -5.789  1.00 76.61 ? 76  ARG A NE  1 
ATOM   632  C  CZ  . ARG A 1 103 ? 16.460  0.817   -4.727  1.00 75.61 ? 76  ARG A CZ  1 
ATOM   633  N  NH1 . ARG A 1 103 ? 15.364  0.548   -4.022  1.00 65.98 ? 76  ARG A NH1 1 
ATOM   634  N  NH2 . ARG A 1 103 ? 17.264  1.816   -4.373  1.00 67.63 ? 76  ARG A NH2 1 
ATOM   635  N  N   . GLU A 1 104 ? 13.496  -5.787  -6.704  1.00 68.31 ? 77  GLU A N   1 
ATOM   636  C  CA  . GLU A 1 104 ? 12.756  -6.736  -7.527  1.00 71.22 ? 77  GLU A CA  1 
ATOM   637  C  C   . GLU A 1 104 ? 11.377  -6.175  -7.827  1.00 65.50 ? 77  GLU A C   1 
ATOM   638  O  O   . GLU A 1 104 ? 10.790  -5.454  -7.014  1.00 66.93 ? 77  GLU A O   1 
ATOM   639  C  CB  . GLU A 1 104 ? 12.597  -8.098  -6.844  1.00 65.30 ? 77  GLU A CB  1 
ATOM   640  C  CG  . GLU A 1 104 ? 13.895  -8.769  -6.444  1.00 76.89 ? 77  GLU A CG  1 
ATOM   641  C  CD  . GLU A 1 104 ? 14.420  -9.714  -7.507  1.00 87.89 ? 77  GLU A CD  1 
ATOM   642  O  OE1 . GLU A 1 104 ? 13.877  -10.841 -7.628  1.00 87.15 ? 77  GLU A OE1 1 
ATOM   643  O  OE2 . GLU A 1 104 ? 15.375  -9.325  -8.219  1.00 91.46 ? 77  GLU A OE2 1 
ATOM   644  N  N   . ARG A 1 105 ? 10.866  -6.509  -9.002  1.00 59.70 ? 78  ARG A N   1 
ATOM   645  C  CA  . ARG A 1 105 ? 9.495   -6.202  -9.358  1.00 60.53 ? 78  ARG A CA  1 
ATOM   646  C  C   . ARG A 1 105 ? 8.711   -7.502  -9.465  1.00 60.81 ? 78  ARG A C   1 
ATOM   647  O  O   . ARG A 1 105 ? 9.225   -8.514  -9.953  1.00 65.61 ? 78  ARG A O   1 
ATOM   648  C  CB  . ARG A 1 105 ? 9.414   -5.410  -10.668 1.00 63.51 ? 78  ARG A CB  1 
ATOM   649  C  CG  . ARG A 1 105 ? 7.988   -5.060  -11.074 1.00 63.95 ? 78  ARG A CG  1 
ATOM   650  C  CD  . ARG A 1 105 ? 7.928   -4.075  -12.226 1.00 59.58 ? 78  ARG A CD  1 
ATOM   651  N  NE  . ARG A 1 105 ? 8.977   -4.317  -13.207 1.00 67.56 ? 78  ARG A NE  1 
ATOM   652  C  CZ  . ARG A 1 105 ? 9.017   -5.368  -14.022 1.00 70.78 ? 78  ARG A CZ  1 
ATOM   653  N  NH1 . ARG A 1 105 ? 8.066   -6.288  -13.963 1.00 71.25 ? 78  ARG A NH1 1 
ATOM   654  N  NH2 . ARG A 1 105 ? 10.015  -5.505  -14.890 1.00 74.00 ? 78  ARG A NH2 1 
ATOM   655  N  N   . ALA A 1 106 ? 7.491   -7.482  -8.944  1.00 60.33 ? 79  ALA A N   1 
ATOM   656  C  CA  . ALA A 1 106 ? 6.513   -8.542  -9.144  1.00 55.12 ? 79  ALA A CA  1 
ATOM   657  C  C   . ALA A 1 106 ? 5.319   -7.913  -9.835  1.00 55.14 ? 79  ALA A C   1 
ATOM   658  O  O   . ALA A 1 106 ? 4.829   -6.864  -9.400  1.00 56.31 ? 79  ALA A O   1 
ATOM   659  C  CB  . ALA A 1 106 ? 6.092   -9.181  -7.820  1.00 54.64 ? 79  ALA A CB  1 
ATOM   660  N  N   . ASP A 1 107 ? 4.873   -8.523  -10.924 1.00 52.29 ? 80  ASP A N   1 
ATOM   661  C  CA  . ASP A 1 107 ? 3.827   -7.938  -11.751 1.00 56.86 ? 80  ASP A CA  1 
ATOM   662  C  C   . ASP A 1 107 ? 2.472   -8.544  -11.408 1.00 55.53 ? 80  ASP A C   1 
ATOM   663  O  O   . ASP A 1 107 ? 2.325   -9.770  -11.368 1.00 53.04 ? 80  ASP A O   1 
ATOM   664  C  CB  . ASP A 1 107 ? 4.143   -8.125  -13.233 1.00 56.55 ? 80  ASP A CB  1 
ATOM   665  C  CG  . ASP A 1 107 ? 4.882   -6.932  -13.818 1.00 60.26 ? 80  ASP A CG  1 
ATOM   666  O  OD1 . ASP A 1 107 ? 4.307   -5.829  -13.843 1.00 59.21 ? 80  ASP A OD1 1 
ATOM   667  O  OD2 . ASP A 1 107 ? 6.038   -7.091  -14.244 1.00 65.00 ? 80  ASP A OD2 1 
ATOM   668  N  N   . LEU A 1 108 ? 1.497   -7.678  -11.142 1.00 54.16 ? 81  LEU A N   1 
ATOM   669  C  CA  . LEU A 1 108 ? 0.102   -8.084  -11.011 1.00 50.41 ? 81  LEU A CA  1 
ATOM   670  C  C   . LEU A 1 108 ? -0.616  -7.787  -12.322 1.00 52.29 ? 81  LEU A C   1 
ATOM   671  O  O   . LEU A 1 108 ? -1.370  -6.824  -12.455 1.00 51.00 ? 81  LEU A O   1 
ATOM   672  C  CB  . LEU A 1 108 ? -0.566  -7.354  -9.854  1.00 49.27 ? 81  LEU A CB  1 
ATOM   673  C  CG  . LEU A 1 108 ? -0.033  -7.601  -8.452  1.00 50.13 ? 81  LEU A CG  1 
ATOM   674  C  CD1 . LEU A 1 108 ? -0.703  -6.643  -7.478  1.00 44.98 ? 81  LEU A CD1 1 
ATOM   675  C  CD2 . LEU A 1 108 ? -0.293  -9.052  -8.076  1.00 50.81 ? 81  LEU A CD2 1 
ATOM   676  N  N   . LYS A 1 109 ? -0.347  -8.625  -13.314 1.00 54.24 ? 82  LYS A N   1 
ATOM   677  C  CA  . LYS A 1 109 ? -1.135  -8.542  -14.530 1.00 51.60 ? 82  LYS A CA  1 
ATOM   678  C  C   . LYS A 1 109 ? -2.589  -8.866  -14.201 1.00 50.84 ? 82  LYS A C   1 
ATOM   679  O  O   . LYS A 1 109 ? -2.908  -9.441  -13.155 1.00 49.72 ? 82  LYS A O   1 
ATOM   680  C  CB  . LYS A 1 109 ? -0.572  -9.479  -15.597 1.00 53.39 ? 82  LYS A CB  1 
ATOM   681  C  CG  . LYS A 1 109 ? 0.899   -9.201  -15.930 1.00 61.99 ? 82  LYS A CG  1 
ATOM   682  C  CD  . LYS A 1 109 ? 1.562   -10.385 -16.645 1.00 64.51 ? 82  LYS A CD  1 
ATOM   683  C  CE  . LYS A 1 109 ? 1.455   -11.693 -15.835 1.00 66.27 ? 82  LYS A CE  1 
ATOM   684  N  NZ  . LYS A 1 109 ? 2.181   -11.669 -14.519 1.00 63.58 ? 82  LYS A NZ  1 
ATOM   685  N  N   . GLU A 1 110 ? -3.483  -8.455  -15.088 1.00 52.10 ? 83  GLU A N   1 
ATOM   686  C  CA  . GLU A 1 110 ? -4.901  -8.639  -14.824 1.00 48.54 ? 83  GLU A CA  1 
ATOM   687  C  C   . GLU A 1 110 ? -5.225  -10.116 -14.667 1.00 52.71 ? 83  GLU A C   1 
ATOM   688  O  O   . GLU A 1 110 ? -4.801  -10.946 -15.479 1.00 51.91 ? 83  GLU A O   1 
ATOM   689  C  CB  . GLU A 1 110 ? -5.720  -8.039  -15.955 1.00 51.33 ? 83  GLU A CB  1 
ATOM   690  C  CG  . GLU A 1 110 ? -7.216  -8.107  -15.740 1.00 46.76 ? 83  GLU A CG  1 
ATOM   691  C  CD  . GLU A 1 110 ? -7.947  -7.486  -16.899 1.00 54.93 ? 83  GLU A CD  1 
ATOM   692  O  OE1 . GLU A 1 110 ? -8.285  -8.242  -17.832 1.00 58.69 ? 83  GLU A OE1 1 
ATOM   693  O  OE2 . GLU A 1 110 ? -8.139  -6.243  -16.911 1.00 53.92 ? 83  GLU A OE2 1 
ATOM   694  N  N   . GLY A 1 111 ? -5.999  -10.439 -13.625 1.00 51.23 ? 84  GLY A N   1 
ATOM   695  C  CA  . GLY A 1 111 ? -6.354  -11.807 -13.299 1.00 45.43 ? 84  GLY A CA  1 
ATOM   696  C  C   . GLY A 1 111 ? -5.405  -12.503 -12.351 1.00 46.13 ? 84  GLY A C   1 
ATOM   697  O  O   . GLY A 1 111 ? -5.745  -13.567 -11.831 1.00 49.82 ? 84  GLY A O   1 
ATOM   698  N  N   . ASP A 1 112 ? -4.230  -11.936 -12.100 1.00 47.88 ? 85  ASP A N   1 
ATOM   699  C  CA  . ASP A 1 112 ? -3.280  -12.532 -11.177 1.00 48.41 ? 85  ASP A CA  1 
ATOM   700  C  C   . ASP A 1 112 ? -3.801  -12.487 -9.744  1.00 48.80 ? 85  ASP A C   1 
ATOM   701  O  O   . ASP A 1 112 ? -4.496  -11.547 -9.332  1.00 40.44 ? 85  ASP A O   1 
ATOM   702  C  CB  . ASP A 1 112 ? -1.936  -11.797 -11.237 1.00 50.90 ? 85  ASP A CB  1 
ATOM   703  C  CG  . ASP A 1 112 ? -1.117  -12.126 -12.490 1.00 55.35 ? 85  ASP A CG  1 
ATOM   704  O  OD1 . ASP A 1 112 ? -1.570  -12.941 -13.325 1.00 55.67 ? 85  ASP A OD1 1 
ATOM   705  O  OD2 . ASP A 1 112 ? -0.001  -11.559 -12.630 1.00 55.08 ? 85  ASP A OD2 1 
ATOM   706  N  N   . ILE A 1 113 ? -3.440  -13.514 -8.974  1.00 44.43 ? 86  ILE A N   1 
ATOM   707  C  CA  . ILE A 1 113 ? -3.515  -13.452 -7.522  1.00 44.91 ? 86  ILE A CA  1 
ATOM   708  C  C   . ILE A 1 113 ? -2.110  -13.654 -6.969  1.00 45.27 ? 86  ILE A C   1 
ATOM   709  O  O   . ILE A 1 113 ? -1.208  -14.136 -7.658  1.00 47.19 ? 86  ILE A O   1 
ATOM   710  C  CB  . ILE A 1 113 ? -4.487  -14.488 -6.931  1.00 44.85 ? 86  ILE A CB  1 
ATOM   711  C  CG1 . ILE A 1 113 ? -4.114  -15.888 -7.433  1.00 45.99 ? 86  ILE A CG1 1 
ATOM   712  C  CG2 . ILE A 1 113 ? -5.923  -14.092 -7.257  1.00 43.25 ? 86  ILE A CG2 1 
ATOM   713  C  CD1 . ILE A 1 113 ? -4.686  -17.006 -6.618  1.00 47.03 ? 86  ILE A CD1 1 
ATOM   714  N  N   . PHE A 1 114 ? -1.940  -13.297 -5.696  1.00 43.44 ? 87  PHE A N   1 
ATOM   715  C  CA  . PHE A 1 114 ? -0.621  -13.207 -5.082  1.00 44.56 ? 87  PHE A CA  1 
ATOM   716  C  C   . PHE A 1 114 ? -0.811  -13.146 -3.577  1.00 43.91 ? 87  PHE A C   1 
ATOM   717  O  O   . PHE A 1 114 ? -1.710  -12.454 -3.093  1.00 45.28 ? 87  PHE A O   1 
ATOM   718  C  CB  . PHE A 1 114 ? 0.127   -11.962 -5.603  1.00 47.64 ? 87  PHE A CB  1 
ATOM   719  C  CG  . PHE A 1 114 ? 1.504   -11.743 -5.008  1.00 45.62 ? 87  PHE A CG  1 
ATOM   720  C  CD1 . PHE A 1 114 ? 2.463   -12.740 -5.033  1.00 43.33 ? 87  PHE A CD1 1 
ATOM   721  C  CD2 . PHE A 1 114 ? 1.849   -10.500 -4.487  1.00 44.94 ? 87  PHE A CD2 1 
ATOM   722  C  CE1 . PHE A 1 114 ? 3.721   -12.531 -4.504  1.00 48.62 ? 87  PHE A CE1 1 
ATOM   723  C  CE2 . PHE A 1 114 ? 3.120   -10.265 -3.954  1.00 43.82 ? 87  PHE A CE2 1 
ATOM   724  C  CZ  . PHE A 1 114 ? 4.058   -11.270 -3.960  1.00 46.45 ? 87  PHE A CZ  1 
ATOM   725  N  N   . LEU A 1 115 ? 0.011   -13.894 -2.849  1.00 44.14 ? 88  LEU A N   1 
ATOM   726  C  CA  . LEU A 1 115 ? 0.072   -13.810 -1.401  1.00 41.32 ? 88  LEU A CA  1 
ATOM   727  C  C   . LEU A 1 115 ? 1.459   -13.326 -1.008  1.00 45.70 ? 88  LEU A C   1 
ATOM   728  O  O   . LEU A 1 115 ? 2.464   -13.894 -1.446  1.00 44.07 ? 88  LEU A O   1 
ATOM   729  C  CB  . LEU A 1 115 ? -0.236  -15.160 -0.756  1.00 41.81 ? 88  LEU A CB  1 
ATOM   730  C  CG  . LEU A 1 115 ? -0.445  -15.196 0.756   1.00 40.58 ? 88  LEU A CG  1 
ATOM   731  C  CD1 . LEU A 1 115 ? -1.580  -14.276 1.143   1.00 41.46 ? 88  LEU A CD1 1 
ATOM   732  C  CD2 . LEU A 1 115 ? -0.729  -16.639 1.240   1.00 46.46 ? 88  LEU A CD2 1 
ATOM   733  N  N   . LEU A 1 116 ? 1.509   -12.264 -0.196  1.00 43.84 ? 89  LEU A N   1 
ATOM   734  C  CA  . LEU A 1 116 ? 2.762   -11.661 0.232   1.00 42.50 ? 89  LEU A CA  1 
ATOM   735  C  C   . LEU A 1 116 ? 3.060   -12.086 1.657   1.00 45.91 ? 89  LEU A C   1 
ATOM   736  O  O   . LEU A 1 116 ? 2.227   -11.850 2.549   1.00 45.30 ? 89  LEU A O   1 
ATOM   737  C  CB  . LEU A 1 116 ? 2.671   -10.144 0.147   1.00 47.98 ? 89  LEU A CB  1 
ATOM   738  C  CG  . LEU A 1 116 ? 3.933   -9.330  0.409   1.00 46.43 ? 89  LEU A CG  1 
ATOM   739  C  CD1 . LEU A 1 116 ? 4.854   -9.430  -0.786  1.00 43.59 ? 89  LEU A CD1 1 
ATOM   740  C  CD2 . LEU A 1 116 ? 3.554   -7.899  0.666   1.00 45.55 ? 89  LEU A CD2 1 
ATOM   741  N  N   . PRO A 1 117 ? 4.201   -12.708 1.932   1.00 47.47 ? 90  PRO A N   1 
ATOM   742  C  CA  . PRO A 1 117 ? 4.483   -13.151 3.298   1.00 48.66 ? 90  PRO A CA  1 
ATOM   743  C  C   . PRO A 1 117 ? 4.751   -11.954 4.187   1.00 48.87 ? 90  PRO A C   1 
ATOM   744  O  O   . PRO A 1 117 ? 5.120   -10.876 3.693   1.00 44.98 ? 90  PRO A O   1 
ATOM   745  C  CB  . PRO A 1 117 ? 5.738   -14.029 3.145   1.00 45.62 ? 90  PRO A CB  1 
ATOM   746  C  CG  . PRO A 1 117 ? 5.920   -14.224 1.650   1.00 49.65 ? 90  PRO A CG  1 
ATOM   747  C  CD  . PRO A 1 117 ? 5.295   -13.030 1.006   1.00 48.28 ? 90  PRO A CD  1 
ATOM   748  N  N   . PRO A 1 118 ? 4.594   -12.098 5.498   1.00 47.93 ? 91  PRO A N   1 
ATOM   749  C  CA  . PRO A 1 118 ? 4.851   -10.952 6.386   1.00 46.35 ? 91  PRO A CA  1 
ATOM   750  C  C   . PRO A 1 118 ? 6.207   -10.318 6.112   1.00 49.94 ? 91  PRO A C   1 
ATOM   751  O  O   . PRO A 1 118 ? 7.104   -10.977 5.574   1.00 50.56 ? 91  PRO A O   1 
ATOM   752  C  CB  . PRO A 1 118 ? 4.790   -11.563 7.792   1.00 46.53 ? 91  PRO A CB  1 
ATOM   753  C  CG  . PRO A 1 118 ? 4.040   -12.889 7.613   1.00 46.75 ? 91  PRO A CG  1 
ATOM   754  C  CD  . PRO A 1 118 ? 4.406   -13.359 6.233   1.00 46.12 ? 91  PRO A CD  1 
ATOM   755  N  N   . HIS A 1 119 ? 6.338   -9.024  6.446   1.00 50.12 ? 92  HIS A N   1 
ATOM   756  C  CA  . HIS A 1 119 ? 7.608   -8.315  6.575   1.00 48.24 ? 92  HIS A CA  1 
ATOM   757  C  C   . HIS A 1 119 ? 8.385   -8.170  5.268   1.00 52.04 ? 92  HIS A C   1 
ATOM   758  O  O   . HIS A 1 119 ? 9.507   -7.657  5.280   1.00 54.48 ? 92  HIS A O   1 
ATOM   759  C  CB  . HIS A 1 119 ? 8.504   -8.993  7.628   1.00 49.81 ? 92  HIS A CB  1 
ATOM   760  C  CG  . HIS A 1 119 ? 7.913   -9.030  9.012   1.00 50.73 ? 92  HIS A CG  1 
ATOM   761  N  ND1 . HIS A 1 119 ? 7.457   -7.904  9.666   1.00 54.55 ? 92  HIS A ND1 1 
ATOM   762  C  CD2 . HIS A 1 119 ? 7.732   -10.058 9.877   1.00 49.39 ? 92  HIS A CD2 1 
ATOM   763  C  CE1 . HIS A 1 119 ? 7.001   -8.238  10.860  1.00 50.84 ? 92  HIS A CE1 1 
ATOM   764  N  NE2 . HIS A 1 119 ? 7.154   -9.542  11.014  1.00 53.23 ? 92  HIS A NE2 1 
ATOM   765  N  N   . VAL A 1 120 ? 7.831   -8.589  4.136   1.00 49.27 ? 93  VAL A N   1 
ATOM   766  C  CA  . VAL A 1 120 ? 8.508   -8.355  2.864   1.00 47.17 ? 93  VAL A CA  1 
ATOM   767  C  C   . VAL A 1 120 ? 8.227   -6.924  2.424   1.00 49.29 ? 93  VAL A C   1 
ATOM   768  O  O   . VAL A 1 120 ? 7.075   -6.561  2.162   1.00 49.14 ? 93  VAL A O   1 
ATOM   769  C  CB  . VAL A 1 120 ? 8.066   -9.350  1.783   1.00 49.76 ? 93  VAL A CB  1 
ATOM   770  C  CG1 . VAL A 1 120 ? 8.598   -8.885  0.433   1.00 50.68 ? 93  VAL A CG1 1 
ATOM   771  C  CG2 . VAL A 1 120 ? 8.562   -10.758 2.096   1.00 47.42 ? 93  VAL A CG2 1 
ATOM   772  N  N   . ARG A 1 121 ? 9.281   -6.115  2.319   1.00 49.24 ? 94  ARG A N   1 
ATOM   773  C  CA  . ARG A 1 121 ? 9.090   -4.713  1.965   1.00 48.65 ? 94  ARG A CA  1 
ATOM   774  C  C   . ARG A 1 121 ? 8.492   -4.610  0.567   1.00 47.97 ? 94  ARG A C   1 
ATOM   775  O  O   . ARG A 1 121 ? 9.010   -5.195  -0.386  1.00 49.28 ? 94  ARG A O   1 
ATOM   776  C  CB  . ARG A 1 121 ? 10.421  -3.955  2.039   1.00 52.04 ? 94  ARG A CB  1 
ATOM   777  C  CG  . ARG A 1 121 ? 11.241  -4.204  3.302   1.00 51.49 ? 94  ARG A CG  1 
ATOM   778  C  CD  . ARG A 1 121 ? 10.432  -3.925  4.543   1.00 51.91 ? 94  ARG A CD  1 
ATOM   779  N  NE  . ARG A 1 121 ? 11.259  -3.663  5.723   1.00 57.62 ? 94  ARG A NE  1 
ATOM   780  C  CZ  . ARG A 1 121 ? 11.607  -4.592  6.607   1.00 56.41 ? 94  ARG A CZ  1 
ATOM   781  N  NH1 . ARG A 1 121 ? 11.207  -5.839  6.430   1.00 50.83 ? 94  ARG A NH1 1 
ATOM   782  N  NH2 . ARG A 1 121 ? 12.343  -4.281  7.669   1.00 49.36 ? 94  ARG A NH2 1 
ATOM   783  N  N   . HIS A 1 122 ? 7.403   -3.852  0.440   1.00 48.19 ? 95  HIS A N   1 
ATOM   784  C  CA  . HIS A 1 122 ? 6.699   -3.722  -0.829  1.00 48.68 ? 95  HIS A CA  1 
ATOM   785  C  C   . HIS A 1 122 ? 6.231   -2.294  -1.057  1.00 46.85 ? 95  HIS A C   1 
ATOM   786  O  O   . HIS A 1 122 ? 5.705   -1.647  -0.147  1.00 43.69 ? 95  HIS A O   1 
ATOM   787  C  CB  . HIS A 1 122 ? 5.478   -4.649  -0.908  1.00 43.02 ? 95  HIS A CB  1 
ATOM   788  C  CG  . HIS A 1 122 ? 4.534   -4.529  0.249   1.00 40.93 ? 95  HIS A CG  1 
ATOM   789  N  ND1 . HIS A 1 122 ? 4.788   -5.113  1.473   1.00 40.56 ? 95  HIS A ND1 1 
ATOM   790  C  CD2 . HIS A 1 122 ? 3.315   -3.946  0.357   1.00 42.74 ? 95  HIS A CD2 1 
ATOM   791  C  CE1 . HIS A 1 122 ? 3.782   -4.868  2.293   1.00 44.29 ? 95  HIS A CE1 1 
ATOM   792  N  NE2 . HIS A 1 122 ? 2.876   -4.157  1.643   1.00 43.21 ? 95  HIS A NE2 1 
ATOM   793  N  N   . SER A 1 123 ? 6.358   -1.846  -2.303  1.00 44.08 ? 96  SER A N   1 
ATOM   794  C  CA  . SER A 1 123 ? 5.901   -0.530  -2.738  1.00 49.05 ? 96  SER A CA  1 
ATOM   795  C  C   . SER A 1 123 ? 5.001   -0.734  -3.950  1.00 46.42 ? 96  SER A C   1 
ATOM   796  O  O   . SER A 1 123 ? 5.480   -1.073  -5.034  1.00 45.77 ? 96  SER A O   1 
ATOM   797  C  CB  . SER A 1 123 ? 7.094   0.382   -3.066  1.00 48.19 ? 96  SER A CB  1 
ATOM   798  O  OG  . SER A 1 123 ? 6.687   1.723   -3.305  1.00 54.18 ? 96  SER A OG  1 
ATOM   799  N  N   . VAL A 1 124 ? 3.704   -0.519  -3.779  1.00 48.26 ? 97  VAL A N   1 
ATOM   800  C  CA  . VAL A 1 124 ? 2.727   -0.880  -4.799  1.00 51.87 ? 97  VAL A CA  1 
ATOM   801  C  C   . VAL A 1 124 ? 2.525   0.293   -5.748  1.00 48.77 ? 97  VAL A C   1 
ATOM   802  O  O   . VAL A 1 124 ? 2.151   1.387   -5.317  1.00 48.90 ? 97  VAL A O   1 
ATOM   803  C  CB  . VAL A 1 124 ? 1.392   -1.305  -4.172  1.00 51.58 ? 97  VAL A CB  1 
ATOM   804  C  CG1 . VAL A 1 124 ? 0.387   -1.577  -5.271  1.00 50.89 ? 97  VAL A CG1 1 
ATOM   805  C  CG2 . VAL A 1 124 ? 1.579   -2.536  -3.297  1.00 49.11 ? 97  VAL A CG2 1 
ATOM   806  N  N   . GLN A 1 125 ? 2.717   0.041   -7.044  1.00 49.69 ? 98  GLN A N   1 
ATOM   807  C  CA  . GLN A 1 125 ? 2.517   1.020   -8.102  1.00 49.75 ? 98  GLN A CA  1 
ATOM   808  C  C   . GLN A 1 125 ? 1.314   0.612   -8.938  1.00 50.62 ? 98  GLN A C   1 
ATOM   809  O  O   . GLN A 1 125 ? 1.221   -0.542  -9.373  1.00 49.30 ? 98  GLN A O   1 
ATOM   810  C  CB  . GLN A 1 125 ? 3.762   1.119   -8.987  1.00 50.17 ? 98  GLN A CB  1 
ATOM   811  C  CG  . GLN A 1 125 ? 5.063   1.168   -8.195  1.00 50.23 ? 98  GLN A CG  1 
ATOM   812  C  CD  . GLN A 1 125 ? 5.142   2.404   -7.298  1.00 51.46 ? 98  GLN A CD  1 
ATOM   813  O  OE1 . GLN A 1 125 ? 4.614   3.463   -7.638  1.00 51.21 ? 98  GLN A OE1 1 
ATOM   814  N  NE2 . GLN A 1 125 ? 5.787   2.264   -6.149  1.00 49.97 ? 98  GLN A NE2 1 
ATOM   815  N  N   . ARG A 1 126 ? 0.408   1.560   -9.179  1.00 46.77 ? 99  ARG A N   1 
ATOM   816  C  CA  . ARG A 1 126 ? -0.841  1.294   -9.894  1.00 49.02 ? 99  ARG A CA  1 
ATOM   817  C  C   . ARG A 1 126 ? -0.995  2.322   -10.999 1.00 46.35 ? 99  ARG A C   1 
ATOM   818  O  O   . ARG A 1 126 ? -1.727  3.313   -10.857 1.00 47.21 ? 99  ARG A O   1 
ATOM   819  C  CB  . ARG A 1 126 ? -2.027  1.283   -8.931  1.00 47.28 ? 99  ARG A CB  1 
ATOM   820  C  CG  . ARG A 1 126 ? -1.930  0.135   -7.946  1.00 48.00 ? 99  ARG A CG  1 
ATOM   821  C  CD  . ARG A 1 126 ? -3.037  0.144   -6.905  1.00 48.20 ? 99  ARG A CD  1 
ATOM   822  N  NE  . ARG A 1 126 ? -2.872  -0.978  -5.985  1.00 45.91 ? 99  ARG A NE  1 
ATOM   823  C  CZ  . ARG A 1 126 ? -3.126  -2.247  -6.303  1.00 49.42 ? 99  ARG A CZ  1 
ATOM   824  N  NH1 . ARG A 1 126 ? -3.551  -2.549  -7.527  1.00 47.55 ? 99  ARG A NH1 1 
ATOM   825  N  NH2 . ARG A 1 126 ? -2.955  -3.216  -5.404  1.00 41.96 ? 99  ARG A NH2 1 
ATOM   826  N  N   . PRO A 1 127 ? -0.339  2.103   -12.139 1.00 46.31 ? 100 PRO A N   1 
ATOM   827  C  CA  . PRO A 1 127 ? -0.247  3.164   -13.157 1.00 52.34 ? 100 PRO A CA  1 
ATOM   828  C  C   . PRO A 1 127 ? -1.557  3.472   -13.844 1.00 53.52 ? 100 PRO A C   1 
ATOM   829  O  O   . PRO A 1 127 ? -1.685  4.560   -14.420 1.00 48.46 ? 100 PRO A O   1 
ATOM   830  C  CB  . PRO A 1 127 ? 0.772   2.607   -14.160 1.00 54.61 ? 100 PRO A CB  1 
ATOM   831  C  CG  . PRO A 1 127 ? 1.456   1.449   -13.445 1.00 49.91 ? 100 PRO A CG  1 
ATOM   832  C  CD  . PRO A 1 127 ? 0.473   0.923   -12.473 1.00 46.10 ? 100 PRO A CD  1 
ATOM   833  N  N   . GLU A 1 128 ? -2.531  2.569   -13.802 1.00 44.81 ? 101 GLU A N   1 
ATOM   834  C  CA  . GLU A 1 128 ? -3.643  2.593   -14.739 1.00 50.46 ? 101 GLU A CA  1 
ATOM   835  C  C   . GLU A 1 128 ? -4.906  3.106   -14.077 1.00 50.40 ? 101 GLU A C   1 
ATOM   836  O  O   . GLU A 1 128 ? -5.301  2.621   -13.013 1.00 52.29 ? 101 GLU A O   1 
ATOM   837  C  CB  . GLU A 1 128 ? -3.912  1.205   -15.313 1.00 48.66 ? 101 GLU A CB  1 
ATOM   838  C  CG  . GLU A 1 128 ? -2.746  0.601   -16.033 1.00 51.05 ? 101 GLU A CG  1 
ATOM   839  C  CD  . GLU A 1 128 ? -3.104  -0.744  -16.622 1.00 58.08 ? 101 GLU A CD  1 
ATOM   840  O  OE1 . GLU A 1 128 ? -2.219  -1.406  -17.200 1.00 60.20 ? 101 GLU A OE1 1 
ATOM   841  O  OE2 . GLU A 1 128 ? -4.286  -1.140  -16.510 1.00 54.83 ? 101 GLU A OE2 1 
ATOM   842  N  N   . ALA A 1 129 ? -5.544  4.074   -14.725 1.00 53.17 ? 102 ALA A N   1 
ATOM   843  C  CA  . ALA A 1 129 ? -6.888  4.459   -14.344 1.00 51.62 ? 102 ALA A CA  1 
ATOM   844  C  C   . ALA A 1 129 ? -7.839  3.311   -14.630 1.00 50.68 ? 102 ALA A C   1 
ATOM   845  O  O   . ALA A 1 129 ? -7.591  2.480   -15.507 1.00 52.98 ? 102 ALA A O   1 
ATOM   846  C  CB  . ALA A 1 129 ? -7.322  5.707   -15.109 1.00 47.72 ? 102 ALA A CB  1 
ATOM   847  N  N   . GLY A 1 130 ? -8.938  3.268   -13.881 1.00 52.93 ? 103 GLY A N   1 
ATOM   848  C  CA  . GLY A 1 130 ? -9.919  2.214   -14.045 1.00 52.83 ? 103 GLY A CA  1 
ATOM   849  C  C   . GLY A 1 130 ? -9.485  0.822   -13.639 1.00 51.53 ? 103 GLY A C   1 
ATOM   850  O  O   . GLY A 1 130 ? -10.241 -0.129  -13.860 1.00 51.25 ? 103 GLY A O   1 
ATOM   851  N  N   . SER A 1 131 ? -8.304  0.660   -13.047 1.00 50.01 ? 104 SER A N   1 
ATOM   852  C  CA  . SER A 1 131 ? -7.918  -0.649  -12.550 1.00 49.78 ? 104 SER A CA  1 
ATOM   853  C  C   . SER A 1 131 ? -8.609  -0.926  -11.219 1.00 47.78 ? 104 SER A C   1 
ATOM   854  O  O   . SER A 1 131 ? -9.140  -0.028  -10.567 1.00 53.61 ? 104 SER A O   1 
ATOM   855  C  CB  . SER A 1 131 ? -6.403  -0.744  -12.389 1.00 48.95 ? 104 SER A CB  1 
ATOM   856  O  OG  . SER A 1 131 ? -5.961  0.158   -11.392 1.00 48.80 ? 104 SER A OG  1 
ATOM   857  N  N   . ALA A 1 132 ? -8.590  -2.185  -10.798 1.00 48.02 ? 105 ALA A N   1 
ATOM   858  C  CA  . ALA A 1 132 ? -9.228  -2.537  -9.535  1.00 45.88 ? 105 ALA A CA  1 
ATOM   859  C  C   . ALA A 1 132 ? -8.570  -3.789  -8.992  1.00 42.35 ? 105 ALA A C   1 
ATOM   860  O  O   . ALA A 1 132 ? -8.527  -4.813  -9.678  1.00 46.69 ? 105 ALA A O   1 
ATOM   861  C  CB  . ALA A 1 132 ? -10.729 -2.747  -9.712  1.00 41.47 ? 105 ALA A CB  1 
ATOM   862  N  N   . CYS A 1 133 ? -8.054  -3.704  -7.770  1.00 41.21 ? 106 CYS A N   1 
ATOM   863  C  CA  . CYS A 1 133 ? -7.390  -4.830  -7.132  1.00 46.45 ? 106 CYS A CA  1 
ATOM   864  C  C   . CYS A 1 133 ? -8.024  -5.080  -5.776  1.00 49.44 ? 106 CYS A C   1 
ATOM   865  O  O   . CYS A 1 133 ? -8.070  -4.178  -4.932  1.00 48.89 ? 106 CYS A O   1 
ATOM   866  C  CB  . CYS A 1 133 ? -5.893  -4.587  -6.974  1.00 45.17 ? 106 CYS A CB  1 
ATOM   867  S  SG  . CYS A 1 133 ? -5.009  -6.016  -6.341  1.00 45.17 ? 106 CYS A SG  1 
ATOM   868  N  N   . LEU A 1 134 ? -8.532  -6.296  -5.581  1.00 46.61 ? 107 LEU A N   1 
ATOM   869  C  CA  . LEU A 1 134 ? -8.952  -6.742  -4.262  1.00 45.43 ? 107 LEU A CA  1 
ATOM   870  C  C   . LEU A 1 134 ? -7.723  -7.033  -3.413  1.00 45.25 ? 107 LEU A C   1 
ATOM   871  O  O   . LEU A 1 134 ? -6.860  -7.826  -3.805  1.00 46.40 ? 107 LEU A O   1 
ATOM   872  C  CB  . LEU A 1 134 ? -9.829  -7.983  -4.390  1.00 46.06 ? 107 LEU A CB  1 
ATOM   873  C  CG  . LEU A 1 134 ? -10.267 -8.719  -3.127  1.00 44.48 ? 107 LEU A CG  1 
ATOM   874  C  CD1 . LEU A 1 134 ? -11.180 -7.851  -2.294  1.00 40.57 ? 107 LEU A CD1 1 
ATOM   875  C  CD2 . LEU A 1 134 ? -10.955 -10.044 -3.497  1.00 34.67 ? 107 LEU A CD2 1 
ATOM   876  N  N   . VAL A 1 135 ? -7.638  -6.388  -2.257  1.00 44.22 ? 108 VAL A N   1 
ATOM   877  C  CA  . VAL A 1 135 ? -6.541  -6.579  -1.317  1.00 44.40 ? 108 VAL A CA  1 
ATOM   878  C  C   . VAL A 1 135 ? -7.152  -6.913  0.034   1.00 44.38 ? 108 VAL A C   1 
ATOM   879  O  O   . VAL A 1 135 ? -8.040  -6.197  0.509   1.00 42.77 ? 108 VAL A O   1 
ATOM   880  C  CB  . VAL A 1 135 ? -5.643  -5.327  -1.221  1.00 45.88 ? 108 VAL A CB  1 
ATOM   881  C  CG1 . VAL A 1 135 ? -4.492  -5.561  -0.261  1.00 41.38 ? 108 VAL A CG1 1 
ATOM   882  C  CG2 . VAL A 1 135 ? -5.121  -4.950  -2.596  1.00 43.98 ? 108 VAL A CG2 1 
ATOM   883  N  N   . ILE A 1 136 ? -6.679  -7.992  0.652   1.00 43.22 ? 109 ILE A N   1 
ATOM   884  C  CA  . ILE A 1 136 ? -7.226  -8.470  1.912   1.00 42.20 ? 109 ILE A CA  1 
ATOM   885  C  C   . ILE A 1 136 ? -6.109  -8.523  2.944   1.00 42.99 ? 109 ILE A C   1 
ATOM   886  O  O   . ILE A 1 136 ? -5.005  -8.996  2.654   1.00 42.79 ? 109 ILE A O   1 
ATOM   887  C  CB  . ILE A 1 136 ? -7.910  -9.847  1.724   1.00 43.36 ? 109 ILE A CB  1 
ATOM   888  C  CG1 . ILE A 1 136 ? -9.032  -9.712  0.688   1.00 39.32 ? 109 ILE A CG1 1 
ATOM   889  C  CG2 . ILE A 1 136 ? -8.440  -10.371 3.038   1.00 38.00 ? 109 ILE A CG2 1 
ATOM   890  C  CD1 . ILE A 1 136 ? -10.026 -10.821 0.664   1.00 39.82 ? 109 ILE A CD1 1 
ATOM   891  N  N   . GLU A 1 137 ? -6.397  -8.014  4.146   1.00 42.85 ? 110 GLU A N   1 
ATOM   892  C  CA  . GLU A 1 137 ? -5.472  -8.030  5.272   1.00 42.82 ? 110 GLU A CA  1 
ATOM   893  C  C   . GLU A 1 137 ? -6.254  -8.286  6.560   1.00 42.04 ? 110 GLU A C   1 
ATOM   894  O  O   . GLU A 1 137 ? -7.488  -8.308  6.568   1.00 42.23 ? 110 GLU A O   1 
ATOM   895  C  CB  . GLU A 1 137 ? -4.688  -6.703  5.358   1.00 44.71 ? 110 GLU A CB  1 
ATOM   896  C  CG  . GLU A 1 137 ? -4.004  -6.278  4.055   1.00 43.24 ? 110 GLU A CG  1 
ATOM   897  C  CD  . GLU A 1 137 ? -3.273  -4.904  4.153   1.00 52.71 ? 110 GLU A CD  1 
ATOM   898  O  OE1 . GLU A 1 137 ? -3.042  -4.276  3.087   1.00 50.11 ? 110 GLU A OE1 1 
ATOM   899  O  OE2 . GLU A 1 137 ? -2.930  -4.462  5.283   1.00 47.02 ? 110 GLU A OE2 1 
ATOM   900  N  N   . ARG A 1 138 ? -5.525  -8.444  7.668   1.00 45.04 ? 111 ARG A N   1 
ATOM   901  C  CA  . ARG A 1 138 ? -6.100  -8.613  9.002   1.00 52.04 ? 111 ARG A CA  1 
ATOM   902  C  C   . ARG A 1 138 ? -5.839  -7.385  9.870   1.00 48.24 ? 111 ARG A C   1 
ATOM   903  O  O   . ARG A 1 138 ? -4.791  -6.749  9.753   1.00 47.32 ? 111 ARG A O   1 
ATOM   904  C  CB  . ARG A 1 138 ? -5.492  -9.821  9.737   1.00 49.05 ? 111 ARG A CB  1 
ATOM   905  C  CG  . ARG A 1 138 ? -5.647  -11.152 9.088   1.00 51.80 ? 111 ARG A CG  1 
ATOM   906  C  CD  . ARG A 1 138 ? -4.756  -12.189 9.793   1.00 52.19 ? 111 ARG A CD  1 
ATOM   907  N  NE  . ARG A 1 138 ? -4.717  -11.973 11.234  1.00 48.37 ? 111 ARG A NE  1 
ATOM   908  C  CZ  . ARG A 1 138 ? -3.902  -12.608 12.063  1.00 48.55 ? 111 ARG A CZ  1 
ATOM   909  N  NH1 . ARG A 1 138 ? -3.047  -13.512 11.607  1.00 46.82 ? 111 ARG A NH1 1 
ATOM   910  N  NH2 . ARG A 1 138 ? -3.947  -12.341 13.356  1.00 52.05 ? 111 ARG A NH2 1 
ATOM   911  N  N   . GLN A 1 139 ? -6.766  -7.094  10.789  1.00 50.78 ? 112 GLN A N   1 
ATOM   912  C  CA  . GLN A 1 139 ? -6.494  -6.110  11.837  1.00 49.28 ? 112 GLN A CA  1 
ATOM   913  C  C   . GLN A 1 139 ? -5.226  -6.495  12.588  1.00 51.72 ? 112 GLN A C   1 
ATOM   914  O  O   . GLN A 1 139 ? -4.977  -7.671  12.856  1.00 54.04 ? 112 GLN A O   1 
ATOM   915  C  CB  . GLN A 1 139 ? -7.649  -6.015  12.844  1.00 48.97 ? 112 GLN A CB  1 
ATOM   916  C  CG  . GLN A 1 139 ? -9.018  -5.697  12.275  1.00 55.26 ? 112 GLN A CG  1 
ATOM   917  C  CD  . GLN A 1 139 ? -9.178  -4.246  11.838  1.00 59.58 ? 112 GLN A CD  1 
ATOM   918  O  OE1 . GLN A 1 139 ? -8.335  -3.384  12.139  1.00 60.01 ? 112 GLN A OE1 1 
ATOM   919  N  NE2 . GLN A 1 139 ? -10.269 -3.967  11.120  1.00 57.25 ? 112 GLN A NE2 1 
ATOM   920  N  N   . ARG A 1 140 ? -4.425  -5.500  12.933  1.00 53.72 ? 113 ARG A N   1 
ATOM   921  C  CA  . ARG A 1 140 ? -3.280  -5.912  13.732  1.00 54.18 ? 113 ARG A CA  1 
ATOM   922  C  C   . ARG A 1 140 ? -3.651  -5.901  15.213  1.00 53.93 ? 113 ARG A C   1 
ATOM   923  O  O   . ARG A 1 140 ? -4.361  -4.995  15.664  1.00 52.81 ? 113 ARG A O   1 
ATOM   924  C  CB  . ARG A 1 140 ? -2.085  -4.983  13.500  1.00 54.22 ? 113 ARG A CB  1 
ATOM   925  C  CG  . ARG A 1 140 ? -1.345  -5.166  12.173  1.00 52.40 ? 113 ARG A CG  1 
ATOM   926  C  CD  . ARG A 1 140 ? -2.248  -4.896  10.989  1.00 51.07 ? 113 ARG A CD  1 
ATOM   927  N  NE  . ARG A 1 140 ? -1.518  -4.401  9.832   1.00 48.90 ? 113 ARG A NE  1 
ATOM   928  C  CZ  . ARG A 1 140 ? -1.987  -4.415  8.590   1.00 50.26 ? 113 ARG A CZ  1 
ATOM   929  N  NH1 . ARG A 1 140 ? -3.181  -4.932  8.342   1.00 46.12 ? 113 ARG A NH1 1 
ATOM   930  N  NH2 . ARG A 1 140 ? -1.263  -3.919  7.590   1.00 49.69 ? 113 ARG A NH2 1 
ATOM   931  N  N   . PRO A 1 141 ? -3.235  -6.913  15.977  1.00 55.11 ? 114 PRO A N   1 
ATOM   932  C  CA  . PRO A 1 141 ? -3.363  -6.833  17.437  1.00 55.73 ? 114 PRO A CA  1 
ATOM   933  C  C   . PRO A 1 141 ? -2.489  -5.726  18.010  1.00 60.14 ? 114 PRO A C   1 
ATOM   934  O  O   . PRO A 1 141 ? -1.517  -5.283  17.397  1.00 58.53 ? 114 PRO A O   1 
ATOM   935  C  CB  . PRO A 1 141 ? -2.890  -8.214  17.923  1.00 54.98 ? 114 PRO A CB  1 
ATOM   936  C  CG  . PRO A 1 141 ? -2.175  -8.850  16.750  1.00 51.05 ? 114 PRO A CG  1 
ATOM   937  C  CD  . PRO A 1 141 ? -2.839  -8.265  15.532  1.00 58.08 ? 114 PRO A CD  1 
ATOM   938  N  N   . ALA A 1 142 ? -2.853  -5.288  19.214  1.00 61.95 ? 115 ALA A N   1 
ATOM   939  C  CA  . ALA A 1 142 ? -2.047  -4.321  19.948  1.00 61.60 ? 115 ALA A CA  1 
ATOM   940  C  C   . ALA A 1 142 ? -0.590  -4.765  20.013  1.00 59.80 ? 115 ALA A C   1 
ATOM   941  O  O   . ALA A 1 142 ? -0.294  -5.917  20.338  1.00 60.05 ? 115 ALA A O   1 
ATOM   942  C  CB  . ALA A 1 142 ? -2.612  -4.159  21.361  1.00 55.50 ? 115 ALA A CB  1 
ATOM   943  N  N   . GLY A 1 143 ? 0.325   -3.845  19.705  1.00 55.34 ? 116 GLY A N   1 
ATOM   944  C  CA  . GLY A 1 143 ? 1.748   -4.125  19.770  1.00 54.21 ? 116 GLY A CA  1 
ATOM   945  C  C   . GLY A 1 143 ? 2.345   -4.674  18.491  1.00 55.34 ? 116 GLY A C   1 
ATOM   946  O  O   . GLY A 1 143 ? 3.578   -4.731  18.359  1.00 57.96 ? 116 GLY A O   1 
ATOM   947  N  N   . MET A 1 144 ? 1.518   -5.096  17.552  1.00 56.87 ? 117 MET A N   1 
ATOM   948  C  CA  . MET A 1 144 ? 1.993   -5.564  16.264  1.00 57.00 ? 117 MET A CA  1 
ATOM   949  C  C   . MET A 1 144 ? 2.006   -4.350  15.361  1.00 54.27 ? 117 MET A C   1 
ATOM   950  O  O   . MET A 1 144 ? 0.954   -3.759  15.094  1.00 57.49 ? 117 MET A O   1 
ATOM   951  C  CB  . MET A 1 144 ? 1.088   -6.662  15.719  1.00 54.61 ? 117 MET A CB  1 
ATOM   952  C  CG  . MET A 1 144 ? 1.738   -7.477  14.636  1.00 53.83 ? 117 MET A CG  1 
ATOM   953  S  SD  . MET A 1 144 ? 0.704   -8.869  14.191  1.00 73.58 ? 117 MET A SD  1 
ATOM   954  C  CE  . MET A 1 144 ? 0.905   -9.969  15.600  1.00 58.13 ? 117 MET A CE  1 
ATOM   955  N  N   . LEU A 1 145 ? 3.193   -3.938  14.940  1.00 54.93 ? 118 LEU A N   1 
ATOM   956  C  CA  . LEU A 1 145 ? 3.355   -2.645  14.305  1.00 51.32 ? 118 LEU A CA  1 
ATOM   957  C  C   . LEU A 1 145 ? 3.607   -2.795  12.814  1.00 49.19 ? 118 LEU A C   1 
ATOM   958  O  O   . LEU A 1 145 ? 4.251   -3.747  12.368  1.00 48.39 ? 118 LEU A O   1 
ATOM   959  C  CB  . LEU A 1 145 ? 4.496   -1.854  14.958  1.00 54.58 ? 118 LEU A CB  1 
ATOM   960  C  CG  . LEU A 1 145 ? 4.275   -1.497  16.427  1.00 50.10 ? 118 LEU A CG  1 
ATOM   961  C  CD1 . LEU A 1 145 ? 5.443   -0.695  16.961  1.00 49.95 ? 118 LEU A CD1 1 
ATOM   962  C  CD2 . LEU A 1 145 ? 2.973   -0.733  16.615  1.00 53.73 ? 118 LEU A CD2 1 
ATOM   963  N  N   . ASP A 1 146 ? 3.090   -1.835  12.051  1.00 53.09 ? 119 ASP A N   1 
ATOM   964  C  CA  . ASP A 1 146 ? 3.437   -1.660  10.653  1.00 49.75 ? 119 ASP A CA  1 
ATOM   965  C  C   . ASP A 1 146 ? 4.601   -0.693  10.533  1.00 52.75 ? 119 ASP A C   1 
ATOM   966  O  O   . ASP A 1 146 ? 4.788   0.195   11.374  1.00 55.97 ? 119 ASP A O   1 
ATOM   967  C  CB  . ASP A 1 146 ? 2.235   -1.144  9.864   1.00 50.19 ? 119 ASP A CB  1 
ATOM   968  C  CG  . ASP A 1 146 ? 1.205   -2.237  9.605   1.00 53.44 ? 119 ASP A CG  1 
ATOM   969  O  OD1 . ASP A 1 146 ? 1.016   -2.622  8.433   1.00 51.73 ? 119 ASP A OD1 1 
ATOM   970  O  OD2 . ASP A 1 146 ? 0.618   -2.745  10.583  1.00 51.01 ? 119 ASP A OD2 1 
ATOM   971  N  N   . GLY A 1 147 ? 5.390   -0.877  9.483   1.00 53.12 ? 120 GLY A N   1 
ATOM   972  C  CA  . GLY A 1 147 ? 6.500   0.001   9.188   1.00 50.01 ? 120 GLY A CA  1 
ATOM   973  C  C   . GLY A 1 147 ? 6.364   0.587   7.792   1.00 50.85 ? 120 GLY A C   1 
ATOM   974  O  O   . GLY A 1 147 ? 5.864   -0.067  6.883   1.00 50.14 ? 120 GLY A O   1 
ATOM   975  N  N   . PHE A 1 148 ? 6.802   1.834   7.644   1.00 52.67 ? 121 PHE A N   1 
ATOM   976  C  CA  . PHE A 1 148 ? 6.838   2.502   6.348   1.00 51.32 ? 121 PHE A CA  1 
ATOM   977  C  C   . PHE A 1 148 ? 8.220   3.115   6.167   1.00 53.10 ? 121 PHE A C   1 
ATOM   978  O  O   . PHE A 1 148 ? 8.642   3.935   6.984   1.00 51.42 ? 121 PHE A O   1 
ATOM   979  C  CB  . PHE A 1 148 ? 5.730   3.556   6.249   1.00 54.33 ? 121 PHE A CB  1 
ATOM   980  C  CG  . PHE A 1 148 ? 4.360   2.963   6.234   1.00 53.48 ? 121 PHE A CG  1 
ATOM   981  C  CD1 . PHE A 1 148 ? 3.685   2.776   5.039   1.00 53.07 ? 121 PHE A CD1 1 
ATOM   982  C  CD2 . PHE A 1 148 ? 3.766   2.539   7.413   1.00 55.88 ? 121 PHE A CD2 1 
ATOM   983  C  CE1 . PHE A 1 148 ? 2.426   2.193   5.018   1.00 57.11 ? 121 PHE A CE1 1 
ATOM   984  C  CE2 . PHE A 1 148 ? 2.503   1.947   7.402   1.00 56.14 ? 121 PHE A CE2 1 
ATOM   985  C  CZ  . PHE A 1 148 ? 1.830   1.777   6.202   1.00 54.10 ? 121 PHE A CZ  1 
ATOM   986  N  N   . GLU A 1 149 ? 8.915   2.712   5.099   1.00 52.71 ? 122 GLU A N   1 
ATOM   987  C  CA  . GLU A 1 149 ? 10.315  3.046   4.871   1.00 51.97 ? 122 GLU A CA  1 
ATOM   988  C  C   . GLU A 1 149 ? 10.522  3.628   3.476   1.00 54.49 ? 122 GLU A C   1 
ATOM   989  O  O   . GLU A 1 149 ? 9.841   3.250   2.518   1.00 53.21 ? 122 GLU A O   1 
ATOM   990  C  CB  . GLU A 1 149 ? 11.221  1.814   5.012   1.00 54.57 ? 122 GLU A CB  1 
ATOM   991  C  CG  . GLU A 1 149 ? 10.956  0.927   6.233   1.00 54.92 ? 122 GLU A CG  1 
ATOM   992  C  CD  . GLU A 1 149 ? 11.756  -0.361  6.174   1.00 54.52 ? 122 GLU A CD  1 
ATOM   993  O  OE1 . GLU A 1 149 ? 12.300  -0.819  7.212   1.00 54.97 ? 122 GLU A OE1 1 
ATOM   994  O  OE2 . GLU A 1 149 ? 11.856  -0.914  5.063   1.00 58.87 ? 122 GLU A OE2 1 
ATOM   995  N  N   . TRP A 1 150 ? 11.490  4.539   3.367   1.00 55.03 ? 123 TRP A N   1 
ATOM   996  C  CA  . TRP A 1 150 ? 12.035  4.955   2.084   1.00 52.72 ? 123 TRP A CA  1 
ATOM   997  C  C   . TRP A 1 150 ? 13.496  4.539   1.976   1.00 53.65 ? 123 TRP A C   1 
ATOM   998  O  O   . TRP A 1 150 ? 14.203  4.410   2.978   1.00 54.32 ? 123 TRP A O   1 
ATOM   999  C  CB  . TRP A 1 150 ? 11.920  6.459   1.893   1.00 49.59 ? 123 TRP A CB  1 
ATOM   1000 C  CG  . TRP A 1 150 ? 10.525  6.925   1.761   1.00 48.29 ? 123 TRP A CG  1 
ATOM   1001 C  CD1 . TRP A 1 150 ? 9.886   7.290   0.615   1.00 47.01 ? 123 TRP A CD1 1 
ATOM   1002 C  CD2 . TRP A 1 150 ? 9.578   7.084   2.823   1.00 50.05 ? 123 TRP A CD2 1 
ATOM   1003 N  NE1 . TRP A 1 150 ? 8.599   7.683   0.898   1.00 47.48 ? 123 TRP A NE1 1 
ATOM   1004 C  CE2 . TRP A 1 150 ? 8.386   7.561   2.248   1.00 49.94 ? 123 TRP A CE2 1 
ATOM   1005 C  CE3 . TRP A 1 150 ? 9.625   6.870   4.207   1.00 49.04 ? 123 TRP A CE3 1 
ATOM   1006 C  CZ2 . TRP A 1 150 ? 7.247   7.822   3.007   1.00 53.48 ? 123 TRP A CZ2 1 
ATOM   1007 C  CZ3 . TRP A 1 150 ? 8.495   7.136   4.960   1.00 46.88 ? 123 TRP A CZ3 1 
ATOM   1008 C  CH2 . TRP A 1 150 ? 7.321   7.601   4.359   1.00 48.38 ? 123 TRP A CH2 1 
ATOM   1009 N  N   . TYR A 1 151 ? 13.936  4.313   0.745   1.00 53.23 ? 124 TYR A N   1 
ATOM   1010 C  CA  . TYR A 1 151 ? 15.312  3.931   0.474   1.00 58.16 ? 124 TYR A CA  1 
ATOM   1011 C  C   . TYR A 1 151 ? 15.965  4.950   -0.452  1.00 62.23 ? 124 TYR A C   1 
ATOM   1012 O  O   . TYR A 1 151 ? 15.290  5.725   -1.140  1.00 61.90 ? 124 TYR A O   1 
ATOM   1013 C  CB  . TYR A 1 151 ? 15.376  2.528   -0.125  1.00 58.15 ? 124 TYR A CB  1 
ATOM   1014 C  CG  . TYR A 1 151 ? 15.043  1.453   0.883   1.00 61.95 ? 124 TYR A CG  1 
ATOM   1015 C  CD1 . TYR A 1 151 ? 16.051  0.788   1.571   1.00 61.87 ? 124 TYR A CD1 1 
ATOM   1016 C  CD2 . TYR A 1 151 ? 13.716  1.109   1.165   1.00 59.19 ? 124 TYR A CD2 1 
ATOM   1017 C  CE1 . TYR A 1 151 ? 15.747  -0.203  2.503   1.00 59.98 ? 124 TYR A CE1 1 
ATOM   1018 C  CE2 . TYR A 1 151 ? 13.412  0.126   2.101   1.00 54.83 ? 124 TYR A CE2 1 
ATOM   1019 C  CZ  . TYR A 1 151 ? 14.432  -0.521  2.761   1.00 55.85 ? 124 TYR A CZ  1 
ATOM   1020 O  OH  . TYR A 1 151 ? 14.149  -1.487  3.692   1.00 54.41 ? 124 TYR A OH  1 
ATOM   1021 N  N   . CYS A 1 152 ? 17.294  4.970   -0.448  1.00 63.87 ? 125 CYS A N   1 
ATOM   1022 C  CA  . CYS A 1 152 ? 18.038  5.965   -1.217  1.00 63.71 ? 125 CYS A CA  1 
ATOM   1023 C  C   . CYS A 1 152 ? 18.185  5.496   -2.659  1.00 62.17 ? 125 CYS A C   1 
ATOM   1024 O  O   . CYS A 1 152 ? 18.809  4.463   -2.927  1.00 60.39 ? 125 CYS A O   1 
ATOM   1025 C  CB  . CYS A 1 152 ? 19.411  6.234   -0.599  1.00 65.04 ? 125 CYS A CB  1 
ATOM   1026 S  SG  . CYS A 1 152 ? 20.467  7.420   -1.523  1.00 67.47 ? 125 CYS A SG  1 
ATOM   1027 N  N   . ASP A 1 153 ? 17.605  6.264   -3.581  1.00 64.33 ? 126 ASP A N   1 
ATOM   1028 C  CA  . ASP A 1 153 ? 17.779  6.029   -5.009  1.00 70.62 ? 126 ASP A CA  1 
ATOM   1029 C  C   . ASP A 1 153 ? 19.245  5.972   -5.423  1.00 71.06 ? 126 ASP A C   1 
ATOM   1030 O  O   . ASP A 1 153 ? 19.560  5.424   -6.486  1.00 73.80 ? 126 ASP A O   1 
ATOM   1031 C  CB  . ASP A 1 153 ? 17.051  7.129   -5.792  1.00 70.13 ? 126 ASP A CB  1 
ATOM   1032 C  CG  . ASP A 1 153 ? 15.528  7.028   -5.667  1.00 78.63 ? 126 ASP A CG  1 
ATOM   1033 O  OD1 . ASP A 1 153 ? 15.004  5.882   -5.652  1.00 76.54 ? 126 ASP A OD1 1 
ATOM   1034 O  OD2 . ASP A 1 153 ? 14.859  8.090   -5.591  1.00 72.49 ? 126 ASP A OD2 1 
ATOM   1035 N  N   . ALA A 1 154 ? 20.151  6.514   -4.609  1.00 69.17 ? 127 ALA A N   1 
ATOM   1036 C  CA  . ALA A 1 154 ? 21.568  6.565   -4.961  1.00 71.90 ? 127 ALA A CA  1 
ATOM   1037 C  C   . ALA A 1 154 ? 22.321  5.336   -4.452  1.00 68.22 ? 127 ALA A C   1 
ATOM   1038 O  O   . ALA A 1 154 ? 22.864  4.563   -5.247  1.00 71.83 ? 127 ALA A O   1 
ATOM   1039 C  CB  . ALA A 1 154 ? 22.198  7.861   -4.425  1.00 62.50 ? 127 ALA A CB  1 
ATOM   1040 N  N   . CYS A 1 155 ? 22.367  5.146   -3.133  1.00 67.96 ? 128 CYS A N   1 
ATOM   1041 C  CA  . CYS A 1 155 ? 23.101  4.025   -2.555  1.00 69.26 ? 128 CYS A CA  1 
ATOM   1042 C  C   . CYS A 1 155 ? 22.201  2.900   -2.056  1.00 70.31 ? 128 CYS A C   1 
ATOM   1043 O  O   . CYS A 1 155 ? 22.712  1.920   -1.500  1.00 74.83 ? 128 CYS A O   1 
ATOM   1044 C  CB  . CYS A 1 155 ? 24.007  4.509   -1.412  1.00 70.84 ? 128 CYS A CB  1 
ATOM   1045 S  SG  . CYS A 1 155 ? 23.175  5.204   0.033   1.00 64.37 ? 128 CYS A SG  1 
ATOM   1046 N  N   . GLY A 1 156 ? 20.887  3.003   -2.241  1.00 68.66 ? 129 GLY A N   1 
ATOM   1047 C  CA  . GLY A 1 156 ? 20.000  1.933   -1.817  1.00 63.92 ? 129 GLY A CA  1 
ATOM   1048 C  C   . GLY A 1 156 ? 19.965  1.681   -0.325  1.00 65.28 ? 129 GLY A C   1 
ATOM   1049 O  O   . GLY A 1 156 ? 19.511  0.620   0.105   1.00 71.63 ? 129 GLY A O   1 
ATOM   1050 N  N   . HIS A 1 157 ? 20.425  2.630   0.480   1.00 68.14 ? 130 HIS A N   1 
ATOM   1051 C  CA  . HIS A 1 157 ? 20.434  2.500   1.929   1.00 65.21 ? 130 HIS A CA  1 
ATOM   1052 C  C   . HIS A 1 157 ? 19.089  2.938   2.507   1.00 63.11 ? 130 HIS A C   1 
ATOM   1053 O  O   . HIS A 1 157 ? 18.380  3.766   1.924   1.00 55.94 ? 130 HIS A O   1 
ATOM   1054 C  CB  . HIS A 1 157 ? 21.571  3.349   2.509   1.00 67.68 ? 130 HIS A CB  1 
ATOM   1055 C  CG  . HIS A 1 157 ? 21.934  3.024   3.927   1.00 70.02 ? 130 HIS A CG  1 
ATOM   1056 N  ND1 . HIS A 1 157 ? 21.119  3.332   4.998   1.00 70.17 ? 130 HIS A ND1 1 
ATOM   1057 C  CD2 . HIS A 1 157 ? 23.045  2.454   4.455   1.00 74.88 ? 130 HIS A CD2 1 
ATOM   1058 C  CE1 . HIS A 1 157 ? 21.702  2.944   6.120   1.00 73.08 ? 130 HIS A CE1 1 
ATOM   1059 N  NE2 . HIS A 1 157 ? 22.870  2.407   5.817   1.00 75.98 ? 130 HIS A NE2 1 
ATOM   1060 N  N   . LEU A 1 158 ? 18.739  2.375   3.664   1.00 62.28 ? 131 LEU A N   1 
ATOM   1061 C  CA  . LEU A 1 158 ? 17.508  2.791   4.330   1.00 61.79 ? 131 LEU A CA  1 
ATOM   1062 C  C   . LEU A 1 158 ? 17.592  4.256   4.744   1.00 63.13 ? 131 LEU A C   1 
ATOM   1063 O  O   . LEU A 1 158 ? 18.434  4.637   5.562   1.00 63.53 ? 131 LEU A O   1 
ATOM   1064 C  CB  . LEU A 1 158 ? 17.221  1.920   5.551   1.00 62.86 ? 131 LEU A CB  1 
ATOM   1065 C  CG  . LEU A 1 158 ? 16.020  2.369   6.402   1.00 60.94 ? 131 LEU A CG  1 
ATOM   1066 C  CD1 . LEU A 1 158 ? 14.723  2.459   5.586   1.00 58.41 ? 131 LEU A CD1 1 
ATOM   1067 C  CD2 . LEU A 1 158 ? 15.831  1.450   7.604   1.00 56.25 ? 131 LEU A CD2 1 
ATOM   1068 N  N   . VAL A 1 159 ? 16.689  5.066   4.206   1.00 59.26 ? 132 VAL A N   1 
ATOM   1069 C  CA  . VAL A 1 159 ? 16.726  6.498   4.467   1.00 61.23 ? 132 VAL A CA  1 
ATOM   1070 C  C   . VAL A 1 159 ? 15.923  6.892   5.708   1.00 63.48 ? 132 VAL A C   1 
ATOM   1071 O  O   . VAL A 1 159 ? 16.308  7.820   6.424   1.00 61.05 ? 132 VAL A O   1 
ATOM   1072 C  CB  . VAL A 1 159 ? 16.233  7.254   3.221   1.00 58.39 ? 132 VAL A CB  1 
ATOM   1073 C  CG1 . VAL A 1 159 ? 15.979  8.700   3.552   1.00 57.21 ? 132 VAL A CG1 1 
ATOM   1074 C  CG2 . VAL A 1 159 ? 17.251  7.130   2.103   1.00 59.04 ? 132 VAL A CG2 1 
ATOM   1075 N  N   . HIS A 1 160 ? 14.816  6.212   5.986   1.00 60.70 ? 133 HIS A N   1 
ATOM   1076 C  CA  . HIS A 1 160 ? 13.962  6.606   7.100   1.00 59.02 ? 133 HIS A CA  1 
ATOM   1077 C  C   . HIS A 1 160 ? 12.856  5.566   7.258   1.00 56.87 ? 133 HIS A C   1 
ATOM   1078 O  O   . HIS A 1 160 ? 12.454  4.929   6.278   1.00 54.72 ? 133 HIS A O   1 
ATOM   1079 C  CB  . HIS A 1 160 ? 13.376  8.009   6.871   1.00 55.16 ? 133 HIS A CB  1 
ATOM   1080 C  CG  . HIS A 1 160 ? 12.468  8.470   7.967   1.00 58.37 ? 133 HIS A CG  1 
ATOM   1081 N  ND1 . HIS A 1 160 ? 12.922  8.776   9.233   1.00 58.25 ? 133 HIS A ND1 1 
ATOM   1082 C  CD2 . HIS A 1 160 ? 11.130  8.685   7.986   1.00 55.97 ? 133 HIS A CD2 1 
ATOM   1083 C  CE1 . HIS A 1 160 ? 11.902  9.156   9.984   1.00 59.55 ? 133 HIS A CE1 1 
ATOM   1084 N  NE2 . HIS A 1 160 ? 10.804  9.115   9.250   1.00 57.57 ? 133 HIS A NE2 1 
ATOM   1085 N  N   . ARG A 1 161 ? 12.382  5.394   8.497   1.00 56.68 ? 134 ARG A N   1 
ATOM   1086 C  CA  . ARG A 1 161 ? 11.354  4.406   8.809   1.00 49.28 ? 134 ARG A CA  1 
ATOM   1087 C  C   . ARG A 1 161 ? 10.507  4.858   9.989   1.00 50.35 ? 134 ARG A C   1 
ATOM   1088 O  O   . ARG A 1 161 ? 11.047  5.179   11.048  1.00 51.17 ? 134 ARG A O   1 
ATOM   1089 C  CB  . ARG A 1 161 ? 11.986  3.048   9.130   1.00 55.30 ? 134 ARG A CB  1 
ATOM   1090 C  CG  . ARG A 1 161 ? 11.036  2.053   9.802   1.00 50.80 ? 134 ARG A CG  1 
ATOM   1091 C  CD  . ARG A 1 161 ? 11.782  0.809   10.276  1.00 50.86 ? 134 ARG A CD  1 
ATOM   1092 N  NE  . ARG A 1 161 ? 10.920  -0.124  11.009  1.00 57.03 ? 134 ARG A NE  1 
ATOM   1093 C  CZ  . ARG A 1 161 ? 10.386  -1.236  10.490  1.00 59.14 ? 134 ARG A CZ  1 
ATOM   1094 N  NH1 . ARG A 1 161 ? 10.608  -1.562  9.223   1.00 56.67 ? 134 ARG A NH1 1 
ATOM   1095 N  NH2 . ARG A 1 161 ? 9.629   -2.032  11.239  1.00 51.99 ? 134 ARG A NH2 1 
ATOM   1096 N  N   . VAL A 1 162 ? 9.185   4.844   9.817   1.00 49.51 ? 135 VAL A N   1 
ATOM   1097 C  CA  . VAL A 1 162 ? 8.233   5.055   10.904  1.00 46.93 ? 135 VAL A CA  1 
ATOM   1098 C  C   . VAL A 1 162 ? 7.479   3.751   11.151  1.00 55.20 ? 135 VAL A C   1 
ATOM   1099 O  O   . VAL A 1 162 ? 7.021   3.096   10.204  1.00 53.30 ? 135 VAL A O   1 
ATOM   1100 C  CB  . VAL A 1 162 ? 7.248   6.197   10.590  1.00 53.89 ? 135 VAL A CB  1 
ATOM   1101 C  CG1 . VAL A 1 162 ? 6.459   6.583   11.839  1.00 51.31 ? 135 VAL A CG1 1 
ATOM   1102 C  CG2 . VAL A 1 162 ? 7.983   7.416   10.023  1.00 53.50 ? 135 VAL A CG2 1 
ATOM   1103 N  N   . GLU A 1 163 ? 7.356   3.373   12.418  1.00 52.22 ? 136 GLU A N   1 
ATOM   1104 C  CA  . GLU A 1 163 ? 6.516   2.252   12.811  1.00 52.78 ? 136 GLU A CA  1 
ATOM   1105 C  C   . GLU A 1 163 ? 5.236   2.801   13.427  1.00 54.12 ? 136 GLU A C   1 
ATOM   1106 O  O   . GLU A 1 163 ? 5.260   3.794   14.161  1.00 52.39 ? 136 GLU A O   1 
ATOM   1107 C  CB  . GLU A 1 163 ? 7.219   1.332   13.806  1.00 49.73 ? 136 GLU A CB  1 
ATOM   1108 C  CG  . GLU A 1 163 ? 8.589   0.853   13.375  1.00 50.19 ? 136 GLU A CG  1 
ATOM   1109 C  CD  . GLU A 1 163 ? 9.179   -0.108  14.393  1.00 65.67 ? 136 GLU A CD  1 
ATOM   1110 O  OE1 . GLU A 1 163 ? 8.937   0.099   15.606  1.00 64.72 ? 136 GLU A OE1 1 
ATOM   1111 O  OE2 . GLU A 1 163 ? 9.856   -1.085  13.991  1.00 70.91 ? 136 GLU A OE2 1 
ATOM   1112 N  N   . VAL A 1 164 ? 4.119   2.161   13.112  1.00 50.22 ? 137 VAL A N   1 
ATOM   1113 C  CA  . VAL A 1 164 ? 2.816   2.681   13.492  1.00 51.93 ? 137 VAL A CA  1 
ATOM   1114 C  C   . VAL A 1 164 ? 1.938   1.531   13.975  1.00 52.55 ? 137 VAL A C   1 
ATOM   1115 O  O   . VAL A 1 164 ? 2.069   0.387   13.528  1.00 52.16 ? 137 VAL A O   1 
ATOM   1116 C  CB  . VAL A 1 164 ? 2.181   3.446   12.306  1.00 56.41 ? 137 VAL A CB  1 
ATOM   1117 C  CG1 . VAL A 1 164 ? 2.149   2.560   11.064  1.00 54.95 ? 137 VAL A CG1 1 
ATOM   1118 C  CG2 . VAL A 1 164 ? 0.787   3.959   12.652  1.00 58.12 ? 137 VAL A CG2 1 
ATOM   1119 N  N   . GLN A 1 165 ? 1.069   1.835   14.935  1.00 53.60 ? 138 GLN A N   1 
ATOM   1120 C  CA  . GLN A 1 165 ? -0.011  0.935   15.325  1.00 53.61 ? 138 GLN A CA  1 
ATOM   1121 C  C   . GLN A 1 165 ? -1.185  1.270   14.417  1.00 55.94 ? 138 GLN A C   1 
ATOM   1122 O  O   . GLN A 1 165 ? -1.949  2.202   14.684  1.00 54.66 ? 138 GLN A O   1 
ATOM   1123 C  CB  . GLN A 1 165 ? -0.382  1.106   16.790  1.00 53.06 ? 138 GLN A CB  1 
ATOM   1124 C  CG  . GLN A 1 165 ? -1.492  0.169   17.226  1.00 50.91 ? 138 GLN A CG  1 
ATOM   1125 C  CD  . GLN A 1 165 ? -1.017  -1.268  17.297  1.00 57.66 ? 138 GLN A CD  1 
ATOM   1126 O  OE1 . GLN A 1 165 ? -0.013  -1.560  17.949  1.00 56.96 ? 138 GLN A OE1 1 
ATOM   1127 N  NE2 . GLN A 1 165 ? -1.724  -2.176  16.611  1.00 54.62 ? 138 GLN A NE2 1 
ATOM   1128 N  N   . LEU A 1 166 ? -1.316  0.516   13.331  1.00 53.98 ? 139 LEU A N   1 
ATOM   1129 C  CA  . LEU A 1 166 ? -2.234  0.862   12.254  1.00 58.10 ? 139 LEU A CA  1 
ATOM   1130 C  C   . LEU A 1 166 ? -3.657  0.505   12.657  1.00 59.78 ? 139 LEU A C   1 
ATOM   1131 O  O   . LEU A 1 166 ? -3.957  -0.661  12.922  1.00 59.41 ? 139 LEU A O   1 
ATOM   1132 C  CB  . LEU A 1 166 ? -1.823  0.136   10.978  1.00 61.04 ? 139 LEU A CB  1 
ATOM   1133 C  CG  . LEU A 1 166 ? -2.488  0.525   9.666   1.00 63.33 ? 139 LEU A CG  1 
ATOM   1134 C  CD1 . LEU A 1 166 ? -2.582  2.044   9.533   1.00 65.16 ? 139 LEU A CD1 1 
ATOM   1135 C  CD2 . LEU A 1 166 ? -1.683  -0.082  8.523   1.00 50.37 ? 139 LEU A CD2 1 
ATOM   1136 N  N   . LYS A 1 167 ? -4.518  1.510   12.731  1.00 61.54 ? 140 LYS A N   1 
ATOM   1137 C  CA  . LYS A 1 167 ? -5.914  1.352   13.108  1.00 58.64 ? 140 LYS A CA  1 
ATOM   1138 C  C   . LYS A 1 167 ? -6.860  1.748   11.991  1.00 65.09 ? 140 LYS A C   1 
ATOM   1139 O  O   . LYS A 1 167 ? -7.837  1.033   11.716  1.00 65.27 ? 140 LYS A O   1 
ATOM   1140 C  CB  . LYS A 1 167 ? -6.212  2.197   14.354  1.00 57.70 ? 140 LYS A CB  1 
ATOM   1141 C  CG  . LYS A 1 167 ? -7.587  1.991   14.939  1.00 60.29 ? 140 LYS A CG  1 
ATOM   1142 C  CD  . LYS A 1 167 ? -7.844  2.903   16.133  1.00 57.32 ? 140 LYS A CD  1 
ATOM   1143 C  CE  . LYS A 1 167 ? -8.216  4.313   15.687  1.00 65.11 ? 140 LYS A CE  1 
ATOM   1144 N  NZ  . LYS A 1 167 ? -8.235  5.313   16.809  1.00 63.57 ? 140 LYS A NZ  1 
ATOM   1145 N  N   . SER A 1 168 ? -6.576  2.868   11.331  1.00 66.95 ? 141 SER A N   1 
ATOM   1146 C  CA  . SER A 1 168 ? -7.366  3.380   10.214  1.00 71.35 ? 141 SER A CA  1 
ATOM   1147 C  C   . SER A 1 168 ? -6.398  4.025   9.236   1.00 72.35 ? 141 SER A C   1 
ATOM   1148 O  O   . SER A 1 168 ? -5.763  5.025   9.581   1.00 75.53 ? 141 SER A O   1 
ATOM   1149 C  CB  . SER A 1 168 ? -8.402  4.394   10.691  1.00 71.32 ? 141 SER A CB  1 
ATOM   1150 O  OG  . SER A 1 168 ? -8.810  5.229   9.617   1.00 75.62 ? 141 SER A OG  1 
ATOM   1151 N  N   . ILE A 1 169 ? -6.282  3.467   8.026   1.00 71.44 ? 142 ILE A N   1 
ATOM   1152 C  CA  . ILE A 1 169 ? -5.346  4.028   7.052   1.00 71.84 ? 142 ILE A CA  1 
ATOM   1153 C  C   . ILE A 1 169 ? -5.631  5.507   6.815   1.00 77.41 ? 142 ILE A C   1 
ATOM   1154 O  O   . ILE A 1 169 ? -4.720  6.278   6.480   1.00 73.95 ? 142 ILE A O   1 
ATOM   1155 C  CB  . ILE A 1 169 ? -5.388  3.225   5.732   1.00 74.23 ? 142 ILE A CB  1 
ATOM   1156 C  CG1 . ILE A 1 169 ? -6.795  3.234   5.122   1.00 73.64 ? 142 ILE A CG1 1 
ATOM   1157 C  CG2 . ILE A 1 169 ? -4.910  1.812   5.957   1.00 70.45 ? 142 ILE A CG2 1 
ATOM   1158 C  CD1 . ILE A 1 169 ? -7.138  4.534   4.391   1.00 70.46 ? 142 ILE A CD1 1 
ATOM   1159 N  N   . VAL A 1 170 ? -6.879  5.937   7.012   1.00 76.41 ? 143 VAL A N   1 
ATOM   1160 C  CA  . VAL A 1 170 ? -7.286  7.259   6.552   1.00 72.79 ? 143 VAL A CA  1 
ATOM   1161 C  C   . VAL A 1 170 ? -6.734  8.372   7.443   1.00 77.37 ? 143 VAL A C   1 
ATOM   1162 O  O   . VAL A 1 170 ? -6.516  9.495   6.970   1.00 72.72 ? 143 VAL A O   1 
ATOM   1163 C  CB  . VAL A 1 170 ? -8.818  7.316   6.446   1.00 77.11 ? 143 VAL A CB  1 
ATOM   1164 C  CG1 . VAL A 1 170 ? -9.453  7.363   7.834   1.00 77.80 ? 143 VAL A CG1 1 
ATOM   1165 C  CG2 . VAL A 1 170 ? -9.253  8.501   5.586   1.00 73.81 ? 143 VAL A CG2 1 
ATOM   1166 N  N   . THR A 1 171 ? -6.492  8.102   8.730   1.00 77.36 ? 144 THR A N   1 
ATOM   1167 C  CA  . THR A 1 171 ? -5.953  9.118   9.634   1.00 74.23 ? 144 THR A CA  1 
ATOM   1168 C  C   . THR A 1 171 ? -4.540  8.823   10.123  1.00 71.23 ? 144 THR A C   1 
ATOM   1169 O  O   . THR A 1 171 ? -3.919  9.703   10.728  1.00 66.42 ? 144 THR A O   1 
ATOM   1170 C  CB  . THR A 1 171 ? -6.858  9.290   10.868  1.00 71.63 ? 144 THR A CB  1 
ATOM   1171 O  OG1 . THR A 1 171 ? -7.135  8.004   11.447  1.00 69.69 ? 144 THR A OG1 1 
ATOM   1172 C  CG2 . THR A 1 171 ? -8.163  9.992   10.503  1.00 70.00 ? 144 THR A CG2 1 
ATOM   1173 N  N   . ASP A 1 172 ? -4.030  7.614   9.901   1.00 75.58 ? 145 ASP A N   1 
ATOM   1174 C  CA  . ASP A 1 172 ? -2.749  7.193   10.449  1.00 73.92 ? 145 ASP A CA  1 
ATOM   1175 C  C   . ASP A 1 172 ? -1.637  7.145   9.408   1.00 72.31 ? 145 ASP A C   1 
ATOM   1176 O  O   . ASP A 1 172 ? -0.484  6.883   9.767   1.00 71.74 ? 145 ASP A O   1 
ATOM   1177 C  CB  . ASP A 1 172 ? -2.895  5.817   11.113  1.00 68.19 ? 145 ASP A CB  1 
ATOM   1178 C  CG  . ASP A 1 172 ? -4.051  5.769   12.097  1.00 70.87 ? 145 ASP A CG  1 
ATOM   1179 O  OD1 . ASP A 1 172 ? -4.872  6.714   12.079  1.00 70.54 ? 145 ASP A OD1 1 
ATOM   1180 O  OD2 . ASP A 1 172 ? -4.143  4.798   12.888  1.00 67.66 ? 145 ASP A OD2 1 
ATOM   1181 N  N   . LEU A 1 173 ? -1.951  7.392   8.133   1.00 69.12 ? 146 LEU A N   1 
ATOM   1182 C  CA  . LEU A 1 173 ? -0.981  7.194   7.065   1.00 67.84 ? 146 LEU A CA  1 
ATOM   1183 C  C   . LEU A 1 173 ? -0.680  8.490   6.320   1.00 64.96 ? 146 LEU A C   1 
ATOM   1184 O  O   . LEU A 1 173 ? 0.494   8.801   6.095   1.00 66.31 ? 146 LEU A O   1 
ATOM   1185 C  CB  . LEU A 1 173 ? -1.475  6.120   6.088   1.00 69.86 ? 146 LEU A CB  1 
ATOM   1186 C  CG  . LEU A 1 173 ? -0.601  4.866   6.092   1.00 68.77 ? 146 LEU A CG  1 
ATOM   1187 C  CD1 . LEU A 1 173 ? -0.218  4.529   7.525   1.00 64.45 ? 146 LEU A CD1 1 
ATOM   1188 C  CD2 . LEU A 1 173 ? -1.285  3.675   5.411   1.00 57.00 ? 146 LEU A CD2 1 
ATOM   1189 N  N   . PRO A 1 174 ? -1.686  9.254   5.900   1.00 66.51 ? 147 PRO A N   1 
ATOM   1190 C  CA  . PRO A 1 174 ? -1.418  10.514  5.187   1.00 62.57 ? 147 PRO A CA  1 
ATOM   1191 C  C   . PRO A 1 174 ? -0.450  11.395  5.955   1.00 64.31 ? 147 PRO A C   1 
ATOM   1192 O  O   . PRO A 1 174 ? 0.561   11.842  5.395   1.00 65.08 ? 147 PRO A O   1 
ATOM   1193 C  CB  . PRO A 1 174 ? -2.808  11.158  5.081   1.00 60.19 ? 147 PRO A CB  1 
ATOM   1194 C  CG  . PRO A 1 174 ? -3.733  9.981   5.012   1.00 65.99 ? 147 PRO A CG  1 
ATOM   1195 C  CD  . PRO A 1 174 ? -3.127  8.943   5.936   1.00 66.59 ? 147 PRO A CD  1 
ATOM   1196 N  N   . PRO A 1 175 ? -0.703  11.659  7.241   1.00 64.51 ? 148 PRO A N   1 
ATOM   1197 C  CA  . PRO A 1 175 ? 0.231   12.524  7.989   1.00 60.50 ? 148 PRO A CA  1 
ATOM   1198 C  C   . PRO A 1 175 ? 1.631   11.952  8.037   1.00 60.20 ? 148 PRO A C   1 
ATOM   1199 O  O   . PRO A 1 175 ? 2.613   12.706  8.073   1.00 62.27 ? 148 PRO A O   1 
ATOM   1200 C  CB  . PRO A 1 175 ? -0.390  12.607  9.391   1.00 56.80 ? 148 PRO A CB  1 
ATOM   1201 C  CG  . PRO A 1 175 ? -1.787  12.007  9.259   1.00 63.55 ? 148 PRO A CG  1 
ATOM   1202 C  CD  . PRO A 1 175 ? -1.722  11.052  8.116   1.00 60.72 ? 148 PRO A CD  1 
ATOM   1203 N  N   . LEU A 1 176 ? 1.750   10.626  8.017   1.00 62.55 ? 149 LEU A N   1 
ATOM   1204 C  CA  . LEU A 1 176 ? 3.060   9.985   8.028   1.00 62.24 ? 149 LEU A CA  1 
ATOM   1205 C  C   . LEU A 1 176 ? 3.844   10.321  6.761   1.00 64.78 ? 149 LEU A C   1 
ATOM   1206 O  O   . LEU A 1 176 ? 5.015   10.720  6.829   1.00 62.65 ? 149 LEU A O   1 
ATOM   1207 C  CB  . LEU A 1 176 ? 2.877   8.476   8.188   1.00 61.20 ? 149 LEU A CB  1 
ATOM   1208 C  CG  . LEU A 1 176 ? 3.900   7.667   8.972   1.00 57.86 ? 149 LEU A CG  1 
ATOM   1209 C  CD1 . LEU A 1 176 ? 3.321   6.298   9.265   1.00 62.63 ? 149 LEU A CD1 1 
ATOM   1210 C  CD2 . LEU A 1 176 ? 5.165   7.544   8.161   1.00 57.68 ? 149 LEU A CD2 1 
ATOM   1211 N  N   . PHE A 1 177 ? 3.204   10.186  5.595   1.00 62.57 ? 150 PHE A N   1 
ATOM   1212 C  CA  . PHE A 1 177 ? 3.842   10.575  4.339   1.00 63.97 ? 150 PHE A CA  1 
ATOM   1213 C  C   . PHE A 1 177 ? 4.118   12.078  4.296   1.00 62.71 ? 150 PHE A C   1 
ATOM   1214 O  O   . PHE A 1 177 ? 5.195   12.514  3.867   1.00 61.39 ? 150 PHE A O   1 
ATOM   1215 C  CB  . PHE A 1 177 ? 2.961   10.172  3.151   1.00 63.51 ? 150 PHE A CB  1 
ATOM   1216 C  CG  . PHE A 1 177 ? 2.604   8.723   3.114   1.00 63.49 ? 150 PHE A CG  1 
ATOM   1217 C  CD1 . PHE A 1 177 ? 3.440   7.766   3.664   1.00 64.81 ? 150 PHE A CD1 1 
ATOM   1218 C  CD2 . PHE A 1 177 ? 1.419   8.312   2.518   1.00 65.60 ? 150 PHE A CD2 1 
ATOM   1219 C  CE1 . PHE A 1 177 ? 3.099   6.423   3.621   1.00 57.49 ? 150 PHE A CE1 1 
ATOM   1220 C  CE2 . PHE A 1 177 ? 1.075   6.973   2.470   1.00 63.15 ? 150 PHE A CE2 1 
ATOM   1221 C  CZ  . PHE A 1 177 ? 1.913   6.028   3.025   1.00 60.47 ? 150 PHE A CZ  1 
ATOM   1222 N  N   . GLU A 1 178 ? 3.139   12.891  4.703   1.00 63.81 ? 151 GLU A N   1 
ATOM   1223 C  CA  . GLU A 1 178 ? 3.318   14.339  4.650   1.00 61.56 ? 151 GLU A CA  1 
ATOM   1224 C  C   . GLU A 1 178 ? 4.537   14.776  5.447   1.00 59.77 ? 151 GLU A C   1 
ATOM   1225 O  O   . GLU A 1 178 ? 5.299   15.643  5.003   1.00 63.40 ? 151 GLU A O   1 
ATOM   1226 C  CB  . GLU A 1 178 ? 2.063   15.044  5.157   1.00 62.39 ? 151 GLU A CB  1 
ATOM   1227 C  CG  . GLU A 1 178 ? 0.903   14.951  4.192   1.00 70.22 ? 151 GLU A CG  1 
ATOM   1228 C  CD  . GLU A 1 178 ? 1.287   15.407  2.789   1.00 76.20 ? 151 GLU A CD  1 
ATOM   1229 O  OE1 . GLU A 1 178 ? 2.245   16.199  2.666   1.00 81.18 ? 151 GLU A OE1 1 
ATOM   1230 O  OE2 . GLU A 1 178 ? 0.643   14.967  1.808   1.00 83.42 ? 151 GLU A OE2 1 
ATOM   1231 N  N   . SER A 1 179 ? 4.746   14.185  6.625   1.00 58.84 ? 152 SER A N   1 
ATOM   1232 C  CA  . SER A 1 179 ? 5.874   14.585  7.459   1.00 58.94 ? 152 SER A CA  1 
ATOM   1233 C  C   . SER A 1 179 ? 7.213   14.115  6.902   1.00 59.70 ? 152 SER A C   1 
ATOM   1234 O  O   . SER A 1 179 ? 8.249   14.675  7.274   1.00 63.82 ? 152 SER A O   1 
ATOM   1235 C  CB  . SER A 1 179 ? 5.689   14.064  8.881   1.00 56.99 ? 152 SER A CB  1 
ATOM   1236 O  OG  . SER A 1 179 ? 5.630   12.646  8.879   1.00 62.71 ? 152 SER A OG  1 
ATOM   1237 N  N   . PHE A 1 180 ? 7.227   13.107  6.027   1.00 56.69 ? 153 PHE A N   1 
ATOM   1238 C  CA  . PHE A 1 180 ? 8.477   12.719  5.377   1.00 57.96 ? 153 PHE A CA  1 
ATOM   1239 C  C   . PHE A 1 180 ? 8.807   13.653  4.219   1.00 56.63 ? 153 PHE A C   1 
ATOM   1240 O  O   . PHE A 1 180 ? 9.971   14.010  4.023   1.00 57.25 ? 153 PHE A O   1 
ATOM   1241 C  CB  . PHE A 1 180 ? 8.401   11.267  4.885   1.00 56.45 ? 153 PHE A CB  1 
ATOM   1242 C  CG  . PHE A 1 180 ? 9.619   10.816  4.092   1.00 52.92 ? 153 PHE A CG  1 
ATOM   1243 C  CD1 . PHE A 1 180 ? 9.598   10.800  2.703   1.00 49.91 ? 153 PHE A CD1 1 
ATOM   1244 C  CD2 . PHE A 1 180 ? 10.772  10.404  4.740   1.00 47.57 ? 153 PHE A CD2 1 
ATOM   1245 C  CE1 . PHE A 1 180 ? 10.697  10.381  1.983   1.00 48.74 ? 153 PHE A CE1 1 
ATOM   1246 C  CE2 . PHE A 1 180 ? 11.872  9.988   4.023   1.00 49.44 ? 153 PHE A CE2 1 
ATOM   1247 C  CZ  . PHE A 1 180 ? 11.834  9.980   2.639   1.00 48.05 ? 153 PHE A CZ  1 
ATOM   1248 N  N   . TYR A 1 181 ? 7.795   14.051  3.448   1.00 55.84 ? 154 TYR A N   1 
ATOM   1249 C  CA  . TYR A 1 181 ? 8.009   14.963  2.333   1.00 57.34 ? 154 TYR A CA  1 
ATOM   1250 C  C   . TYR A 1 181 ? 8.427   16.350  2.811   1.00 62.72 ? 154 TYR A C   1 
ATOM   1251 O  O   . TYR A 1 181 ? 9.117   17.077  2.083   1.00 57.92 ? 154 TYR A O   1 
ATOM   1252 C  CB  . TYR A 1 181 ? 6.735   15.068  1.490   1.00 58.93 ? 154 TYR A CB  1 
ATOM   1253 C  CG  . TYR A 1 181 ? 6.159   13.747  1.035   1.00 64.78 ? 154 TYR A CG  1 
ATOM   1254 C  CD1 . TYR A 1 181 ? 4.805   13.623  0.739   1.00 69.13 ? 154 TYR A CD1 1 
ATOM   1255 C  CD2 . TYR A 1 181 ? 6.963   12.619  0.899   1.00 65.43 ? 154 TYR A CD2 1 
ATOM   1256 C  CE1 . TYR A 1 181 ? 4.266   12.405  0.322   1.00 70.18 ? 154 TYR A CE1 1 
ATOM   1257 C  CE2 . TYR A 1 181 ? 6.439   11.403  0.479   1.00 61.58 ? 154 TYR A CE2 1 
ATOM   1258 C  CZ  . TYR A 1 181 ? 5.088   11.298  0.192   1.00 68.78 ? 154 TYR A CZ  1 
ATOM   1259 O  OH  . TYR A 1 181 ? 4.560   10.085  -0.222  1.00 70.69 ? 154 TYR A OH  1 
ATOM   1260 N  N   . ALA A 1 182 ? 8.024   16.732  4.025   1.00 59.37 ? 155 ALA A N   1 
ATOM   1261 C  CA  . ALA A 1 182 ? 8.237   18.091  4.503   1.00 58.38 ? 155 ALA A CA  1 
ATOM   1262 C  C   . ALA A 1 182 ? 9.607   18.310  5.132   1.00 58.68 ? 155 ALA A C   1 
ATOM   1263 O  O   . ALA A 1 182 ? 10.021  19.467  5.295   1.00 67.02 ? 155 ALA A O   1 
ATOM   1264 C  CB  . ALA A 1 182 ? 7.154   18.456  5.517   1.00 56.44 ? 155 ALA A CB  1 
ATOM   1265 N  N   . SER A 1 183 ? 10.317  17.241  5.469   1.00 60.35 ? 156 SER A N   1 
ATOM   1266 C  CA  . SER A 1 183 ? 11.547  17.317  6.249   1.00 57.98 ? 156 SER A CA  1 
ATOM   1267 C  C   . SER A 1 183 ? 12.711  16.816  5.410   1.00 62.07 ? 156 SER A C   1 
ATOM   1268 O  O   . SER A 1 183 ? 12.869  15.601  5.224   1.00 62.57 ? 156 SER A O   1 
ATOM   1269 C  CB  . SER A 1 183 ? 11.426  16.499  7.537   1.00 60.36 ? 156 SER A CB  1 
ATOM   1270 O  OG  . SER A 1 183 ? 12.707  16.104  8.005   1.00 62.49 ? 156 SER A OG  1 
ATOM   1271 N  N   . GLU A 1 184 ? 13.533  17.753  4.919   1.00 62.59 ? 157 GLU A N   1 
ATOM   1272 C  CA  . GLU A 1 184 ? 14.806  17.388  4.315   1.00 60.18 ? 157 GLU A CA  1 
ATOM   1273 C  C   . GLU A 1 184 ? 15.629  16.521  5.252   1.00 57.42 ? 157 GLU A C   1 
ATOM   1274 O  O   . GLU A 1 184 ? 16.392  15.662  4.799   1.00 59.33 ? 157 GLU A O   1 
ATOM   1275 C  CB  . GLU A 1 184 ? 15.595  18.653  3.950   1.00 61.44 ? 157 GLU A CB  1 
ATOM   1276 C  CG  . GLU A 1 184 ? 15.585  18.982  2.460   1.00 68.41 ? 157 GLU A CG  1 
ATOM   1277 C  CD  . GLU A 1 184 ? 16.597  20.057  2.070   1.00 70.72 ? 157 GLU A CD  1 
ATOM   1278 O  OE1 . GLU A 1 184 ? 16.180  21.044  1.427   1.00 81.12 ? 157 GLU A OE1 1 
ATOM   1279 O  OE2 . GLU A 1 184 ? 17.800  19.922  2.401   1.00 67.52 ? 157 GLU A OE2 1 
ATOM   1280 N  N   . ASP A 1 185 ? 15.515  16.741  6.561   1.00 58.09 ? 158 ASP A N   1 
ATOM   1281 C  CA  . ASP A 1 185 ? 16.297  15.935  7.488   1.00 64.00 ? 158 ASP A CA  1 
ATOM   1282 C  C   . ASP A 1 185 ? 15.841  14.478  7.476   1.00 65.75 ? 158 ASP A C   1 
ATOM   1283 O  O   . ASP A 1 185 ? 16.654  13.566  7.683   1.00 61.39 ? 158 ASP A O   1 
ATOM   1284 C  CB  . ASP A 1 185 ? 16.222  16.528  8.899   1.00 67.72 ? 158 ASP A CB  1 
ATOM   1285 C  CG  . ASP A 1 185 ? 17.007  15.711  9.919   1.00 75.86 ? 158 ASP A CG  1 
ATOM   1286 O  OD1 . ASP A 1 185 ? 16.376  15.059  10.783  1.00 73.46 ? 158 ASP A OD1 1 
ATOM   1287 O  OD2 . ASP A 1 185 ? 18.258  15.702  9.838   1.00 82.78 ? 158 ASP A OD2 1 
ATOM   1288 N  N   . LYS A 1 186 ? 14.558  14.229  7.225   1.00 59.08 ? 159 LYS A N   1 
ATOM   1289 C  CA  . LYS A 1 186 ? 14.149  12.837  7.121   1.00 64.70 ? 159 LYS A CA  1 
ATOM   1290 C  C   . LYS A 1 186 ? 14.476  12.237  5.764   1.00 60.71 ? 159 LYS A C   1 
ATOM   1291 O  O   . LYS A 1 186 ? 14.631  11.019  5.678   1.00 57.67 ? 159 LYS A O   1 
ATOM   1292 C  CB  . LYS A 1 186 ? 12.660  12.679  7.416   1.00 59.83 ? 159 LYS A CB  1 
ATOM   1293 C  CG  . LYS A 1 186 ? 12.345  12.769  8.887   1.00 59.49 ? 159 LYS A CG  1 
ATOM   1294 C  CD  . LYS A 1 186 ? 10.868  12.986  9.092   1.00 60.05 ? 159 LYS A CD  1 
ATOM   1295 C  CE  . LYS A 1 186 ? 10.576  13.319  10.534  1.00 58.38 ? 159 LYS A CE  1 
ATOM   1296 N  NZ  . LYS A 1 186 ? 9.180   13.774  10.667  1.00 58.14 ? 159 LYS A NZ  1 
ATOM   1297 N  N   . ARG A 1 187 ? 14.629  13.053  4.718   1.00 58.84 ? 160 ARG A N   1 
ATOM   1298 C  CA  . ARG A 1 187 ? 14.922  12.519  3.396   1.00 56.04 ? 160 ARG A CA  1 
ATOM   1299 C  C   . ARG A 1 187 ? 16.412  12.339  3.120   1.00 59.09 ? 160 ARG A C   1 
ATOM   1300 O  O   . ARG A 1 187 ? 16.764  11.686  2.131   1.00 55.07 ? 160 ARG A O   1 
ATOM   1301 C  CB  . ARG A 1 187 ? 14.300  13.410  2.326   1.00 54.66 ? 160 ARG A CB  1 
ATOM   1302 C  CG  . ARG A 1 187 ? 12.793  13.368  2.335   1.00 56.40 ? 160 ARG A CG  1 
ATOM   1303 C  CD  . ARG A 1 187 ? 12.214  14.739  2.127   1.00 60.99 ? 160 ARG A CD  1 
ATOM   1304 N  NE  . ARG A 1 187 ? 12.626  15.294  0.846   1.00 61.05 ? 160 ARG A NE  1 
ATOM   1305 C  CZ  . ARG A 1 187 ? 12.503  16.574  0.524   1.00 65.99 ? 160 ARG A CZ  1 
ATOM   1306 N  NH1 . ARG A 1 187 ? 11.977  17.423  1.398   1.00 65.59 ? 160 ARG A NH1 1 
ATOM   1307 N  NH2 . ARG A 1 187 ? 12.911  17.004  -0.664  1.00 68.45 ? 160 ARG A NH2 1 
ATOM   1308 N  N   . ARG A 1 188 ? 17.289  12.886  3.964   1.00 63.49 ? 161 ARG A N   1 
ATOM   1309 C  CA  . ARG A 1 188 ? 18.734  12.808  3.749   1.00 64.10 ? 161 ARG A CA  1 
ATOM   1310 C  C   . ARG A 1 188 ? 19.257  11.403  4.045   1.00 60.18 ? 161 ARG A C   1 
ATOM   1311 O  O   . ARG A 1 188 ? 19.205  10.951  5.189   1.00 61.86 ? 161 ARG A O   1 
ATOM   1312 C  CB  . ARG A 1 188 ? 19.436  13.845  4.634   1.00 61.51 ? 161 ARG A CB  1 
ATOM   1313 C  CG  . ARG A 1 188 ? 20.957  13.673  4.804   1.00 62.35 ? 161 ARG A CG  1 
ATOM   1314 C  CD  . ARG A 1 188 ? 21.593  14.861  5.575   1.00 60.03 ? 161 ARG A CD  1 
ATOM   1315 N  NE  . ARG A 1 188 ? 21.109  16.135  5.050   1.00 57.76 ? 161 ARG A NE  1 
ATOM   1316 C  CZ  . ARG A 1 188 ? 20.256  16.926  5.683   1.00 56.26 ? 161 ARG A CZ  1 
ATOM   1317 N  NH1 . ARG A 1 188 ? 19.821  16.594  6.888   1.00 60.43 ? 161 ARG A NH1 1 
ATOM   1318 N  NH2 . ARG A 1 188 ? 19.852  18.053  5.116   1.00 59.82 ? 161 ARG A NH2 1 
ATOM   1319 N  N   . CYS A 1 189 ? 19.795  10.722  3.037   1.00 60.93 ? 162 CYS A N   1 
ATOM   1320 C  CA  . CYS A 1 189 ? 20.382  9.403   3.275   1.00 63.10 ? 162 CYS A CA  1 
ATOM   1321 C  C   . CYS A 1 189 ? 21.463  9.491   4.357   1.00 66.04 ? 162 CYS A C   1 
ATOM   1322 O  O   . CYS A 1 189 ? 22.337  10.370  4.272   1.00 69.70 ? 162 CYS A O   1 
ATOM   1323 C  CB  . CYS A 1 189 ? 20.980  8.816   1.995   1.00 57.25 ? 162 CYS A CB  1 
ATOM   1324 S  SG  . CYS A 1 189 ? 21.914  7.267   2.260   1.00 60.08 ? 162 CYS A SG  1 
ATOM   1325 N  N   . PRO A 1 190 ? 21.446  8.627   5.362   1.00 68.52 ? 163 PRO A N   1 
ATOM   1326 C  CA  . PRO A 1 190 ? 22.488  8.650   6.395   1.00 65.57 ? 163 PRO A CA  1 
ATOM   1327 C  C   . PRO A 1 190 ? 23.794  8.006   5.966   1.00 70.09 ? 163 PRO A C   1 
ATOM   1328 O  O   . PRO A 1 190 ? 24.699  7.874   6.794   1.00 72.38 ? 163 PRO A O   1 
ATOM   1329 C  CB  . PRO A 1 190 ? 21.844  7.842   7.528   1.00 67.53 ? 163 PRO A CB  1 
ATOM   1330 C  CG  . PRO A 1 190 ? 21.113  6.765   6.778   1.00 62.10 ? 163 PRO A CG  1 
ATOM   1331 C  CD  . PRO A 1 190 ? 20.587  7.433   5.510   1.00 65.18 ? 163 PRO A CD  1 
ATOM   1332 N  N   . HIS A 1 191 ? 23.899  7.580   4.709   1.00 72.47 ? 164 HIS A N   1 
ATOM   1333 C  CA  . HIS A 1 191 ? 25.096  6.923   4.205   1.00 72.90 ? 164 HIS A CA  1 
ATOM   1334 C  C   . HIS A 1 191 ? 25.804  7.681   3.091   1.00 69.82 ? 164 HIS A C   1 
ATOM   1335 O  O   . HIS A 1 191 ? 27.029  7.593   2.998   1.00 70.27 ? 164 HIS A O   1 
ATOM   1336 C  CB  . HIS A 1 191 ? 24.763  5.512   3.703   1.00 69.66 ? 164 HIS A CB  1 
ATOM   1337 C  CG  . HIS A 1 191 ? 25.952  4.773   3.177   1.00 72.29 ? 164 HIS A CG  1 
ATOM   1338 N  ND1 . HIS A 1 191 ? 26.206  4.631   1.828   1.00 75.61 ? 164 HIS A ND1 1 
ATOM   1339 C  CD2 . HIS A 1 191 ? 26.971  4.152   3.818   1.00 73.52 ? 164 HIS A CD2 1 
ATOM   1340 C  CE1 . HIS A 1 191 ? 27.322  3.944   1.662   1.00 76.39 ? 164 HIS A CE1 1 
ATOM   1341 N  NE2 . HIS A 1 191 ? 27.807  3.642   2.853   1.00 78.07 ? 164 HIS A NE2 1 
ATOM   1342 N  N   . CYS A 1 192 ? 25.080  8.415   2.241   1.00 69.65 ? 165 CYS A N   1 
ATOM   1343 C  CA  . CYS A 1 192 ? 25.698  9.207   1.189   1.00 67.90 ? 165 CYS A CA  1 
ATOM   1344 C  C   . CYS A 1 192 ? 25.367  10.691  1.254   1.00 69.98 ? 165 CYS A C   1 
ATOM   1345 O  O   . CYS A 1 192 ? 26.122  11.494  0.694   1.00 73.61 ? 165 CYS A O   1 
ATOM   1346 C  CB  . CYS A 1 192 ? 25.301  8.671   -0.200  1.00 68.34 ? 165 CYS A CB  1 
ATOM   1347 S  SG  . CYS A 1 192 ? 23.612  9.062   -0.760  1.00 71.61 ? 165 CYS A SG  1 
ATOM   1348 N  N   . GLY A 1 193 ? 24.282  11.083  1.920   1.00 68.53 ? 166 GLY A N   1 
ATOM   1349 C  CA  . GLY A 1 193 ? 23.880  12.471  1.983   1.00 62.67 ? 166 GLY A CA  1 
ATOM   1350 C  C   . GLY A 1 193 ? 22.824  12.879  0.978   1.00 61.23 ? 166 GLY A C   1 
ATOM   1351 O  O   . GLY A 1 193 ? 22.223  13.947  1.141   1.00 61.76 ? 166 GLY A O   1 
ATOM   1352 N  N   . GLN A 1 194 ? 22.574  12.066  -0.048  1.00 66.80 ? 167 GLN A N   1 
ATOM   1353 C  CA  . GLN A 1 194 ? 21.524  12.377  -1.009  1.00 62.83 ? 167 GLN A CA  1 
ATOM   1354 C  C   . GLN A 1 194 ? 20.195  12.577  -0.289  1.00 60.33 ? 167 GLN A C   1 
ATOM   1355 O  O   . GLN A 1 194 ? 19.802  11.765  0.550   1.00 63.97 ? 167 GLN A O   1 
ATOM   1356 C  CB  . GLN A 1 194 ? 21.423  11.256  -2.050  1.00 60.85 ? 167 GLN A CB  1 
ATOM   1357 C  CG  . GLN A 1 194 ? 20.253  11.366  -3.021  1.00 61.96 ? 167 GLN A CG  1 
ATOM   1358 C  CD  . GLN A 1 194 ? 20.295  12.627  -3.874  1.00 69.68 ? 167 GLN A CD  1 
ATOM   1359 O  OE1 . GLN A 1 194 ? 20.906  13.630  -3.498  1.00 74.29 ? 167 GLN A OE1 1 
ATOM   1360 N  NE2 . GLN A 1 194 ? 19.642  12.580  -5.031  1.00 70.16 ? 167 GLN A NE2 1 
ATOM   1361 N  N   . VAL A 1 195 ? 19.522  13.684  -0.597  1.00 58.15 ? 168 VAL A N   1 
ATOM   1362 C  CA  . VAL A 1 195 ? 18.217  14.000  -0.026  1.00 55.85 ? 168 VAL A CA  1 
ATOM   1363 C  C   . VAL A 1 195 ? 17.156  13.392  -0.940  1.00 61.89 ? 168 VAL A C   1 
ATOM   1364 O  O   . VAL A 1 195 ? 16.961  13.852  -2.068  1.00 59.53 ? 168 VAL A O   1 
ATOM   1365 C  CB  . VAL A 1 195 ? 18.020  15.513  0.138   1.00 62.34 ? 168 VAL A CB  1 
ATOM   1366 C  CG1 . VAL A 1 195 ? 16.632  15.827  0.708   1.00 57.63 ? 168 VAL A CG1 1 
ATOM   1367 C  CG2 . VAL A 1 195 ? 19.134  16.116  1.015   1.00 55.26 ? 168 VAL A CG2 1 
ATOM   1368 N  N   . HIS A 1 196 ? 16.495  12.341  -0.453  1.00 57.54 ? 169 HIS A N   1 
ATOM   1369 C  CA  . HIS A 1 196 ? 15.431  11.665  -1.179  1.00 58.16 ? 169 HIS A CA  1 
ATOM   1370 C  C   . HIS A 1 196 ? 14.436  12.679  -1.747  1.00 59.88 ? 169 HIS A C   1 
ATOM   1371 O  O   . HIS A 1 196 ? 14.080  13.647  -1.064  1.00 59.07 ? 169 HIS A O   1 
ATOM   1372 C  CB  . HIS A 1 196 ? 14.723  10.694  -0.229  1.00 61.65 ? 169 HIS A CB  1 
ATOM   1373 C  CG  . HIS A 1 196 ? 13.789  9.736   -0.898  1.00 61.28 ? 169 HIS A CG  1 
ATOM   1374 N  ND1 . HIS A 1 196 ? 12.634  10.138  -1.535  1.00 60.68 ? 169 HIS A ND1 1 
ATOM   1375 C  CD2 . HIS A 1 196 ? 13.818  8.383   -0.985  1.00 59.79 ? 169 HIS A CD2 1 
ATOM   1376 C  CE1 . HIS A 1 196 ? 12.007  9.075   -2.008  1.00 58.99 ? 169 HIS A CE1 1 
ATOM   1377 N  NE2 . HIS A 1 196 ? 12.707  8.000   -1.692  1.00 52.92 ? 169 HIS A NE2 1 
ATOM   1378 N  N   . PRO A 1 197 ? 13.935  12.468  -2.971  1.00 63.12 ? 170 PRO A N   1 
ATOM   1379 C  CA  . PRO A 1 197 ? 13.052  13.472  -3.602  1.00 61.78 ? 170 PRO A CA  1 
ATOM   1380 C  C   . PRO A 1 197 ? 11.673  13.603  -2.956  1.00 65.42 ? 170 PRO A C   1 
ATOM   1381 O  O   . PRO A 1 197 ? 10.904  14.493  -3.350  1.00 60.50 ? 170 PRO A O   1 
ATOM   1382 C  CB  . PRO A 1 197 ? 12.925  12.972  -5.050  1.00 62.70 ? 170 PRO A CB  1 
ATOM   1383 C  CG  . PRO A 1 197 ? 13.958  11.879  -5.203  1.00 63.42 ? 170 PRO A CG  1 
ATOM   1384 C  CD  . PRO A 1 197 ? 14.182  11.311  -3.847  1.00 57.93 ? 170 PRO A CD  1 
ATOM   1385 N  N   . GLY A 1 198 ? 11.320  12.745  -2.011  1.00 66.48 ? 171 GLY A N   1 
ATOM   1386 C  CA  . GLY A 1 198 ? 10.042  12.893  -1.309  1.00 65.31 ? 171 GLY A CA  1 
ATOM   1387 C  C   . GLY A 1 198 ? 8.913   12.122  -1.999  1.00 68.66 ? 171 GLY A C   1 
ATOM   1388 O  O   . GLY A 1 198 ? 8.928   10.887  -2.017  1.00 66.45 ? 171 GLY A O   1 
ATOM   1389 N  N   . ARG A 1 199 ? 7.951   12.862  -2.564  1.00 71.15 ? 172 ARG A N   1 
ATOM   1390 C  CA  . ARG A 1 199 ? 6.674   12.281  -2.987  1.00 72.40 ? 172 ARG A CA  1 
ATOM   1391 C  C   . ARG A 1 199 ? 6.782   11.567  -4.335  1.00 78.00 ? 172 ARG A C   1 
ATOM   1392 O  O   . ARG A 1 199 ? 6.303   10.432  -4.487  1.00 75.15 ? 172 ARG A O   1 
ATOM   1393 C  CB  . ARG A 1 199 ? 5.600   13.373  -3.045  1.00 73.99 ? 172 ARG A CB  1 
ATOM   1394 C  CG  . ARG A 1 199 ? 4.175   12.865  -3.214  1.00 74.87 ? 172 ARG A CG  1 
ATOM   1395 C  CD  . ARG A 1 199 ? 3.216   13.996  -3.580  1.00 76.72 ? 172 ARG A CD  1 
ATOM   1396 N  NE  . ARG A 1 199 ? 3.225   15.072  -2.592  1.00 80.39 ? 172 ARG A NE  1 
ATOM   1397 C  CZ  . ARG A 1 199 ? 2.427   15.119  -1.528  1.00 82.47 ? 172 ARG A CZ  1 
ATOM   1398 N  NH1 . ARG A 1 199 ? 1.548   14.148  -1.306  1.00 81.94 ? 172 ARG A NH1 1 
ATOM   1399 N  NH2 . ARG A 1 199 ? 2.510   16.139  -0.682  1.00 83.23 ? 172 ARG A NH2 1 
ATOM   1400 N  N   . ALA A 1 200 ? 7.396   12.218  -5.325  1.00 79.69 ? 173 ALA A N   1 
ATOM   1401 C  CA  . ALA A 1 200 ? 7.531   11.674  -6.671  1.00 80.96 ? 173 ALA A CA  1 
ATOM   1402 C  C   . ALA A 1 200 ? 8.989   11.321  -6.939  1.00 84.80 ? 173 ALA A C   1 
ATOM   1403 O  O   . ALA A 1 200 ? 9.873   12.184  -6.821  1.00 86.55 ? 173 ALA A O   1 
ATOM   1404 C  CB  . ALA A 1 200 ? 7.020   12.671  -7.715  1.00 83.94 ? 173 ALA A CB  1 
ATOM   1405 N  N   . ALA A 1 201 ? 9.229   10.062  -7.313  1.00 83.41 ? 174 ALA A N   1 
ATOM   1406 C  CA  . ALA A 1 201 ? 10.572  9.514   -7.555  1.00 84.63 ? 174 ALA A CA  1 
ATOM   1407 C  C   . ALA A 1 201 ? 11.461  10.427  -8.411  1.00 84.52 ? 174 ALA A C   1 
ATOM   1408 O  O   . ALA A 1 201 ? 12.663  10.182  -8.569  1.00 81.70 ? 174 ALA A O   1 
ATOM   1409 C  CB  . ALA A 1 201 ? 10.458  8.130   -8.205  1.00 79.01 ? 174 ALA A CB  1 
HETATM 1410 FE FE  . FE2 B 2 .   ? 0.963   -3.266  2.166   1.00 49.42 ? 201 FE2 A FE  1 
HETATM 1411 FE FE  . FE2 C 2 .   ? 22.219  7.106   -0.095  1.00 62.42 ? 202 FE2 A FE  1 
HETATM 1412 C  C   . TRS D 3 .   ? 17.381  10.432  8.574   1.00 65.01 ? 203 TRS A C   1 
HETATM 1413 C  C1  . TRS D 3 .   ? 15.953  10.327  9.115   1.00 58.02 ? 203 TRS A C1  1 
HETATM 1414 C  C2  . TRS D 3 .   ? 17.234  10.517  7.073   1.00 62.20 ? 203 TRS A C2  1 
HETATM 1415 C  C3  . TRS D 3 .   ? 18.244  9.216   8.895   1.00 67.23 ? 203 TRS A C3  1 
HETATM 1416 N  N   . TRS D 3 .   ? 18.055  11.657  9.060   1.00 65.45 ? 203 TRS A N   1 
HETATM 1417 O  O1  . TRS D 3 .   ? 15.953  9.967   10.462  1.00 66.20 ? 203 TRS A O1  1 
HETATM 1418 O  O2  . TRS D 3 .   ? 17.368  11.866  6.688   1.00 69.94 ? 203 TRS A O2  1 
HETATM 1419 O  O3  . TRS D 3 .   ? 18.741  9.307   10.206  1.00 74.03 ? 203 TRS A O3  1 
HETATM 1420 H  H11 . TRS D 3 .   ? 15.400  9.584   8.541   1.00 69.65 ? 203 TRS A H11 1 
HETATM 1421 H  H12 . TRS D 3 .   ? 15.448  11.285  8.996   1.00 69.65 ? 203 TRS A H12 1 
HETATM 1422 H  H21 . TRS D 3 .   ? 16.256  10.139  6.773   1.00 74.67 ? 203 TRS A H21 1 
HETATM 1423 H  H22 . TRS D 3 .   ? 18.001  9.913   6.588   1.00 74.67 ? 203 TRS A H22 1 
HETATM 1424 H  H31 . TRS D 3 .   ? 17.651  8.307   8.790   1.00 80.70 ? 203 TRS A H31 1 
HETATM 1425 H  H32 . TRS D 3 .   ? 19.076  9.161   8.191   1.00 80.70 ? 203 TRS A H32 1 
HETATM 1426 H  HN1 . TRS D 3 .   ? 17.537  12.510  8.880   1.00 78.57 ? 203 TRS A HN1 1 
HETATM 1427 H  HN2 . TRS D 3 .   ? 19.037  11.713  8.810   1.00 78.57 ? 203 TRS A HN2 1 
HETATM 1428 H  HN3 . TRS D 3 .   ? 18.053  11.566  10.065  1.00 78.57 ? 203 TRS A HN3 1 
HETATM 1429 H  HO1 . TRS D 3 .   ? 15.029  9.906   10.785  1.00 79.47 ? 203 TRS A HO1 1 
HETATM 1430 H  HO2 . TRS D 3 .   ? 17.275  11.939  5.716   1.00 83.95 ? 203 TRS A HO2 1 
HETATM 1431 H  HO3 . TRS D 3 .   ? 19.294  8.521   10.402  1.00 88.87 ? 203 TRS A HO3 1 
HETATM 1432 O  O   . HOH E 4 .   ? -3.732  -1.931  15.022  1.00 54.57 ? 301 HOH A O   1 
HETATM 1433 O  O   . HOH E 4 .   ? -8.027  2.801   -17.933 1.00 50.34 ? 302 HOH A O   1 
HETATM 1434 O  O   . HOH E 4 .   ? -2.915  -12.583 -15.538 1.00 53.36 ? 303 HOH A O   1 
HETATM 1435 O  O   . HOH E 4 .   ? -0.174  -1.828  13.107  1.00 53.50 ? 304 HOH A O   1 
HETATM 1436 O  O   . HOH E 4 .   ? -5.350  -1.471  -9.141  1.00 45.15 ? 305 HOH A O   1 
HETATM 1437 O  O   . HOH E 4 .   ? -23.629 -4.653  -5.866  1.00 56.60 ? 306 HOH A O   1 
HETATM 1438 O  O   . HOH E 4 .   ? 4.923   -14.704 -2.239  1.00 48.82 ? 307 HOH A O   1 
HETATM 1439 O  O   . HOH E 4 .   ? -13.293 -5.095  5.081   1.00 48.50 ? 308 HOH A O   1 
HETATM 1440 O  O   . HOH E 4 .   ? -9.878  -8.078  14.863  1.00 56.34 ? 309 HOH A O   1 
HETATM 1441 O  O   . HOH E 4 .   ? -1.181  -2.314  2.271   1.00 40.39 ? 310 HOH A O   1 
HETATM 1442 O  O   . HOH E 4 .   ? 5.123   9.068   -6.751  1.00 59.90 ? 311 HOH A O   1 
HETATM 1443 O  O   . HOH E 4 .   ? 18.134  9.615   -0.580  1.00 62.61 ? 312 HOH A O   1 
HETATM 1444 O  O   . HOH E 4 .   ? -2.362  -1.975  -2.615  1.00 44.00 ? 313 HOH A O   1 
HETATM 1445 O  O   . HOH E 4 .   ? -1.664  0.597   -3.334  1.00 54.16 ? 314 HOH A O   1 
HETATM 1446 O  O   . HOH E 4 .   ? 0.502   -1.608  0.944   1.00 46.81 ? 315 HOH A O   1 
# 
loop_
_pdbx_poly_seq_scheme.asym_id 
_pdbx_poly_seq_scheme.entity_id 
_pdbx_poly_seq_scheme.seq_id 
_pdbx_poly_seq_scheme.mon_id 
_pdbx_poly_seq_scheme.ndb_seq_num 
_pdbx_poly_seq_scheme.pdb_seq_num 
_pdbx_poly_seq_scheme.auth_seq_num 
_pdbx_poly_seq_scheme.pdb_mon_id 
_pdbx_poly_seq_scheme.auth_mon_id 
_pdbx_poly_seq_scheme.pdb_strand_id 
_pdbx_poly_seq_scheme.pdb_ins_code 
_pdbx_poly_seq_scheme.hetero 
A 1 1   MET 1   -26 ?   ?   ?   A . n 
A 1 2   GLY 2   -25 ?   ?   ?   A . n 
A 1 3   SER 3   -24 ?   ?   ?   A . n 
A 1 4   SER 4   -23 ?   ?   ?   A . n 
A 1 5   HIS 5   -22 ?   ?   ?   A . n 
A 1 6   HIS 6   -21 ?   ?   ?   A . n 
A 1 7   HIS 7   -20 ?   ?   ?   A . n 
A 1 8   HIS 8   -19 ?   ?   ?   A . n 
A 1 9   HIS 9   -18 ?   ?   ?   A . n 
A 1 10  HIS 10  -17 ?   ?   ?   A . n 
A 1 11  SER 11  -16 ?   ?   ?   A . n 
A 1 12  SER 12  -15 ?   ?   ?   A . n 
A 1 13  GLY 13  -14 ?   ?   ?   A . n 
A 1 14  LEU 14  -13 ?   ?   ?   A . n 
A 1 15  VAL 15  -12 ?   ?   ?   A . n 
A 1 16  PRO 16  -11 ?   ?   ?   A . n 
A 1 17  ARG 17  -10 ?   ?   ?   A . n 
A 1 18  GLY 18  -9  ?   ?   ?   A . n 
A 1 19  SER 19  -8  ?   ?   ?   A . n 
A 1 20  GLU 20  -7  ?   ?   ?   A . n 
A 1 21  ASN 21  -6  ?   ?   ?   A . n 
A 1 22  LEU 22  -5  ?   ?   ?   A . n 
A 1 23  TYR 23  -4  ?   ?   ?   A . n 
A 1 24  PHE 24  -3  ?   ?   ?   A . n 
A 1 25  GLN 25  -2  ?   ?   ?   A . n 
A 1 26  GLY 26  -1  ?   ?   ?   A . n 
A 1 27  HIS 27  0   ?   ?   ?   A . n 
A 1 28  MET 28  1   1   MET MET A . n 
A 1 29  LEU 29  2   2   LEU LEU A . n 
A 1 30  THR 30  3   3   THR THR A . n 
A 1 31  TYR 31  4   4   TYR TYR A . n 
A 1 32  GLY 32  5   5   GLY GLY A . n 
A 1 33  ALA 33  6   6   ALA ALA A . n 
A 1 34  PRO 34  7   7   PRO PRO A . n 
A 1 35  PHE 35  8   8   PHE PHE A . n 
A 1 36  ASN 36  9   9   ASN ASN A . n 
A 1 37  PHE 37  10  10  PHE PHE A . n 
A 1 38  PRO 38  11  11  PRO PRO A . n 
A 1 39  ARG 39  12  12  ARG ARG A . n 
A 1 40  TRP 40  13  13  TRP TRP A . n 
A 1 41  ILE 41  14  14  ILE ILE A . n 
A 1 42  ASP 42  15  15  ASP ASP A . n 
A 1 43  GLU 43  16  16  GLU GLU A . n 
A 1 44  HIS 44  17  17  HIS HIS A . n 
A 1 45  ALA 45  18  18  ALA ALA A . n 
A 1 46  HIS 46  19  19  HIS HIS A . n 
A 1 47  LEU 47  20  20  LEU LEU A . n 
A 1 48  LEU 48  21  21  LEU LEU A . n 
A 1 49  LYS 49  22  22  LYS LYS A . n 
A 1 50  PRO 50  23  23  PRO PRO A . n 
A 1 51  PRO 51  24  24  PRO PRO A . n 
A 1 52  VAL 52  25  25  VAL VAL A . n 
A 1 53  GLY 53  26  26  GLY GLY A . n 
A 1 54  ASN 54  27  27  ASN ASN A . n 
A 1 55  ARG 55  28  28  ARG ARG A . n 
A 1 56  GLN 56  29  29  GLN GLN A . n 
A 1 57  VAL 57  30  30  VAL VAL A . n 
A 1 58  TRP 58  31  31  TRP TRP A . n 
A 1 59  GLN 59  32  32  GLN GLN A . n 
A 1 60  ASP 60  33  33  ASP ASP A . n 
A 1 61  SER 61  34  34  SER SER A . n 
A 1 62  ASP 62  35  35  ASP ASP A . n 
A 1 63  PHE 63  36  36  PHE PHE A . n 
A 1 64  ILE 64  37  37  ILE ILE A . n 
A 1 65  VAL 65  38  38  VAL VAL A . n 
A 1 66  THR 66  39  39  THR THR A . n 
A 1 67  VAL 67  40  40  VAL VAL A . n 
A 1 68  VAL 68  41  41  VAL VAL A . n 
A 1 69  GLY 69  42  42  GLY GLY A . n 
A 1 70  GLY 70  43  43  GLY GLY A . n 
A 1 71  PRO 71  44  44  PRO PRO A . n 
A 1 72  ASN 72  45  45  ASN ASN A . n 
A 1 73  HIS 73  46  46  HIS HIS A . n 
A 1 74  ARG 74  47  47  ARG ARG A . n 
A 1 75  THR 75  48  48  THR THR A . n 
A 1 76  ASP 76  49  49  ASP ASP A . n 
A 1 77  TYR 77  50  50  TYR TYR A . n 
A 1 78  HIS 78  51  51  HIS HIS A . n 
A 1 79  ASP 79  52  52  ASP ASP A . n 
A 1 80  ASP 80  53  53  ASP ASP A . n 
A 1 81  PRO 81  54  54  PRO PRO A . n 
A 1 82  LEU 82  55  55  LEU LEU A . n 
A 1 83  GLU 83  56  56  GLU GLU A . n 
A 1 84  GLU 84  57  57  GLU GLU A . n 
A 1 85  PHE 85  58  58  PHE PHE A . n 
A 1 86  PHE 86  59  59  PHE PHE A . n 
A 1 87  TYR 87  60  60  TYR TYR A . n 
A 1 88  GLN 88  61  61  GLN GLN A . n 
A 1 89  LEU 89  62  62  LEU LEU A . n 
A 1 90  ARG 90  63  63  ARG ARG A . n 
A 1 91  GLY 91  64  64  GLY GLY A . n 
A 1 92  ASN 92  65  65  ASN ASN A . n 
A 1 93  ALA 93  66  66  ALA ALA A . n 
A 1 94  TYR 94  67  67  TYR TYR A . n 
A 1 95  LEU 95  68  68  LEU LEU A . n 
A 1 96  ASN 96  69  69  ASN ASN A . n 
A 1 97  LEU 97  70  70  LEU LEU A . n 
A 1 98  TRP 98  71  71  TRP TRP A . n 
A 1 99  VAL 99  72  72  VAL VAL A . n 
A 1 100 ASP 100 73  73  ASP ASP A . n 
A 1 101 GLY 101 74  74  GLY GLY A . n 
A 1 102 ARG 102 75  75  ARG ARG A . n 
A 1 103 ARG 103 76  76  ARG ARG A . n 
A 1 104 GLU 104 77  77  GLU GLU A . n 
A 1 105 ARG 105 78  78  ARG ARG A . n 
A 1 106 ALA 106 79  79  ALA ALA A . n 
A 1 107 ASP 107 80  80  ASP ASP A . n 
A 1 108 LEU 108 81  81  LEU LEU A . n 
A 1 109 LYS 109 82  82  LYS LYS A . n 
A 1 110 GLU 110 83  83  GLU GLU A . n 
A 1 111 GLY 111 84  84  GLY GLY A . n 
A 1 112 ASP 112 85  85  ASP ASP A . n 
A 1 113 ILE 113 86  86  ILE ILE A . n 
A 1 114 PHE 114 87  87  PHE PHE A . n 
A 1 115 LEU 115 88  88  LEU LEU A . n 
A 1 116 LEU 116 89  89  LEU LEU A . n 
A 1 117 PRO 117 90  90  PRO PRO A . n 
A 1 118 PRO 118 91  91  PRO PRO A . n 
A 1 119 HIS 119 92  92  HIS HIS A . n 
A 1 120 VAL 120 93  93  VAL VAL A . n 
A 1 121 ARG 121 94  94  ARG ARG A . n 
A 1 122 HIS 122 95  95  HIS HIS A . n 
A 1 123 SER 123 96  96  SER SER A . n 
A 1 124 VAL 124 97  97  VAL VAL A . n 
A 1 125 GLN 125 98  98  GLN GLN A . n 
A 1 126 ARG 126 99  99  ARG ARG A . n 
A 1 127 PRO 127 100 100 PRO PRO A . n 
A 1 128 GLU 128 101 101 GLU GLU A . n 
A 1 129 ALA 129 102 102 ALA ALA A . n 
A 1 130 GLY 130 103 103 GLY GLY A . n 
A 1 131 SER 131 104 104 SER SER A . n 
A 1 132 ALA 132 105 105 ALA ALA A . n 
A 1 133 CYS 133 106 106 CYS CYS A . n 
A 1 134 LEU 134 107 107 LEU LEU A . n 
A 1 135 VAL 135 108 108 VAL VAL A . n 
A 1 136 ILE 136 109 109 ILE ILE A . n 
A 1 137 GLU 137 110 110 GLU GLU A . n 
A 1 138 ARG 138 111 111 ARG ARG A . n 
A 1 139 GLN 139 112 112 GLN GLN A . n 
A 1 140 ARG 140 113 113 ARG ARG A . n 
A 1 141 PRO 141 114 114 PRO PRO A . n 
A 1 142 ALA 142 115 115 ALA ALA A . n 
A 1 143 GLY 143 116 116 GLY GLY A . n 
A 1 144 MET 144 117 117 MET MET A . n 
A 1 145 LEU 145 118 118 LEU LEU A . n 
A 1 146 ASP 146 119 119 ASP ASP A . n 
A 1 147 GLY 147 120 120 GLY GLY A . n 
A 1 148 PHE 148 121 121 PHE PHE A . n 
A 1 149 GLU 149 122 122 GLU GLU A . n 
A 1 150 TRP 150 123 123 TRP TRP A . n 
A 1 151 TYR 151 124 124 TYR TYR A . n 
A 1 152 CYS 152 125 125 CYS CYS A . n 
A 1 153 ASP 153 126 126 ASP ASP A . n 
A 1 154 ALA 154 127 127 ALA ALA A . n 
A 1 155 CYS 155 128 128 CYS CYS A . n 
A 1 156 GLY 156 129 129 GLY GLY A . n 
A 1 157 HIS 157 130 130 HIS HIS A . n 
A 1 158 LEU 158 131 131 LEU LEU A . n 
A 1 159 VAL 159 132 132 VAL VAL A . n 
A 1 160 HIS 160 133 133 HIS HIS A . n 
A 1 161 ARG 161 134 134 ARG ARG A . n 
A 1 162 VAL 162 135 135 VAL VAL A . n 
A 1 163 GLU 163 136 136 GLU GLU A . n 
A 1 164 VAL 164 137 137 VAL VAL A . n 
A 1 165 GLN 165 138 138 GLN GLN A . n 
A 1 166 LEU 166 139 139 LEU LEU A . n 
A 1 167 LYS 167 140 140 LYS LYS A . n 
A 1 168 SER 168 141 141 SER SER A . n 
A 1 169 ILE 169 142 142 ILE ILE A . n 
A 1 170 VAL 170 143 143 VAL VAL A . n 
A 1 171 THR 171 144 144 THR THR A . n 
A 1 172 ASP 172 145 145 ASP ASP A . n 
A 1 173 LEU 173 146 146 LEU LEU A . n 
A 1 174 PRO 174 147 147 PRO PRO A . n 
A 1 175 PRO 175 148 148 PRO PRO A . n 
A 1 176 LEU 176 149 149 LEU LEU A . n 
A 1 177 PHE 177 150 150 PHE PHE A . n 
A 1 178 GLU 178 151 151 GLU GLU A . n 
A 1 179 SER 179 152 152 SER SER A . n 
A 1 180 PHE 180 153 153 PHE PHE A . n 
A 1 181 TYR 181 154 154 TYR TYR A . n 
A 1 182 ALA 182 155 155 ALA ALA A . n 
A 1 183 SER 183 156 156 SER SER A . n 
A 1 184 GLU 184 157 157 GLU GLU A . n 
A 1 185 ASP 185 158 158 ASP ASP A . n 
A 1 186 LYS 186 159 159 LYS LYS A . n 
A 1 187 ARG 187 160 160 ARG ARG A . n 
A 1 188 ARG 188 161 161 ARG ARG A . n 
A 1 189 CYS 189 162 162 CYS CYS A . n 
A 1 190 PRO 190 163 163 PRO PRO A . n 
A 1 191 HIS 191 164 164 HIS HIS A . n 
A 1 192 CYS 192 165 165 CYS CYS A . n 
A 1 193 GLY 193 166 166 GLY GLY A . n 
A 1 194 GLN 194 167 167 GLN GLN A . n 
A 1 195 VAL 195 168 168 VAL VAL A . n 
A 1 196 HIS 196 169 169 HIS HIS A . n 
A 1 197 PRO 197 170 170 PRO PRO A . n 
A 1 198 GLY 198 171 171 GLY GLY A . n 
A 1 199 ARG 199 172 172 ARG ARG A . n 
A 1 200 ALA 200 173 173 ALA ALA A . n 
A 1 201 ALA 201 174 174 ALA ALA A . n 
# 
loop_
_pdbx_nonpoly_scheme.asym_id 
_pdbx_nonpoly_scheme.entity_id 
_pdbx_nonpoly_scheme.mon_id 
_pdbx_nonpoly_scheme.ndb_seq_num 
_pdbx_nonpoly_scheme.pdb_seq_num 
_pdbx_nonpoly_scheme.auth_seq_num 
_pdbx_nonpoly_scheme.pdb_mon_id 
_pdbx_nonpoly_scheme.auth_mon_id 
_pdbx_nonpoly_scheme.pdb_strand_id 
_pdbx_nonpoly_scheme.pdb_ins_code 
B 2 FE2 1  201 1  FE2 FE  A . 
C 2 FE2 1  202 2  FE2 FE  A . 
D 3 TRS 1  203 1  TRS TRS A . 
E 4 HOH 1  301 11 HOH HOH A . 
E 4 HOH 2  302 9  HOH HOH A . 
E 4 HOH 3  303 10 HOH HOH A . 
E 4 HOH 4  304 4  HOH HOH A . 
E 4 HOH 5  305 2  HOH HOH A . 
E 4 HOH 6  306 14 HOH HOH A . 
E 4 HOH 7  307 7  HOH HOH A . 
E 4 HOH 8  308 6  HOH HOH A . 
E 4 HOH 9  309 12 HOH HOH A . 
E 4 HOH 10 310 1  HOH HOH A . 
E 4 HOH 11 311 13 HOH HOH A . 
E 4 HOH 12 312 8  HOH HOH A . 
E 4 HOH 13 313 3  HOH HOH A . 
E 4 HOH 14 314 15 HOH HOH A . 
E 4 HOH 15 315 5  HOH HOH A . 
# 
_pdbx_struct_assembly.id                   1 
_pdbx_struct_assembly.details              author_and_software_defined_assembly 
_pdbx_struct_assembly.method_details       PISA 
_pdbx_struct_assembly.oligomeric_details   monomeric 
_pdbx_struct_assembly.oligomeric_count     1 
# 
_pdbx_struct_assembly_gen.assembly_id       1 
_pdbx_struct_assembly_gen.oper_expression   1 
_pdbx_struct_assembly_gen.asym_id_list      A,B,C,D,E 
# 
_pdbx_struct_oper_list.id                   1 
_pdbx_struct_oper_list.type                 'identity operation' 
_pdbx_struct_oper_list.name                 1_555 
_pdbx_struct_oper_list.symmetry_operation   x,y,z 
_pdbx_struct_oper_list.matrix[1][1]         1.0000000000 
_pdbx_struct_oper_list.matrix[1][2]         0.0000000000 
_pdbx_struct_oper_list.matrix[1][3]         0.0000000000 
_pdbx_struct_oper_list.vector[1]            0.0000000000 
_pdbx_struct_oper_list.matrix[2][1]         0.0000000000 
_pdbx_struct_oper_list.matrix[2][2]         1.0000000000 
_pdbx_struct_oper_list.matrix[2][3]         0.0000000000 
_pdbx_struct_oper_list.vector[2]            0.0000000000 
_pdbx_struct_oper_list.matrix[3][1]         0.0000000000 
_pdbx_struct_oper_list.matrix[3][2]         0.0000000000 
_pdbx_struct_oper_list.matrix[3][3]         1.0000000000 
_pdbx_struct_oper_list.vector[3]            0.0000000000 
# 
loop_
_pdbx_struct_conn_angle.id 
_pdbx_struct_conn_angle.ptnr1_label_atom_id 
_pdbx_struct_conn_angle.ptnr1_label_alt_id 
_pdbx_struct_conn_angle.ptnr1_label_asym_id 
_pdbx_struct_conn_angle.ptnr1_label_comp_id 
_pdbx_struct_conn_angle.ptnr1_label_seq_id 
_pdbx_struct_conn_angle.ptnr1_auth_atom_id 
_pdbx_struct_conn_angle.ptnr1_auth_asym_id 
_pdbx_struct_conn_angle.ptnr1_auth_comp_id 
_pdbx_struct_conn_angle.ptnr1_auth_seq_id 
_pdbx_struct_conn_angle.ptnr1_PDB_ins_code 
_pdbx_struct_conn_angle.ptnr1_symmetry 
_pdbx_struct_conn_angle.ptnr2_label_atom_id 
_pdbx_struct_conn_angle.ptnr2_label_alt_id 
_pdbx_struct_conn_angle.ptnr2_label_asym_id 
_pdbx_struct_conn_angle.ptnr2_label_comp_id 
_pdbx_struct_conn_angle.ptnr2_label_seq_id 
_pdbx_struct_conn_angle.ptnr2_auth_atom_id 
_pdbx_struct_conn_angle.ptnr2_auth_asym_id 
_pdbx_struct_conn_angle.ptnr2_auth_comp_id 
_pdbx_struct_conn_angle.ptnr2_auth_seq_id 
_pdbx_struct_conn_angle.ptnr2_PDB_ins_code 
_pdbx_struct_conn_angle.ptnr2_symmetry 
_pdbx_struct_conn_angle.ptnr3_label_atom_id 
_pdbx_struct_conn_angle.ptnr3_label_alt_id 
_pdbx_struct_conn_angle.ptnr3_label_asym_id 
_pdbx_struct_conn_angle.ptnr3_label_comp_id 
_pdbx_struct_conn_angle.ptnr3_label_seq_id 
_pdbx_struct_conn_angle.ptnr3_auth_atom_id 
_pdbx_struct_conn_angle.ptnr3_auth_asym_id 
_pdbx_struct_conn_angle.ptnr3_auth_comp_id 
_pdbx_struct_conn_angle.ptnr3_auth_seq_id 
_pdbx_struct_conn_angle.ptnr3_PDB_ins_code 
_pdbx_struct_conn_angle.ptnr3_symmetry 
_pdbx_struct_conn_angle.value 
_pdbx_struct_conn_angle.value_esd 
1  ND1 ? A HIS 78  ? A HIS 51  ? 1_555 FE ? B FE2 . ? A FE2 201 ? 1_555 OE1 ? A GLU 84  ? A GLU 57  ? 1_555 142.9 ? 
2  ND1 ? A HIS 78  ? A HIS 51  ? 1_555 FE ? B FE2 . ? A FE2 201 ? 1_555 OE2 ? A GLU 84  ? A GLU 57  ? 1_555 88.2  ? 
3  OE1 ? A GLU 84  ? A GLU 57  ? 1_555 FE ? B FE2 . ? A FE2 201 ? 1_555 OE2 ? A GLU 84  ? A GLU 57  ? 1_555 54.8  ? 
4  ND1 ? A HIS 78  ? A HIS 51  ? 1_555 FE ? B FE2 . ? A FE2 201 ? 1_555 NE2 ? A HIS 122 ? A HIS 95  ? 1_555 89.3  ? 
5  OE1 ? A GLU 84  ? A GLU 57  ? 1_555 FE ? B FE2 . ? A FE2 201 ? 1_555 NE2 ? A HIS 122 ? A HIS 95  ? 1_555 87.6  ? 
6  OE2 ? A GLU 84  ? A GLU 57  ? 1_555 FE ? B FE2 . ? A FE2 201 ? 1_555 NE2 ? A HIS 122 ? A HIS 95  ? 1_555 79.6  ? 
7  ND1 ? A HIS 78  ? A HIS 51  ? 1_555 FE ? B FE2 . ? A FE2 201 ? 1_555 O   ? E HOH .   ? A HOH 310 ? 1_555 100.7 ? 
8  OE1 ? A GLU 84  ? A GLU 57  ? 1_555 FE ? B FE2 . ? A FE2 201 ? 1_555 O   ? E HOH .   ? A HOH 310 ? 1_555 87.8  ? 
9  OE2 ? A GLU 84  ? A GLU 57  ? 1_555 FE ? B FE2 . ? A FE2 201 ? 1_555 O   ? E HOH .   ? A HOH 310 ? 1_555 106.0 ? 
10 NE2 ? A HIS 122 ? A HIS 95  ? 1_555 FE ? B FE2 . ? A FE2 201 ? 1_555 O   ? E HOH .   ? A HOH 310 ? 1_555 168.6 ? 
11 ND1 ? A HIS 78  ? A HIS 51  ? 1_555 FE ? B FE2 . ? A FE2 201 ? 1_555 O   ? E HOH .   ? A HOH 315 ? 1_555 103.2 ? 
12 OE1 ? A GLU 84  ? A GLU 57  ? 1_555 FE ? B FE2 . ? A FE2 201 ? 1_555 O   ? E HOH .   ? A HOH 315 ? 1_555 112.3 ? 
13 OE2 ? A GLU 84  ? A GLU 57  ? 1_555 FE ? B FE2 . ? A FE2 201 ? 1_555 O   ? E HOH .   ? A HOH 315 ? 1_555 163.5 ? 
14 NE2 ? A HIS 122 ? A HIS 95  ? 1_555 FE ? B FE2 . ? A FE2 201 ? 1_555 O   ? E HOH .   ? A HOH 315 ? 1_555 112.0 ? 
15 O   ? E HOH .   ? A HOH 310 ? 1_555 FE ? B FE2 . ? A FE2 201 ? 1_555 O   ? E HOH .   ? A HOH 315 ? 1_555 60.5  ? 
16 SG  ? A CYS 152 ? A CYS 125 ? 1_555 FE ? C FE2 . ? A FE2 202 ? 1_555 SG  ? A CYS 155 ? A CYS 128 ? 1_555 120.3 ? 
17 SG  ? A CYS 152 ? A CYS 125 ? 1_555 FE ? C FE2 . ? A FE2 202 ? 1_555 SG  ? A CYS 189 ? A CYS 162 ? 1_555 120.7 ? 
18 SG  ? A CYS 155 ? A CYS 128 ? 1_555 FE ? C FE2 . ? A FE2 202 ? 1_555 SG  ? A CYS 189 ? A CYS 162 ? 1_555 93.3  ? 
19 SG  ? A CYS 152 ? A CYS 125 ? 1_555 FE ? C FE2 . ? A FE2 202 ? 1_555 SG  ? A CYS 192 ? A CYS 165 ? 1_555 98.9  ? 
20 SG  ? A CYS 155 ? A CYS 128 ? 1_555 FE ? C FE2 . ? A FE2 202 ? 1_555 SG  ? A CYS 192 ? A CYS 165 ? 1_555 117.8 ? 
21 SG  ? A CYS 189 ? A CYS 162 ? 1_555 FE ? C FE2 . ? A FE2 202 ? 1_555 SG  ? A CYS 192 ? A CYS 165 ? 1_555 106.4 ? 
# 
loop_
_pdbx_audit_revision_history.ordinal 
_pdbx_audit_revision_history.data_content_type 
_pdbx_audit_revision_history.major_revision 
_pdbx_audit_revision_history.minor_revision 
_pdbx_audit_revision_history.revision_date 
1 'Structure model' 1 0 2018-03-07 
2 'Structure model' 1 1 2018-04-18 
3 'Structure model' 1 2 2019-11-27 
4 'Structure model' 1 3 2023-10-04 
# 
_pdbx_audit_revision_details.ordinal             1 
_pdbx_audit_revision_details.revision_ordinal    1 
_pdbx_audit_revision_details.data_content_type   'Structure model' 
_pdbx_audit_revision_details.provider            repository 
_pdbx_audit_revision_details.type                'Initial release' 
_pdbx_audit_revision_details.description         ? 
_pdbx_audit_revision_details.details             ? 
# 
loop_
_pdbx_audit_revision_group.ordinal 
_pdbx_audit_revision_group.revision_ordinal 
_pdbx_audit_revision_group.data_content_type 
_pdbx_audit_revision_group.group 
1 2 'Structure model' 'Data collection'            
2 3 'Structure model' 'Author supporting evidence' 
3 4 'Structure model' 'Data collection'            
4 4 'Structure model' 'Database references'        
5 4 'Structure model' 'Derived calculations'       
6 4 'Structure model' 'Refinement description'     
# 
loop_
_pdbx_audit_revision_category.ordinal 
_pdbx_audit_revision_category.revision_ordinal 
_pdbx_audit_revision_category.data_content_type 
_pdbx_audit_revision_category.category 
1 2 'Structure model' diffrn_detector               
2 3 'Structure model' pdbx_audit_support            
3 4 'Structure model' chem_comp_atom                
4 4 'Structure model' chem_comp_bond                
5 4 'Structure model' database_2                    
6 4 'Structure model' pdbx_initial_refinement_model 
7 4 'Structure model' pdbx_struct_conn_angle        
8 4 'Structure model' struct_conn                   
# 
loop_
_pdbx_audit_revision_item.ordinal 
_pdbx_audit_revision_item.revision_ordinal 
_pdbx_audit_revision_item.data_content_type 
_pdbx_audit_revision_item.item 
1 2 'Structure model' '_diffrn_detector.detector'                 
2 3 'Structure model' '_pdbx_audit_support.funding_organization'  
3 4 'Structure model' '_database_2.pdbx_DOI'                      
4 4 'Structure model' '_database_2.pdbx_database_accession'       
5 4 'Structure model' '_pdbx_struct_conn_angle.ptnr1_auth_seq_id' 
6 4 'Structure model' '_pdbx_struct_conn_angle.ptnr3_auth_seq_id' 
7 4 'Structure model' '_pdbx_struct_conn_angle.value'             
8 4 'Structure model' '_struct_conn.pdbx_dist_value'              
9 4 'Structure model' '_struct_conn.ptnr2_auth_seq_id'            
# 
loop_
_software.citation_id 
_software.classification 
_software.compiler_name 
_software.compiler_version 
_software.contact_author 
_software.contact_author_email 
_software.date 
_software.description 
_software.dependencies 
_software.hardware 
_software.language 
_software.location 
_software.mods 
_software.name 
_software.os 
_software.os_version 
_software.type 
_software.version 
_software.pdbx_ordinal 
? refinement        ? ? ? ? ? ? ? ? ? ? ? PHENIX      ? ? ? .    1 
? 'data collection' ? ? ? ? ? ? ? ? ? ? ? DENZO       ? ? ? .    2 
? 'data scaling'    ? ? ? ? ? ? ? ? ? ? ? SCALEPACK   ? ? ? .    3 
? 'data extraction' ? ? ? ? ? ? ? ? ? ? ? PDB_EXTRACT ? ? ? 3.22 4 
? 'data reduction'  ? ? ? ? ? ? ? ? ? ? ? DENZO       ? ? ? .    5 
? phasing           ? ? ? ? ? ? ? ? ? ? ? PHENIX      ? ? ? .    6 
# 
_pdbx_validate_close_contact.id               1 
_pdbx_validate_close_contact.PDB_model_num    1 
_pdbx_validate_close_contact.auth_atom_id_1   O 
_pdbx_validate_close_contact.auth_asym_id_1   A 
_pdbx_validate_close_contact.auth_comp_id_1   ASP 
_pdbx_validate_close_contact.auth_seq_id_1    158 
_pdbx_validate_close_contact.PDB_ins_code_1   ? 
_pdbx_validate_close_contact.label_alt_id_1   ? 
_pdbx_validate_close_contact.auth_atom_id_2   O2 
_pdbx_validate_close_contact.auth_asym_id_2   A 
_pdbx_validate_close_contact.auth_comp_id_2   TRS 
_pdbx_validate_close_contact.auth_seq_id_2    203 
_pdbx_validate_close_contact.PDB_ins_code_2   ? 
_pdbx_validate_close_contact.label_alt_id_2   ? 
_pdbx_validate_close_contact.dist             2.10 
# 
loop_
_pdbx_validate_torsion.id 
_pdbx_validate_torsion.PDB_model_num 
_pdbx_validate_torsion.auth_comp_id 
_pdbx_validate_torsion.auth_asym_id 
_pdbx_validate_torsion.auth_seq_id 
_pdbx_validate_torsion.PDB_ins_code 
_pdbx_validate_torsion.label_alt_id 
_pdbx_validate_torsion.phi 
_pdbx_validate_torsion.psi 
1 1 LEU A 21  ? ? -97.61 37.04  
2 1 ASP A 73  ? ? 57.48  14.03  
3 1 ALA A 127 ? ? -91.24 -62.48 
# 
loop_
_pdbx_unobs_or_zero_occ_atoms.id 
_pdbx_unobs_or_zero_occ_atoms.PDB_model_num 
_pdbx_unobs_or_zero_occ_atoms.polymer_flag 
_pdbx_unobs_or_zero_occ_atoms.occupancy_flag 
_pdbx_unobs_or_zero_occ_atoms.auth_asym_id 
_pdbx_unobs_or_zero_occ_atoms.auth_comp_id 
_pdbx_unobs_or_zero_occ_atoms.auth_seq_id 
_pdbx_unobs_or_zero_occ_atoms.PDB_ins_code 
_pdbx_unobs_or_zero_occ_atoms.auth_atom_id 
_pdbx_unobs_or_zero_occ_atoms.label_alt_id 
_pdbx_unobs_or_zero_occ_atoms.label_asym_id 
_pdbx_unobs_or_zero_occ_atoms.label_comp_id 
_pdbx_unobs_or_zero_occ_atoms.label_seq_id 
_pdbx_unobs_or_zero_occ_atoms.label_atom_id 
1 1 Y 1 A ARG 75 ? CG  ? A ARG 102 CG  
2 1 Y 1 A ARG 75 ? CD  ? A ARG 102 CD  
3 1 Y 1 A ARG 75 ? NE  ? A ARG 102 NE  
4 1 Y 1 A ARG 75 ? CZ  ? A ARG 102 CZ  
5 1 Y 1 A ARG 75 ? NH1 ? A ARG 102 NH1 
6 1 Y 1 A ARG 75 ? NH2 ? A ARG 102 NH2 
# 
loop_
_pdbx_unobs_or_zero_occ_residues.id 
_pdbx_unobs_or_zero_occ_residues.PDB_model_num 
_pdbx_unobs_or_zero_occ_residues.polymer_flag 
_pdbx_unobs_or_zero_occ_residues.occupancy_flag 
_pdbx_unobs_or_zero_occ_residues.auth_asym_id 
_pdbx_unobs_or_zero_occ_residues.auth_comp_id 
_pdbx_unobs_or_zero_occ_residues.auth_seq_id 
_pdbx_unobs_or_zero_occ_residues.PDB_ins_code 
_pdbx_unobs_or_zero_occ_residues.label_asym_id 
_pdbx_unobs_or_zero_occ_residues.label_comp_id 
_pdbx_unobs_or_zero_occ_residues.label_seq_id 
1  1 Y 1 A MET -26 ? A MET 1  
2  1 Y 1 A GLY -25 ? A GLY 2  
3  1 Y 1 A SER -24 ? A SER 3  
4  1 Y 1 A SER -23 ? A SER 4  
5  1 Y 1 A HIS -22 ? A HIS 5  
6  1 Y 1 A HIS -21 ? A HIS 6  
7  1 Y 1 A HIS -20 ? A HIS 7  
8  1 Y 1 A HIS -19 ? A HIS 8  
9  1 Y 1 A HIS -18 ? A HIS 9  
10 1 Y 1 A HIS -17 ? A HIS 10 
11 1 Y 1 A SER -16 ? A SER 11 
12 1 Y 1 A SER -15 ? A SER 12 
13 1 Y 1 A GLY -14 ? A GLY 13 
14 1 Y 1 A LEU -13 ? A LEU 14 
15 1 Y 1 A VAL -12 ? A VAL 15 
16 1 Y 1 A PRO -11 ? A PRO 16 
17 1 Y 1 A ARG -10 ? A ARG 17 
18 1 Y 1 A GLY -9  ? A GLY 18 
19 1 Y 1 A SER -8  ? A SER 19 
20 1 Y 1 A GLU -7  ? A GLU 20 
21 1 Y 1 A ASN -6  ? A ASN 21 
22 1 Y 1 A LEU -5  ? A LEU 22 
23 1 Y 1 A TYR -4  ? A TYR 23 
24 1 Y 1 A PHE -3  ? A PHE 24 
25 1 Y 1 A GLN -2  ? A GLN 25 
26 1 Y 1 A GLY -1  ? A GLY 26 
27 1 Y 1 A HIS 0   ? A HIS 27 
# 
loop_
_chem_comp_atom.comp_id 
_chem_comp_atom.atom_id 
_chem_comp_atom.type_symbol 
_chem_comp_atom.pdbx_aromatic_flag 
_chem_comp_atom.pdbx_stereo_config 
_chem_comp_atom.pdbx_ordinal 
ALA N    N  N N 1   
ALA CA   C  N S 2   
ALA C    C  N N 3   
ALA O    O  N N 4   
ALA CB   C  N N 5   
ALA OXT  O  N N 6   
ALA H    H  N N 7   
ALA H2   H  N N 8   
ALA HA   H  N N 9   
ALA HB1  H  N N 10  
ALA HB2  H  N N 11  
ALA HB3  H  N N 12  
ALA HXT  H  N N 13  
ARG N    N  N N 14  
ARG CA   C  N S 15  
ARG C    C  N N 16  
ARG O    O  N N 17  
ARG CB   C  N N 18  
ARG CG   C  N N 19  
ARG CD   C  N N 20  
ARG NE   N  N N 21  
ARG CZ   C  N N 22  
ARG NH1  N  N N 23  
ARG NH2  N  N N 24  
ARG OXT  O  N N 25  
ARG H    H  N N 26  
ARG H2   H  N N 27  
ARG HA   H  N N 28  
ARG HB2  H  N N 29  
ARG HB3  H  N N 30  
ARG HG2  H  N N 31  
ARG HG3  H  N N 32  
ARG HD2  H  N N 33  
ARG HD3  H  N N 34  
ARG HE   H  N N 35  
ARG HH11 H  N N 36  
ARG HH12 H  N N 37  
ARG HH21 H  N N 38  
ARG HH22 H  N N 39  
ARG HXT  H  N N 40  
ASN N    N  N N 41  
ASN CA   C  N S 42  
ASN C    C  N N 43  
ASN O    O  N N 44  
ASN CB   C  N N 45  
ASN CG   C  N N 46  
ASN OD1  O  N N 47  
ASN ND2  N  N N 48  
ASN OXT  O  N N 49  
ASN H    H  N N 50  
ASN H2   H  N N 51  
ASN HA   H  N N 52  
ASN HB2  H  N N 53  
ASN HB3  H  N N 54  
ASN HD21 H  N N 55  
ASN HD22 H  N N 56  
ASN HXT  H  N N 57  
ASP N    N  N N 58  
ASP CA   C  N S 59  
ASP C    C  N N 60  
ASP O    O  N N 61  
ASP CB   C  N N 62  
ASP CG   C  N N 63  
ASP OD1  O  N N 64  
ASP OD2  O  N N 65  
ASP OXT  O  N N 66  
ASP H    H  N N 67  
ASP H2   H  N N 68  
ASP HA   H  N N 69  
ASP HB2  H  N N 70  
ASP HB3  H  N N 71  
ASP HD2  H  N N 72  
ASP HXT  H  N N 73  
CYS N    N  N N 74  
CYS CA   C  N R 75  
CYS C    C  N N 76  
CYS O    O  N N 77  
CYS CB   C  N N 78  
CYS SG   S  N N 79  
CYS OXT  O  N N 80  
CYS H    H  N N 81  
CYS H2   H  N N 82  
CYS HA   H  N N 83  
CYS HB2  H  N N 84  
CYS HB3  H  N N 85  
CYS HG   H  N N 86  
CYS HXT  H  N N 87  
FE2 FE   FE N N 88  
GLN N    N  N N 89  
GLN CA   C  N S 90  
GLN C    C  N N 91  
GLN O    O  N N 92  
GLN CB   C  N N 93  
GLN CG   C  N N 94  
GLN CD   C  N N 95  
GLN OE1  O  N N 96  
GLN NE2  N  N N 97  
GLN OXT  O  N N 98  
GLN H    H  N N 99  
GLN H2   H  N N 100 
GLN HA   H  N N 101 
GLN HB2  H  N N 102 
GLN HB3  H  N N 103 
GLN HG2  H  N N 104 
GLN HG3  H  N N 105 
GLN HE21 H  N N 106 
GLN HE22 H  N N 107 
GLN HXT  H  N N 108 
GLU N    N  N N 109 
GLU CA   C  N S 110 
GLU C    C  N N 111 
GLU O    O  N N 112 
GLU CB   C  N N 113 
GLU CG   C  N N 114 
GLU CD   C  N N 115 
GLU OE1  O  N N 116 
GLU OE2  O  N N 117 
GLU OXT  O  N N 118 
GLU H    H  N N 119 
GLU H2   H  N N 120 
GLU HA   H  N N 121 
GLU HB2  H  N N 122 
GLU HB3  H  N N 123 
GLU HG2  H  N N 124 
GLU HG3  H  N N 125 
GLU HE2  H  N N 126 
GLU HXT  H  N N 127 
GLY N    N  N N 128 
GLY CA   C  N N 129 
GLY C    C  N N 130 
GLY O    O  N N 131 
GLY OXT  O  N N 132 
GLY H    H  N N 133 
GLY H2   H  N N 134 
GLY HA2  H  N N 135 
GLY HA3  H  N N 136 
GLY HXT  H  N N 137 
HIS N    N  N N 138 
HIS CA   C  N S 139 
HIS C    C  N N 140 
HIS O    O  N N 141 
HIS CB   C  N N 142 
HIS CG   C  Y N 143 
HIS ND1  N  Y N 144 
HIS CD2  C  Y N 145 
HIS CE1  C  Y N 146 
HIS NE2  N  Y N 147 
HIS OXT  O  N N 148 
HIS H    H  N N 149 
HIS H2   H  N N 150 
HIS HA   H  N N 151 
HIS HB2  H  N N 152 
HIS HB3  H  N N 153 
HIS HD1  H  N N 154 
HIS HD2  H  N N 155 
HIS HE1  H  N N 156 
HIS HE2  H  N N 157 
HIS HXT  H  N N 158 
HOH O    O  N N 159 
HOH H1   H  N N 160 
HOH H2   H  N N 161 
ILE N    N  N N 162 
ILE CA   C  N S 163 
ILE C    C  N N 164 
ILE O    O  N N 165 
ILE CB   C  N S 166 
ILE CG1  C  N N 167 
ILE CG2  C  N N 168 
ILE CD1  C  N N 169 
ILE OXT  O  N N 170 
ILE H    H  N N 171 
ILE H2   H  N N 172 
ILE HA   H  N N 173 
ILE HB   H  N N 174 
ILE HG12 H  N N 175 
ILE HG13 H  N N 176 
ILE HG21 H  N N 177 
ILE HG22 H  N N 178 
ILE HG23 H  N N 179 
ILE HD11 H  N N 180 
ILE HD12 H  N N 181 
ILE HD13 H  N N 182 
ILE HXT  H  N N 183 
LEU N    N  N N 184 
LEU CA   C  N S 185 
LEU C    C  N N 186 
LEU O    O  N N 187 
LEU CB   C  N N 188 
LEU CG   C  N N 189 
LEU CD1  C  N N 190 
LEU CD2  C  N N 191 
LEU OXT  O  N N 192 
LEU H    H  N N 193 
LEU H2   H  N N 194 
LEU HA   H  N N 195 
LEU HB2  H  N N 196 
LEU HB3  H  N N 197 
LEU HG   H  N N 198 
LEU HD11 H  N N 199 
LEU HD12 H  N N 200 
LEU HD13 H  N N 201 
LEU HD21 H  N N 202 
LEU HD22 H  N N 203 
LEU HD23 H  N N 204 
LEU HXT  H  N N 205 
LYS N    N  N N 206 
LYS CA   C  N S 207 
LYS C    C  N N 208 
LYS O    O  N N 209 
LYS CB   C  N N 210 
LYS CG   C  N N 211 
LYS CD   C  N N 212 
LYS CE   C  N N 213 
LYS NZ   N  N N 214 
LYS OXT  O  N N 215 
LYS H    H  N N 216 
LYS H2   H  N N 217 
LYS HA   H  N N 218 
LYS HB2  H  N N 219 
LYS HB3  H  N N 220 
LYS HG2  H  N N 221 
LYS HG3  H  N N 222 
LYS HD2  H  N N 223 
LYS HD3  H  N N 224 
LYS HE2  H  N N 225 
LYS HE3  H  N N 226 
LYS HZ1  H  N N 227 
LYS HZ2  H  N N 228 
LYS HZ3  H  N N 229 
LYS HXT  H  N N 230 
MET N    N  N N 231 
MET CA   C  N S 232 
MET C    C  N N 233 
MET O    O  N N 234 
MET CB   C  N N 235 
MET CG   C  N N 236 
MET SD   S  N N 237 
MET CE   C  N N 238 
MET OXT  O  N N 239 
MET H    H  N N 240 
MET H2   H  N N 241 
MET HA   H  N N 242 
MET HB2  H  N N 243 
MET HB3  H  N N 244 
MET HG2  H  N N 245 
MET HG3  H  N N 246 
MET HE1  H  N N 247 
MET HE2  H  N N 248 
MET HE3  H  N N 249 
MET HXT  H  N N 250 
PHE N    N  N N 251 
PHE CA   C  N S 252 
PHE C    C  N N 253 
PHE O    O  N N 254 
PHE CB   C  N N 255 
PHE CG   C  Y N 256 
PHE CD1  C  Y N 257 
PHE CD2  C  Y N 258 
PHE CE1  C  Y N 259 
PHE CE2  C  Y N 260 
PHE CZ   C  Y N 261 
PHE OXT  O  N N 262 
PHE H    H  N N 263 
PHE H2   H  N N 264 
PHE HA   H  N N 265 
PHE HB2  H  N N 266 
PHE HB3  H  N N 267 
PHE HD1  H  N N 268 
PHE HD2  H  N N 269 
PHE HE1  H  N N 270 
PHE HE2  H  N N 271 
PHE HZ   H  N N 272 
PHE HXT  H  N N 273 
PRO N    N  N N 274 
PRO CA   C  N S 275 
PRO C    C  N N 276 
PRO O    O  N N 277 
PRO CB   C  N N 278 
PRO CG   C  N N 279 
PRO CD   C  N N 280 
PRO OXT  O  N N 281 
PRO H    H  N N 282 
PRO HA   H  N N 283 
PRO HB2  H  N N 284 
PRO HB3  H  N N 285 
PRO HG2  H  N N 286 
PRO HG3  H  N N 287 
PRO HD2  H  N N 288 
PRO HD3  H  N N 289 
PRO HXT  H  N N 290 
SER N    N  N N 291 
SER CA   C  N S 292 
SER C    C  N N 293 
SER O    O  N N 294 
SER CB   C  N N 295 
SER OG   O  N N 296 
SER OXT  O  N N 297 
SER H    H  N N 298 
SER H2   H  N N 299 
SER HA   H  N N 300 
SER HB2  H  N N 301 
SER HB3  H  N N 302 
SER HG   H  N N 303 
SER HXT  H  N N 304 
THR N    N  N N 305 
THR CA   C  N S 306 
THR C    C  N N 307 
THR O    O  N N 308 
THR CB   C  N R 309 
THR OG1  O  N N 310 
THR CG2  C  N N 311 
THR OXT  O  N N 312 
THR H    H  N N 313 
THR H2   H  N N 314 
THR HA   H  N N 315 
THR HB   H  N N 316 
THR HG1  H  N N 317 
THR HG21 H  N N 318 
THR HG22 H  N N 319 
THR HG23 H  N N 320 
THR HXT  H  N N 321 
TRP N    N  N N 322 
TRP CA   C  N S 323 
TRP C    C  N N 324 
TRP O    O  N N 325 
TRP CB   C  N N 326 
TRP CG   C  Y N 327 
TRP CD1  C  Y N 328 
TRP CD2  C  Y N 329 
TRP NE1  N  Y N 330 
TRP CE2  C  Y N 331 
TRP CE3  C  Y N 332 
TRP CZ2  C  Y N 333 
TRP CZ3  C  Y N 334 
TRP CH2  C  Y N 335 
TRP OXT  O  N N 336 
TRP H    H  N N 337 
TRP H2   H  N N 338 
TRP HA   H  N N 339 
TRP HB2  H  N N 340 
TRP HB3  H  N N 341 
TRP HD1  H  N N 342 
TRP HE1  H  N N 343 
TRP HE3  H  N N 344 
TRP HZ2  H  N N 345 
TRP HZ3  H  N N 346 
TRP HH2  H  N N 347 
TRP HXT  H  N N 348 
TRS C    C  N N 349 
TRS C1   C  N N 350 
TRS C2   C  N N 351 
TRS C3   C  N N 352 
TRS N    N  N N 353 
TRS O1   O  N N 354 
TRS O2   O  N N 355 
TRS O3   O  N N 356 
TRS H11  H  N N 357 
TRS H12  H  N N 358 
TRS H21  H  N N 359 
TRS H22  H  N N 360 
TRS H31  H  N N 361 
TRS H32  H  N N 362 
TRS HN1  H  N N 363 
TRS HN2  H  N N 364 
TRS HN3  H  N N 365 
TRS HO1  H  N N 366 
TRS HO2  H  N N 367 
TRS HO3  H  N N 368 
TYR N    N  N N 369 
TYR CA   C  N S 370 
TYR C    C  N N 371 
TYR O    O  N N 372 
TYR CB   C  N N 373 
TYR CG   C  Y N 374 
TYR CD1  C  Y N 375 
TYR CD2  C  Y N 376 
TYR CE1  C  Y N 377 
TYR CE2  C  Y N 378 
TYR CZ   C  Y N 379 
TYR OH   O  N N 380 
TYR OXT  O  N N 381 
TYR H    H  N N 382 
TYR H2   H  N N 383 
TYR HA   H  N N 384 
TYR HB2  H  N N 385 
TYR HB3  H  N N 386 
TYR HD1  H  N N 387 
TYR HD2  H  N N 388 
TYR HE1  H  N N 389 
TYR HE2  H  N N 390 
TYR HH   H  N N 391 
TYR HXT  H  N N 392 
VAL N    N  N N 393 
VAL CA   C  N S 394 
VAL C    C  N N 395 
VAL O    O  N N 396 
VAL CB   C  N N 397 
VAL CG1  C  N N 398 
VAL CG2  C  N N 399 
VAL OXT  O  N N 400 
VAL H    H  N N 401 
VAL H2   H  N N 402 
VAL HA   H  N N 403 
VAL HB   H  N N 404 
VAL HG11 H  N N 405 
VAL HG12 H  N N 406 
VAL HG13 H  N N 407 
VAL HG21 H  N N 408 
VAL HG22 H  N N 409 
VAL HG23 H  N N 410 
VAL HXT  H  N N 411 
# 
loop_
_chem_comp_bond.comp_id 
_chem_comp_bond.atom_id_1 
_chem_comp_bond.atom_id_2 
_chem_comp_bond.value_order 
_chem_comp_bond.pdbx_aromatic_flag 
_chem_comp_bond.pdbx_stereo_config 
_chem_comp_bond.pdbx_ordinal 
ALA N   CA   sing N N 1   
ALA N   H    sing N N 2   
ALA N   H2   sing N N 3   
ALA CA  C    sing N N 4   
ALA CA  CB   sing N N 5   
ALA CA  HA   sing N N 6   
ALA C   O    doub N N 7   
ALA C   OXT  sing N N 8   
ALA CB  HB1  sing N N 9   
ALA CB  HB2  sing N N 10  
ALA CB  HB3  sing N N 11  
ALA OXT HXT  sing N N 12  
ARG N   CA   sing N N 13  
ARG N   H    sing N N 14  
ARG N   H2   sing N N 15  
ARG CA  C    sing N N 16  
ARG CA  CB   sing N N 17  
ARG CA  HA   sing N N 18  
ARG C   O    doub N N 19  
ARG C   OXT  sing N N 20  
ARG CB  CG   sing N N 21  
ARG CB  HB2  sing N N 22  
ARG CB  HB3  sing N N 23  
ARG CG  CD   sing N N 24  
ARG CG  HG2  sing N N 25  
ARG CG  HG3  sing N N 26  
ARG CD  NE   sing N N 27  
ARG CD  HD2  sing N N 28  
ARG CD  HD3  sing N N 29  
ARG NE  CZ   sing N N 30  
ARG NE  HE   sing N N 31  
ARG CZ  NH1  sing N N 32  
ARG CZ  NH2  doub N N 33  
ARG NH1 HH11 sing N N 34  
ARG NH1 HH12 sing N N 35  
ARG NH2 HH21 sing N N 36  
ARG NH2 HH22 sing N N 37  
ARG OXT HXT  sing N N 38  
ASN N   CA   sing N N 39  
ASN N   H    sing N N 40  
ASN N   H2   sing N N 41  
ASN CA  C    sing N N 42  
ASN CA  CB   sing N N 43  
ASN CA  HA   sing N N 44  
ASN C   O    doub N N 45  
ASN C   OXT  sing N N 46  
ASN CB  CG   sing N N 47  
ASN CB  HB2  sing N N 48  
ASN CB  HB3  sing N N 49  
ASN CG  OD1  doub N N 50  
ASN CG  ND2  sing N N 51  
ASN ND2 HD21 sing N N 52  
ASN ND2 HD22 sing N N 53  
ASN OXT HXT  sing N N 54  
ASP N   CA   sing N N 55  
ASP N   H    sing N N 56  
ASP N   H2   sing N N 57  
ASP CA  C    sing N N 58  
ASP CA  CB   sing N N 59  
ASP CA  HA   sing N N 60  
ASP C   O    doub N N 61  
ASP C   OXT  sing N N 62  
ASP CB  CG   sing N N 63  
ASP CB  HB2  sing N N 64  
ASP CB  HB3  sing N N 65  
ASP CG  OD1  doub N N 66  
ASP CG  OD2  sing N N 67  
ASP OD2 HD2  sing N N 68  
ASP OXT HXT  sing N N 69  
CYS N   CA   sing N N 70  
CYS N   H    sing N N 71  
CYS N   H2   sing N N 72  
CYS CA  C    sing N N 73  
CYS CA  CB   sing N N 74  
CYS CA  HA   sing N N 75  
CYS C   O    doub N N 76  
CYS C   OXT  sing N N 77  
CYS CB  SG   sing N N 78  
CYS CB  HB2  sing N N 79  
CYS CB  HB3  sing N N 80  
CYS SG  HG   sing N N 81  
CYS OXT HXT  sing N N 82  
GLN N   CA   sing N N 83  
GLN N   H    sing N N 84  
GLN N   H2   sing N N 85  
GLN CA  C    sing N N 86  
GLN CA  CB   sing N N 87  
GLN CA  HA   sing N N 88  
GLN C   O    doub N N 89  
GLN C   OXT  sing N N 90  
GLN CB  CG   sing N N 91  
GLN CB  HB2  sing N N 92  
GLN CB  HB3  sing N N 93  
GLN CG  CD   sing N N 94  
GLN CG  HG2  sing N N 95  
GLN CG  HG3  sing N N 96  
GLN CD  OE1  doub N N 97  
GLN CD  NE2  sing N N 98  
GLN NE2 HE21 sing N N 99  
GLN NE2 HE22 sing N N 100 
GLN OXT HXT  sing N N 101 
GLU N   CA   sing N N 102 
GLU N   H    sing N N 103 
GLU N   H2   sing N N 104 
GLU CA  C    sing N N 105 
GLU CA  CB   sing N N 106 
GLU CA  HA   sing N N 107 
GLU C   O    doub N N 108 
GLU C   OXT  sing N N 109 
GLU CB  CG   sing N N 110 
GLU CB  HB2  sing N N 111 
GLU CB  HB3  sing N N 112 
GLU CG  CD   sing N N 113 
GLU CG  HG2  sing N N 114 
GLU CG  HG3  sing N N 115 
GLU CD  OE1  doub N N 116 
GLU CD  OE2  sing N N 117 
GLU OE2 HE2  sing N N 118 
GLU OXT HXT  sing N N 119 
GLY N   CA   sing N N 120 
GLY N   H    sing N N 121 
GLY N   H2   sing N N 122 
GLY CA  C    sing N N 123 
GLY CA  HA2  sing N N 124 
GLY CA  HA3  sing N N 125 
GLY C   O    doub N N 126 
GLY C   OXT  sing N N 127 
GLY OXT HXT  sing N N 128 
HIS N   CA   sing N N 129 
HIS N   H    sing N N 130 
HIS N   H2   sing N N 131 
HIS CA  C    sing N N 132 
HIS CA  CB   sing N N 133 
HIS CA  HA   sing N N 134 
HIS C   O    doub N N 135 
HIS C   OXT  sing N N 136 
HIS CB  CG   sing N N 137 
HIS CB  HB2  sing N N 138 
HIS CB  HB3  sing N N 139 
HIS CG  ND1  sing Y N 140 
HIS CG  CD2  doub Y N 141 
HIS ND1 CE1  doub Y N 142 
HIS ND1 HD1  sing N N 143 
HIS CD2 NE2  sing Y N 144 
HIS CD2 HD2  sing N N 145 
HIS CE1 NE2  sing Y N 146 
HIS CE1 HE1  sing N N 147 
HIS NE2 HE2  sing N N 148 
HIS OXT HXT  sing N N 149 
HOH O   H1   sing N N 150 
HOH O   H2   sing N N 151 
ILE N   CA   sing N N 152 
ILE N   H    sing N N 153 
ILE N   H2   sing N N 154 
ILE CA  C    sing N N 155 
ILE CA  CB   sing N N 156 
ILE CA  HA   sing N N 157 
ILE C   O    doub N N 158 
ILE C   OXT  sing N N 159 
ILE CB  CG1  sing N N 160 
ILE CB  CG2  sing N N 161 
ILE CB  HB   sing N N 162 
ILE CG1 CD1  sing N N 163 
ILE CG1 HG12 sing N N 164 
ILE CG1 HG13 sing N N 165 
ILE CG2 HG21 sing N N 166 
ILE CG2 HG22 sing N N 167 
ILE CG2 HG23 sing N N 168 
ILE CD1 HD11 sing N N 169 
ILE CD1 HD12 sing N N 170 
ILE CD1 HD13 sing N N 171 
ILE OXT HXT  sing N N 172 
LEU N   CA   sing N N 173 
LEU N   H    sing N N 174 
LEU N   H2   sing N N 175 
LEU CA  C    sing N N 176 
LEU CA  CB   sing N N 177 
LEU CA  HA   sing N N 178 
LEU C   O    doub N N 179 
LEU C   OXT  sing N N 180 
LEU CB  CG   sing N N 181 
LEU CB  HB2  sing N N 182 
LEU CB  HB3  sing N N 183 
LEU CG  CD1  sing N N 184 
LEU CG  CD2  sing N N 185 
LEU CG  HG   sing N N 186 
LEU CD1 HD11 sing N N 187 
LEU CD1 HD12 sing N N 188 
LEU CD1 HD13 sing N N 189 
LEU CD2 HD21 sing N N 190 
LEU CD2 HD22 sing N N 191 
LEU CD2 HD23 sing N N 192 
LEU OXT HXT  sing N N 193 
LYS N   CA   sing N N 194 
LYS N   H    sing N N 195 
LYS N   H2   sing N N 196 
LYS CA  C    sing N N 197 
LYS CA  CB   sing N N 198 
LYS CA  HA   sing N N 199 
LYS C   O    doub N N 200 
LYS C   OXT  sing N N 201 
LYS CB  CG   sing N N 202 
LYS CB  HB2  sing N N 203 
LYS CB  HB3  sing N N 204 
LYS CG  CD   sing N N 205 
LYS CG  HG2  sing N N 206 
LYS CG  HG3  sing N N 207 
LYS CD  CE   sing N N 208 
LYS CD  HD2  sing N N 209 
LYS CD  HD3  sing N N 210 
LYS CE  NZ   sing N N 211 
LYS CE  HE2  sing N N 212 
LYS CE  HE3  sing N N 213 
LYS NZ  HZ1  sing N N 214 
LYS NZ  HZ2  sing N N 215 
LYS NZ  HZ3  sing N N 216 
LYS OXT HXT  sing N N 217 
MET N   CA   sing N N 218 
MET N   H    sing N N 219 
MET N   H2   sing N N 220 
MET CA  C    sing N N 221 
MET CA  CB   sing N N 222 
MET CA  HA   sing N N 223 
MET C   O    doub N N 224 
MET C   OXT  sing N N 225 
MET CB  CG   sing N N 226 
MET CB  HB2  sing N N 227 
MET CB  HB3  sing N N 228 
MET CG  SD   sing N N 229 
MET CG  HG2  sing N N 230 
MET CG  HG3  sing N N 231 
MET SD  CE   sing N N 232 
MET CE  HE1  sing N N 233 
MET CE  HE2  sing N N 234 
MET CE  HE3  sing N N 235 
MET OXT HXT  sing N N 236 
PHE N   CA   sing N N 237 
PHE N   H    sing N N 238 
PHE N   H2   sing N N 239 
PHE CA  C    sing N N 240 
PHE CA  CB   sing N N 241 
PHE CA  HA   sing N N 242 
PHE C   O    doub N N 243 
PHE C   OXT  sing N N 244 
PHE CB  CG   sing N N 245 
PHE CB  HB2  sing N N 246 
PHE CB  HB3  sing N N 247 
PHE CG  CD1  doub Y N 248 
PHE CG  CD2  sing Y N 249 
PHE CD1 CE1  sing Y N 250 
PHE CD1 HD1  sing N N 251 
PHE CD2 CE2  doub Y N 252 
PHE CD2 HD2  sing N N 253 
PHE CE1 CZ   doub Y N 254 
PHE CE1 HE1  sing N N 255 
PHE CE2 CZ   sing Y N 256 
PHE CE2 HE2  sing N N 257 
PHE CZ  HZ   sing N N 258 
PHE OXT HXT  sing N N 259 
PRO N   CA   sing N N 260 
PRO N   CD   sing N N 261 
PRO N   H    sing N N 262 
PRO CA  C    sing N N 263 
PRO CA  CB   sing N N 264 
PRO CA  HA   sing N N 265 
PRO C   O    doub N N 266 
PRO C   OXT  sing N N 267 
PRO CB  CG   sing N N 268 
PRO CB  HB2  sing N N 269 
PRO CB  HB3  sing N N 270 
PRO CG  CD   sing N N 271 
PRO CG  HG2  sing N N 272 
PRO CG  HG3  sing N N 273 
PRO CD  HD2  sing N N 274 
PRO CD  HD3  sing N N 275 
PRO OXT HXT  sing N N 276 
SER N   CA   sing N N 277 
SER N   H    sing N N 278 
SER N   H2   sing N N 279 
SER CA  C    sing N N 280 
SER CA  CB   sing N N 281 
SER CA  HA   sing N N 282 
SER C   O    doub N N 283 
SER C   OXT  sing N N 284 
SER CB  OG   sing N N 285 
SER CB  HB2  sing N N 286 
SER CB  HB3  sing N N 287 
SER OG  HG   sing N N 288 
SER OXT HXT  sing N N 289 
THR N   CA   sing N N 290 
THR N   H    sing N N 291 
THR N   H2   sing N N 292 
THR CA  C    sing N N 293 
THR CA  CB   sing N N 294 
THR CA  HA   sing N N 295 
THR C   O    doub N N 296 
THR C   OXT  sing N N 297 
THR CB  OG1  sing N N 298 
THR CB  CG2  sing N N 299 
THR CB  HB   sing N N 300 
THR OG1 HG1  sing N N 301 
THR CG2 HG21 sing N N 302 
THR CG2 HG22 sing N N 303 
THR CG2 HG23 sing N N 304 
THR OXT HXT  sing N N 305 
TRP N   CA   sing N N 306 
TRP N   H    sing N N 307 
TRP N   H2   sing N N 308 
TRP CA  C    sing N N 309 
TRP CA  CB   sing N N 310 
TRP CA  HA   sing N N 311 
TRP C   O    doub N N 312 
TRP C   OXT  sing N N 313 
TRP CB  CG   sing N N 314 
TRP CB  HB2  sing N N 315 
TRP CB  HB3  sing N N 316 
TRP CG  CD1  doub Y N 317 
TRP CG  CD2  sing Y N 318 
TRP CD1 NE1  sing Y N 319 
TRP CD1 HD1  sing N N 320 
TRP CD2 CE2  doub Y N 321 
TRP CD2 CE3  sing Y N 322 
TRP NE1 CE2  sing Y N 323 
TRP NE1 HE1  sing N N 324 
TRP CE2 CZ2  sing Y N 325 
TRP CE3 CZ3  doub Y N 326 
TRP CE3 HE3  sing N N 327 
TRP CZ2 CH2  doub Y N 328 
TRP CZ2 HZ2  sing N N 329 
TRP CZ3 CH2  sing Y N 330 
TRP CZ3 HZ3  sing N N 331 
TRP CH2 HH2  sing N N 332 
TRP OXT HXT  sing N N 333 
TRS C   C1   sing N N 334 
TRS C   C2   sing N N 335 
TRS C   C3   sing N N 336 
TRS C   N    sing N N 337 
TRS C1  O1   sing N N 338 
TRS C1  H11  sing N N 339 
TRS C1  H12  sing N N 340 
TRS C2  O2   sing N N 341 
TRS C2  H21  sing N N 342 
TRS C2  H22  sing N N 343 
TRS C3  O3   sing N N 344 
TRS C3  H31  sing N N 345 
TRS C3  H32  sing N N 346 
TRS N   HN1  sing N N 347 
TRS N   HN2  sing N N 348 
TRS N   HN3  sing N N 349 
TRS O1  HO1  sing N N 350 
TRS O2  HO2  sing N N 351 
TRS O3  HO3  sing N N 352 
TYR N   CA   sing N N 353 
TYR N   H    sing N N 354 
TYR N   H2   sing N N 355 
TYR CA  C    sing N N 356 
TYR CA  CB   sing N N 357 
TYR CA  HA   sing N N 358 
TYR C   O    doub N N 359 
TYR C   OXT  sing N N 360 
TYR CB  CG   sing N N 361 
TYR CB  HB2  sing N N 362 
TYR CB  HB3  sing N N 363 
TYR CG  CD1  doub Y N 364 
TYR CG  CD2  sing Y N 365 
TYR CD1 CE1  sing Y N 366 
TYR CD1 HD1  sing N N 367 
TYR CD2 CE2  doub Y N 368 
TYR CD2 HD2  sing N N 369 
TYR CE1 CZ   doub Y N 370 
TYR CE1 HE1  sing N N 371 
TYR CE2 CZ   sing Y N 372 
TYR CE2 HE2  sing N N 373 
TYR CZ  OH   sing N N 374 
TYR OH  HH   sing N N 375 
TYR OXT HXT  sing N N 376 
VAL N   CA   sing N N 377 
VAL N   H    sing N N 378 
VAL N   H2   sing N N 379 
VAL CA  C    sing N N 380 
VAL CA  CB   sing N N 381 
VAL CA  HA   sing N N 382 
VAL C   O    doub N N 383 
VAL C   OXT  sing N N 384 
VAL CB  CG1  sing N N 385 
VAL CB  CG2  sing N N 386 
VAL CB  HB   sing N N 387 
VAL CG1 HG11 sing N N 388 
VAL CG1 HG12 sing N N 389 
VAL CG1 HG13 sing N N 390 
VAL CG2 HG21 sing N N 391 
VAL CG2 HG22 sing N N 392 
VAL CG2 HG23 sing N N 393 
VAL OXT HXT  sing N N 394 
# 
loop_
_pdbx_audit_support.country 
_pdbx_audit_support.funding_organization 
_pdbx_audit_support.grant_number 
_pdbx_audit_support.ordinal 
'United States' 'National Science Foundation (NSF, United States)'                             CHE-1623856 1 
'United States' 'National Institutes of Health/National Institute of Mental Health (NIH/NIMH)' R21MH107985 2 
# 
loop_
_pdbx_entity_nonpoly.entity_id 
_pdbx_entity_nonpoly.name 
_pdbx_entity_nonpoly.comp_id 
2 'FE (II) ION'                            FE2 
3 2-AMINO-2-HYDROXYMETHYL-PROPANE-1,3-DIOL TRS 
4 water                                    HOH 
# 
_pdbx_initial_refinement_model.id               1 
_pdbx_initial_refinement_model.entity_id_list   ? 
_pdbx_initial_refinement_model.type             'experimental model' 
_pdbx_initial_refinement_model.source_name      PDB 
_pdbx_initial_refinement_model.accession_code   1YFU 
_pdbx_initial_refinement_model.details          ? 
# 
_pdbx_struct_assembly_auth_evidence.id                     1 
_pdbx_struct_assembly_auth_evidence.assembly_id            1 
_pdbx_struct_assembly_auth_evidence.experimental_support   none 
_pdbx_struct_assembly_auth_evidence.details                ? 
# 
